data_5JBF
#
_entry.id   5JBF
#
_cell.length_a   219.484
_cell.length_b   58.139
_cell.length_c   150.382
_cell.angle_alpha   90.000
_cell.angle_beta   114.360
_cell.angle_gamma   90.000
#
_symmetry.space_group_name_H-M   'C 1 2 1'
#
loop_
_entity.id
_entity.type
_entity.pdbx_description
1 polymer 'Inactive glucansucrase'
2 branched alpha-D-glucopyranose-(1-4)-alpha-D-glucopyranose-(1-4)-alpha-D-glucopyranose-(1-4)-alpha-D-glucopyranose-(1-4)-alpha-D-glucopyranose
3 branched alpha-D-glucopyranose-(1-4)-alpha-D-glucopyranose
4 branched alpha-D-glucopyranose-(1-4)-alpha-D-glucopyranose-(1-4)-alpha-D-glucopyranose
5 non-polymer 'CALCIUM ION'
6 non-polymer 'SULFATE ION'
7 water water
#
_entity_poly.entity_id   1
_entity_poly.type   'polypeptide(L)'
_entity_poly.pdbx_seq_one_letter_code
;MGPGTWENMAFAQDSSAINNIDGYLSYTDWYRPYGTSQDGKTWYKTTAMDWRPLLMYIWPSKDVQAQFIKYFVNNGYENA
NYGLTKDTVANINKDTNTTVLANMAQNLRYVIEQSIAANKGTSKLANDINSFAATVPELSASSELSLQSMPNYRPDKSGT
IDSDQVIFVNNNSKDPRKGNTSYADSNYRLMNRTINNQAGNNNSDNSPELLVGNDIDNSNPVVQAENLNWEYFLLNYGKL
MGYNPDGNFDGFRVNAADNIDADVLDQMGQLMNDMYHTKGNPQNANDHLSYNEGYHSGAAQMLNEKGNPQLYMDSGEFYT
LENVLGRANNRDNIGNLITNSIVNRQNDTTENEATPNWSFVTNHDQRKNLINRLIIKDHSNIPDIMGSAYKVEYANQAWQ
EFYADQEKTNKQYAQYNVPAQYAILLSNKDTVPQVYYGDLYNETAQYMQEKSIYYDAITTLMRARKQFVSGGQTMTKLNN
NLLASVRYGKGVVDANSNGTDKLSRTSGMAVLVGNDSNMAQQSVAINMGRAHANQQYRNLIDTTENGLTYDADNSENPAI
LTTDSNGILKVTVKGYSNPYVSGYLGVWVPVISGDQDVTTNASDVVANKEKTFESNAALDSHMIYEDFSLFQPEPTSVEN
HAYNVIAKNASLFSDLGITDFWMAPAYTPFGRSRYNEGYSMTDRYNLGTTANPTKYGSGEELANTIAALHKAGLKVQEDI
VMNQMIGFSGQEAVTVTRTNNRGMQIHVNGQTYANQIYFAYTTGGGNGQETYGGKYLAELQKNYPDLFTTKAISTGVAPD
PTVRINKWSAKYQNGTSLQNIGIGLAVKLANGDYAYLNSGDNKAFNTLLPTAIS
;
_entity_poly.pdbx_strand_id   A,B
#
# COMPACT_ATOMS: atom_id res chain seq x y z
N MET A 1 19.89 21.54 -77.25
CA MET A 1 20.59 20.23 -77.50
C MET A 1 19.62 19.23 -78.12
N GLY A 2 20.13 18.19 -78.79
CA GLY A 2 19.31 17.06 -79.26
C GLY A 2 18.82 16.18 -78.12
N PRO A 3 17.80 15.32 -78.36
CA PRO A 3 17.27 14.56 -77.20
C PRO A 3 18.27 13.55 -76.62
N GLY A 4 18.17 13.32 -75.31
CA GLY A 4 19.13 12.50 -74.56
C GLY A 4 18.89 12.43 -73.05
N THR A 5 19.85 11.86 -72.35
CA THR A 5 19.81 11.69 -70.88
C THR A 5 19.76 12.98 -70.08
N TRP A 6 20.16 14.11 -70.64
CA TRP A 6 19.98 15.39 -69.94
C TRP A 6 18.51 15.70 -69.59
N GLU A 7 17.56 15.06 -70.26
CA GLU A 7 16.14 15.27 -69.97
C GLU A 7 15.69 14.67 -68.62
N ASN A 8 16.55 13.87 -67.99
CA ASN A 8 16.40 13.52 -66.58
C ASN A 8 16.40 14.75 -65.65
N MET A 9 16.91 15.90 -66.10
CA MET A 9 16.87 17.12 -65.27
C MET A 9 15.42 17.46 -64.91
N ALA A 10 15.23 18.13 -63.78
CA ALA A 10 13.92 18.64 -63.39
C ALA A 10 13.42 19.55 -64.51
N PHE A 11 12.13 19.44 -64.86
CA PHE A 11 11.51 20.31 -65.90
C PHE A 11 11.73 21.79 -65.61
N ALA A 12 11.66 22.13 -64.33
CA ALA A 12 11.99 23.48 -63.88
C ALA A 12 12.45 23.43 -62.41
N GLN A 13 13.18 24.47 -62.01
CA GLN A 13 13.69 24.58 -60.65
C GLN A 13 12.73 25.34 -59.74
N ASP A 14 11.51 24.84 -59.62
CA ASP A 14 10.52 25.41 -58.70
C ASP A 14 9.44 24.37 -58.33
N SER A 15 8.50 24.75 -57.48
CA SER A 15 7.48 23.80 -56.99
C SER A 15 6.52 23.27 -58.09
N SER A 16 6.49 23.86 -59.27
CA SER A 16 5.73 23.27 -60.37
C SER A 16 6.33 21.98 -60.94
N ALA A 17 7.62 21.74 -60.74
CA ALA A 17 8.25 20.49 -61.16
C ALA A 17 8.95 19.69 -60.04
N ILE A 18 9.11 20.26 -58.85
CA ILE A 18 9.78 19.58 -57.75
C ILE A 18 8.96 19.69 -56.42
N ASN A 19 8.49 18.58 -55.89
CA ASN A 19 7.88 18.60 -54.59
C ASN A 19 8.92 18.87 -53.53
N ASN A 20 8.53 19.65 -52.51
CA ASN A 20 9.41 20.05 -51.43
C ASN A 20 8.68 20.43 -50.14
N ILE A 21 9.40 20.34 -49.03
CA ILE A 21 8.84 20.61 -47.70
C ILE A 21 9.73 21.69 -47.12
N ASP A 22 9.21 22.92 -47.13
CA ASP A 22 9.95 24.14 -46.76
C ASP A 22 11.29 24.28 -47.48
N GLY A 23 11.30 23.96 -48.79
CA GLY A 23 12.53 23.98 -49.65
C GLY A 23 13.37 22.71 -49.62
N TYR A 24 13.17 21.85 -48.61
CA TYR A 24 13.90 20.59 -48.52
C TYR A 24 13.24 19.55 -49.41
N LEU A 25 14.02 18.58 -49.89
CA LEU A 25 13.54 17.45 -50.69
C LEU A 25 13.44 16.16 -49.86
N SER A 26 12.44 15.34 -50.19
CA SER A 26 12.28 14.01 -49.61
C SER A 26 12.50 12.91 -50.62
N TYR A 27 13.24 11.86 -50.23
CA TYR A 27 13.47 10.72 -51.14
C TYR A 27 12.17 10.04 -51.59
N THR A 28 11.14 10.08 -50.77
CA THR A 28 9.86 9.46 -51.13
C THR A 28 8.95 10.37 -51.96
N ASP A 29 9.32 11.63 -52.14
CA ASP A 29 8.60 12.54 -53.05
C ASP A 29 8.95 12.28 -54.53
N TRP A 30 8.22 12.99 -55.37
CA TRP A 30 8.25 12.83 -56.80
C TRP A 30 8.61 14.19 -57.41
N TYR A 31 9.07 14.14 -58.65
CA TYR A 31 9.35 15.35 -59.42
C TYR A 31 8.98 15.09 -60.86
N ARG A 32 8.91 16.17 -61.61
CA ARG A 32 8.64 16.09 -63.05
C ARG A 32 9.95 16.28 -63.83
N PRO A 33 10.48 15.21 -64.46
CA PRO A 33 11.65 15.43 -65.32
C PRO A 33 11.28 16.15 -66.61
N TYR A 34 12.28 16.63 -67.34
CA TYR A 34 12.03 17.28 -68.65
C TYR A 34 11.47 16.29 -69.66
N GLY A 35 12.04 15.08 -69.66
CA GLY A 35 11.50 14.01 -70.47
C GLY A 35 11.86 12.64 -69.96
N THR A 36 11.33 11.63 -70.65
CA THR A 36 11.56 10.23 -70.28
C THR A 36 11.74 9.35 -71.51
N SER A 37 12.35 8.18 -71.30
CA SER A 37 12.57 7.23 -72.38
C SER A 37 12.35 5.80 -71.93
N GLN A 38 11.83 5.00 -72.85
CA GLN A 38 11.73 3.55 -72.70
C GLN A 38 12.91 2.75 -73.25
N ASP A 39 13.81 3.36 -74.04
CA ASP A 39 14.97 2.63 -74.63
C ASP A 39 16.34 3.33 -74.68
N GLY A 40 16.45 4.58 -74.23
CA GLY A 40 17.68 5.37 -74.40
C GLY A 40 17.83 6.08 -75.75
N LYS A 41 17.00 5.70 -76.73
CA LYS A 41 17.06 6.23 -78.10
C LYS A 41 16.01 7.32 -78.34
N THR A 42 14.75 7.05 -78.03
CA THR A 42 13.68 8.05 -78.23
C THR A 42 13.20 8.64 -76.89
N TRP A 43 13.08 9.98 -76.83
CA TRP A 43 12.79 10.72 -75.62
C TRP A 43 11.56 11.60 -75.80
N TYR A 44 10.56 11.41 -74.93
CA TYR A 44 9.29 12.16 -74.96
C TYR A 44 9.22 13.17 -73.83
N LYS A 45 8.84 14.40 -74.16
CA LYS A 45 8.67 15.44 -73.15
C LYS A 45 7.51 15.06 -72.23
N THR A 46 7.68 15.37 -70.95
CA THR A 46 6.66 15.16 -69.97
C THR A 46 5.54 16.22 -70.15
N THR A 47 4.30 15.81 -69.98
CA THR A 47 3.23 16.75 -69.69
C THR A 47 3.29 17.09 -68.20
N ALA A 48 2.48 18.07 -67.80
CA ALA A 48 2.38 18.52 -66.43
C ALA A 48 1.92 17.42 -65.45
N MET A 49 1.35 16.34 -65.98
CA MET A 49 0.87 15.18 -65.21
C MET A 49 1.87 14.01 -65.11
N ASP A 50 3.00 14.05 -65.82
CA ASP A 50 3.98 12.93 -65.85
C ASP A 50 5.06 13.18 -64.81
N TRP A 51 4.78 12.76 -63.59
CA TRP A 51 5.74 12.88 -62.48
C TRP A 51 6.37 11.50 -62.19
N ARG A 52 7.55 11.52 -61.57
CA ARG A 52 8.27 10.26 -61.29
C ARG A 52 8.88 10.30 -59.92
N PRO A 53 8.95 9.13 -59.26
CA PRO A 53 9.55 9.08 -57.93
C PRO A 53 11.04 9.42 -57.98
N LEU A 54 11.48 10.26 -57.05
CA LEU A 54 12.88 10.64 -56.92
C LEU A 54 13.78 9.43 -56.75
N LEU A 55 13.28 8.36 -56.14
CA LEU A 55 14.05 7.14 -55.92
C LEU A 55 14.44 6.35 -57.17
N MET A 56 13.89 6.72 -58.33
CA MET A 56 14.36 6.18 -59.60
C MET A 56 15.68 6.83 -60.04
N TYR A 57 15.99 8.00 -59.48
CA TYR A 57 17.11 8.85 -59.89
C TYR A 57 18.13 9.19 -58.79
N ILE A 58 17.70 9.26 -57.52
CA ILE A 58 18.61 9.59 -56.43
C ILE A 58 18.40 8.70 -55.24
N TRP A 59 19.48 8.57 -54.47
CA TRP A 59 19.52 7.71 -53.29
C TRP A 59 20.42 8.32 -52.22
N PRO A 60 20.18 7.97 -50.94
CA PRO A 60 21.04 8.50 -49.88
C PRO A 60 22.47 7.94 -49.90
N SER A 61 22.69 6.83 -50.62
CA SER A 61 24.01 6.19 -50.68
C SER A 61 24.09 5.22 -51.84
N LYS A 62 25.32 4.85 -52.18
CA LYS A 62 25.62 3.68 -53.02
C LYS A 62 24.87 2.43 -52.60
N ASP A 63 24.92 2.13 -51.30
CA ASP A 63 24.26 0.96 -50.74
C ASP A 63 22.78 0.93 -51.11
N VAL A 64 22.07 2.01 -50.77
CA VAL A 64 20.63 2.13 -51.05
C VAL A 64 20.34 2.06 -52.57
N GLN A 65 21.20 2.65 -53.40
CA GLN A 65 21.04 2.56 -54.86
C GLN A 65 21.08 1.10 -55.33
N ALA A 66 22.06 0.35 -54.81
CA ALA A 66 22.19 -1.09 -55.10
C ALA A 66 20.97 -1.88 -54.66
N GLN A 67 20.43 -1.54 -53.48
CA GLN A 67 19.18 -2.15 -53.01
C GLN A 67 17.99 -1.82 -53.93
N PHE A 68 17.91 -0.58 -54.38
CA PHE A 68 16.83 -0.16 -55.30
C PHE A 68 16.84 -0.99 -56.57
N ILE A 69 18.02 -1.14 -57.16
CA ILE A 69 18.20 -1.92 -58.39
C ILE A 69 17.85 -3.39 -58.13
N LYS A 70 18.48 -3.99 -57.13
CA LYS A 70 18.18 -5.35 -56.70
C LYS A 70 16.68 -5.57 -56.51
N TYR A 71 16.04 -4.69 -55.75
CA TYR A 71 14.63 -4.85 -55.38
C TYR A 71 13.70 -4.83 -56.60
N PHE A 72 13.88 -3.83 -57.47
CA PHE A 72 13.00 -3.66 -58.63
C PHE A 72 13.14 -4.80 -59.64
N VAL A 73 14.38 -5.25 -59.85
CA VAL A 73 14.63 -6.38 -60.76
C VAL A 73 13.99 -7.67 -60.23
N ASN A 74 14.01 -7.87 -58.91
CA ASN A 74 13.33 -9.01 -58.27
C ASN A 74 11.81 -8.85 -58.09
N ASN A 75 11.26 -7.65 -58.31
CA ASN A 75 9.81 -7.42 -58.17
C ASN A 75 9.13 -6.83 -59.44
N GLY A 76 9.34 -7.48 -60.58
CA GLY A 76 8.60 -7.20 -61.81
C GLY A 76 9.26 -6.32 -62.88
N TYR A 77 10.52 -5.95 -62.69
CA TYR A 77 11.24 -5.07 -63.64
C TYR A 77 12.52 -5.75 -64.10
N GLU A 78 12.38 -7.03 -64.46
CA GLU A 78 13.46 -7.82 -65.02
C GLU A 78 13.42 -7.65 -66.52
N ASN A 79 14.59 -7.43 -67.14
CA ASN A 79 14.70 -7.40 -68.60
C ASN A 79 16.13 -7.74 -69.05
N ALA A 80 16.29 -8.95 -69.61
CA ALA A 80 17.59 -9.49 -70.02
C ALA A 80 18.30 -8.69 -71.11
N ASN A 81 17.52 -8.02 -71.95
CA ASN A 81 18.08 -7.19 -73.04
C ASN A 81 18.73 -5.89 -72.51
N TYR A 82 18.42 -5.47 -71.27
CA TYR A 82 19.01 -4.28 -70.64
C TYR A 82 19.95 -4.61 -69.45
N GLY A 83 20.46 -5.84 -69.41
CA GLY A 83 21.44 -6.26 -68.41
C GLY A 83 20.90 -6.40 -67.01
N LEU A 84 19.59 -6.65 -66.89
CA LEU A 84 18.89 -6.66 -65.61
C LEU A 84 18.09 -7.94 -65.45
N THR A 85 18.78 -9.01 -65.07
CA THR A 85 18.18 -10.28 -64.67
C THR A 85 18.39 -10.47 -63.17
N LYS A 86 17.81 -11.53 -62.61
CA LYS A 86 17.97 -11.82 -61.17
C LYS A 86 19.43 -12.06 -60.83
N ASP A 87 20.09 -12.86 -61.66
CA ASP A 87 21.56 -12.93 -61.63
C ASP A 87 22.06 -11.66 -62.30
N THR A 88 23.19 -11.13 -61.85
CA THR A 88 23.78 -9.86 -62.35
C THR A 88 23.43 -8.75 -61.36
N VAL A 89 22.17 -8.74 -60.96
CA VAL A 89 21.71 -8.00 -59.82
C VAL A 89 22.04 -8.78 -58.54
N ALA A 90 22.09 -10.12 -58.64
CA ALA A 90 22.35 -11.04 -57.51
C ALA A 90 23.29 -10.55 -56.41
N ASN A 91 24.47 -10.06 -56.78
CA ASN A 91 25.52 -9.72 -55.79
C ASN A 91 26.07 -8.27 -55.93
N ILE A 92 25.30 -7.35 -56.55
CA ILE A 92 25.67 -5.91 -56.51
C ILE A 92 25.40 -5.35 -55.12
N ASN A 93 26.14 -4.30 -54.76
CA ASN A 93 26.11 -3.72 -53.41
C ASN A 93 26.85 -2.37 -53.41
N LYS A 94 27.08 -1.80 -52.24
CA LYS A 94 27.76 -0.51 -52.14
C LYS A 94 29.17 -0.45 -52.73
N ASP A 95 29.87 -1.59 -52.78
CA ASP A 95 31.22 -1.69 -53.35
C ASP A 95 31.28 -1.99 -54.86
N THR A 96 30.13 -2.17 -55.50
CA THR A 96 30.07 -2.29 -56.95
C THR A 96 30.57 -0.98 -57.57
N ASN A 97 31.32 -1.10 -58.66
CA ASN A 97 31.87 0.03 -59.43
C ASN A 97 30.78 1.09 -59.74
N THR A 98 31.12 2.36 -59.53
CA THR A 98 30.13 3.44 -59.57
C THR A 98 29.50 3.60 -60.94
N THR A 99 30.29 3.47 -62.01
CA THR A 99 29.75 3.65 -63.36
C THR A 99 28.88 2.46 -63.84
N VAL A 100 29.11 1.25 -63.33
CA VAL A 100 28.19 0.14 -63.64
C VAL A 100 26.85 0.29 -62.86
N LEU A 101 26.89 0.80 -61.63
CA LEU A 101 25.66 1.13 -60.86
C LEU A 101 24.81 2.19 -61.54
N ALA A 102 25.45 3.25 -62.05
CA ALA A 102 24.76 4.36 -62.74
C ALA A 102 24.08 3.88 -63.99
N ASN A 103 24.79 3.01 -64.71
CA ASN A 103 24.35 2.40 -65.95
C ASN A 103 23.22 1.40 -65.71
N MET A 104 23.39 0.51 -64.75
CA MET A 104 22.29 -0.36 -64.32
C MET A 104 21.02 0.48 -64.00
N ALA A 105 21.19 1.56 -63.23
CA ALA A 105 20.07 2.43 -62.83
C ALA A 105 19.46 3.17 -64.02
N GLN A 106 20.28 3.63 -64.96
CA GLN A 106 19.76 4.25 -66.17
C GLN A 106 18.95 3.25 -66.99
N ASN A 107 19.47 2.04 -67.15
CA ASN A 107 18.74 1.00 -67.90
C ASN A 107 17.46 0.60 -67.17
N LEU A 108 17.52 0.55 -65.84
CA LEU A 108 16.34 0.27 -65.05
C LEU A 108 15.21 1.29 -65.29
N ARG A 109 15.55 2.58 -65.38
CA ARG A 109 14.53 3.58 -65.75
C ARG A 109 13.86 3.28 -67.08
N TYR A 110 14.64 2.80 -68.06
CA TYR A 110 14.04 2.43 -69.34
C TYR A 110 13.04 1.27 -69.13
N VAL A 111 13.43 0.29 -68.29
CA VAL A 111 12.58 -0.85 -67.99
C VAL A 111 11.34 -0.42 -67.21
N ILE A 112 11.50 0.56 -66.30
CA ILE A 112 10.38 1.12 -65.52
C ILE A 112 9.45 1.88 -66.47
N GLU A 113 10.01 2.65 -67.40
CA GLU A 113 9.21 3.41 -68.37
C GLU A 113 8.41 2.50 -69.31
N GLN A 114 8.93 1.31 -69.61
CA GLN A 114 8.18 0.26 -70.34
C GLN A 114 7.01 -0.28 -69.53
N SER A 115 7.24 -0.47 -68.23
CA SER A 115 6.18 -0.92 -67.31
C SER A 115 5.05 0.13 -67.19
N ILE A 116 5.43 1.40 -67.01
CA ILE A 116 4.50 2.54 -66.99
C ILE A 116 3.63 2.56 -68.27
N ALA A 117 4.26 2.38 -69.42
CA ALA A 117 3.55 2.35 -70.71
C ALA A 117 2.63 1.13 -70.83
N ALA A 118 3.12 -0.02 -70.37
CA ALA A 118 2.36 -1.27 -70.40
C ALA A 118 1.16 -1.23 -69.47
N ASN A 119 1.28 -0.55 -68.33
CA ASN A 119 0.18 -0.39 -67.36
C ASN A 119 -0.54 0.97 -67.45
N LYS A 120 -0.26 1.74 -68.50
CA LYS A 120 -0.91 3.04 -68.78
C LYS A 120 -1.02 3.98 -67.56
N GLY A 121 0.06 4.12 -66.80
CA GLY A 121 0.08 4.95 -65.58
C GLY A 121 1.10 4.51 -64.54
N THR A 122 1.23 5.29 -63.48
CA THR A 122 2.28 5.12 -62.48
C THR A 122 1.82 4.45 -61.18
N SER A 123 0.66 3.81 -61.18
CA SER A 123 0.07 3.28 -59.94
C SER A 123 0.84 2.11 -59.32
N LYS A 124 1.16 1.12 -60.14
CA LYS A 124 1.99 -0.02 -59.72
C LYS A 124 3.37 0.46 -59.25
N LEU A 125 3.96 1.34 -60.07
CA LEU A 125 5.24 1.96 -59.74
C LEU A 125 5.19 2.60 -58.36
N ALA A 126 4.18 3.43 -58.12
CA ALA A 126 4.00 4.10 -56.82
C ALA A 126 3.99 3.14 -55.62
N ASN A 127 3.31 2.00 -55.75
CA ASN A 127 3.29 0.96 -54.70
C ASN A 127 4.61 0.20 -54.53
N ASP A 128 5.28 -0.08 -55.65
CA ASP A 128 6.59 -0.69 -55.62
C ASP A 128 7.63 0.22 -54.95
N ILE A 129 7.55 1.52 -55.16
CA ILE A 129 8.41 2.49 -54.47
C ILE A 129 8.13 2.48 -52.96
N ASN A 130 6.85 2.53 -52.58
CA ASN A 130 6.48 2.49 -51.15
C ASN A 130 6.97 1.18 -50.48
N SER A 131 6.73 0.04 -51.13
CA SER A 131 7.22 -1.26 -50.62
C SER A 131 8.74 -1.29 -50.49
N PHE A 132 9.45 -0.80 -51.52
CA PHE A 132 10.91 -0.66 -51.44
C PHE A 132 11.38 0.24 -50.31
N ALA A 133 10.78 1.43 -50.18
CA ALA A 133 11.16 2.38 -49.11
C ALA A 133 11.06 1.75 -47.73
N ALA A 134 9.97 1.02 -47.52
CA ALA A 134 9.79 0.27 -46.25
C ALA A 134 10.87 -0.76 -45.92
N THR A 135 11.64 -1.22 -46.90
CA THR A 135 12.74 -2.14 -46.61
C THR A 135 14.05 -1.43 -46.25
N VAL A 136 14.10 -0.09 -46.36
CA VAL A 136 15.32 0.69 -46.16
C VAL A 136 15.15 1.45 -44.85
N PRO A 137 15.97 1.12 -43.81
CA PRO A 137 15.79 1.75 -42.49
C PRO A 137 15.74 3.27 -42.50
N GLU A 138 16.67 3.94 -43.17
CA GLU A 138 16.65 5.42 -43.19
C GLU A 138 15.43 6.05 -43.90
N LEU A 139 14.69 5.27 -44.71
CA LEU A 139 13.47 5.75 -45.37
C LEU A 139 12.18 5.21 -44.76
N SER A 140 12.24 4.81 -43.49
CA SER A 140 11.11 4.15 -42.85
C SER A 140 11.27 4.21 -41.34
N ALA A 141 10.28 3.69 -40.62
CA ALA A 141 10.17 3.88 -39.18
C ALA A 141 11.41 3.51 -38.37
N SER A 142 12.05 2.39 -38.70
CA SER A 142 13.07 1.84 -37.81
C SER A 142 14.26 2.78 -37.55
N SER A 143 14.60 3.66 -38.49
CA SER A 143 15.65 4.65 -38.25
C SER A 143 15.28 5.72 -37.21
N GLU A 144 14.00 5.86 -36.90
CA GLU A 144 13.60 6.75 -35.79
C GLU A 144 14.08 6.27 -34.41
N LEU A 145 14.49 4.99 -34.30
CA LEU A 145 15.06 4.38 -33.06
C LEU A 145 14.02 4.20 -31.94
N SER A 146 12.99 3.40 -32.19
CA SER A 146 12.03 3.05 -31.16
C SER A 146 12.69 2.19 -30.08
N LEU A 147 12.29 2.40 -28.83
CA LEU A 147 12.65 1.48 -27.73
C LEU A 147 12.10 0.07 -27.91
N GLN A 148 11.07 -0.08 -28.72
CA GLN A 148 10.52 -1.39 -29.13
C GLN A 148 11.48 -2.32 -29.85
N SER A 149 12.57 -1.78 -30.42
CA SER A 149 13.61 -2.59 -31.06
C SER A 149 14.69 -3.13 -30.11
N MET A 150 14.71 -2.69 -28.85
CA MET A 150 15.70 -3.19 -27.87
C MET A 150 15.52 -4.70 -27.74
N PRO A 151 16.61 -5.44 -27.45
CA PRO A 151 16.52 -6.89 -27.32
C PRO A 151 15.63 -7.30 -26.14
N ASN A 152 14.75 -8.28 -26.37
CA ASN A 152 13.82 -8.76 -25.33
C ASN A 152 12.91 -7.66 -24.78
N TYR A 153 12.49 -6.77 -25.65
CA TYR A 153 11.60 -5.69 -25.24
C TYR A 153 10.30 -6.27 -24.68
N ARG A 154 9.86 -5.69 -23.57
CA ARG A 154 8.60 -6.02 -22.94
C ARG A 154 7.61 -4.87 -23.22
N PRO A 155 6.55 -5.15 -23.99
CA PRO A 155 5.59 -4.07 -24.26
C PRO A 155 4.90 -3.51 -23.00
N ASP A 156 4.57 -2.24 -23.05
CA ASP A 156 3.89 -1.56 -21.97
C ASP A 156 2.37 -1.57 -22.22
N LYS A 157 1.64 -2.05 -21.21
CA LYS A 157 0.18 -2.13 -21.22
C LYS A 157 -0.55 -0.78 -21.48
N SER A 158 0.11 0.35 -21.22
CA SER A 158 -0.46 1.67 -21.54
C SER A 158 -0.74 1.87 -23.04
N GLY A 159 -0.06 1.12 -23.89
CA GLY A 159 -0.24 1.28 -25.32
C GLY A 159 0.44 2.51 -25.91
N THR A 160 1.25 3.22 -25.13
CA THR A 160 2.13 4.28 -25.63
C THR A 160 3.53 3.96 -25.17
N ILE A 161 4.53 4.45 -25.89
CA ILE A 161 5.94 4.24 -25.50
C ILE A 161 6.49 5.60 -25.09
N ASP A 162 6.63 5.78 -23.79
CA ASP A 162 6.95 7.08 -23.21
C ASP A 162 8.16 7.77 -23.83
N SER A 163 9.23 7.01 -23.96
CA SER A 163 10.48 7.53 -24.43
C SER A 163 10.72 7.33 -25.95
N ASP A 164 9.65 7.09 -26.72
CA ASP A 164 9.66 7.22 -28.19
C ASP A 164 9.27 8.64 -28.61
N GLN A 165 10.24 9.55 -28.52
CA GLN A 165 10.00 11.00 -28.67
C GLN A 165 11.15 11.69 -29.40
N VAL A 166 10.79 12.85 -29.93
CA VAL A 166 11.70 13.75 -30.58
C VAL A 166 11.35 15.16 -30.12
N ILE A 167 12.34 15.98 -29.77
CA ILE A 167 12.07 17.41 -29.50
C ILE A 167 12.34 18.26 -30.74
N PHE A 168 11.64 19.39 -30.84
CA PHE A 168 11.91 20.36 -31.90
C PHE A 168 12.81 21.41 -31.32
N VAL A 169 13.96 21.61 -31.94
CA VAL A 169 14.96 22.56 -31.46
C VAL A 169 15.14 23.70 -32.48
N ASN A 170 15.77 24.78 -32.05
CA ASN A 170 16.03 25.93 -32.90
C ASN A 170 17.19 25.65 -33.85
N ASN A 171 17.07 26.16 -35.08
CA ASN A 171 18.09 26.01 -36.10
C ASN A 171 17.98 27.14 -37.13
N ASN A 172 18.78 28.17 -36.92
CA ASN A 172 18.91 29.30 -37.82
C ASN A 172 20.31 29.35 -38.47
N SER A 173 20.85 28.18 -38.79
CA SER A 173 22.22 28.09 -39.32
C SER A 173 22.30 28.50 -40.80
N LYS A 174 23.46 29.01 -41.20
CA LYS A 174 23.81 29.27 -42.62
C LYS A 174 24.66 28.15 -43.20
N ASP A 175 25.03 27.19 -42.35
CA ASP A 175 25.80 26.01 -42.76
C ASP A 175 24.87 25.05 -43.49
N PRO A 176 25.11 24.81 -44.79
CA PRO A 176 24.22 23.90 -45.53
C PRO A 176 24.20 22.44 -45.06
N ARG A 177 25.22 22.01 -44.31
CA ARG A 177 25.22 20.66 -43.72
C ARG A 177 24.31 20.55 -42.49
N LYS A 178 24.01 21.68 -41.85
CA LYS A 178 23.02 21.74 -40.76
C LYS A 178 21.60 22.12 -41.22
N GLY A 179 21.48 22.82 -42.34
CA GLY A 179 20.19 23.33 -42.78
C GLY A 179 19.68 24.42 -41.87
N ASN A 180 18.44 24.79 -42.09
CA ASN A 180 17.82 25.93 -41.44
C ASN A 180 16.31 25.68 -41.41
N THR A 181 15.74 25.74 -40.22
CA THR A 181 14.27 25.62 -40.02
C THR A 181 13.79 26.75 -39.09
N SER A 182 14.26 27.95 -39.36
CA SER A 182 14.08 29.09 -38.44
C SER A 182 12.60 29.47 -38.20
N TYR A 183 11.75 29.15 -39.16
CA TYR A 183 10.27 29.37 -39.05
C TYR A 183 9.61 28.54 -37.92
N ALA A 184 10.32 27.52 -37.45
CA ALA A 184 9.92 26.66 -36.32
C ALA A 184 10.72 26.94 -35.02
N ASP A 185 11.56 27.98 -35.02
CA ASP A 185 12.23 28.44 -33.81
C ASP A 185 11.24 28.98 -32.78
N SER A 186 11.67 28.92 -31.52
CA SER A 186 10.91 29.42 -30.41
C SER A 186 11.85 29.88 -29.31
N ASN A 187 11.50 31.00 -28.68
CA ASN A 187 12.15 31.45 -27.45
C ASN A 187 11.53 30.83 -26.20
N TYR A 188 10.59 29.90 -26.35
CA TYR A 188 9.92 29.31 -25.22
C TYR A 188 10.28 27.82 -25.12
N ARG A 189 9.36 26.91 -25.39
CA ARG A 189 9.58 25.49 -25.17
C ARG A 189 10.14 25.19 -23.76
N LEU A 190 9.66 25.89 -22.74
CA LEU A 190 10.03 25.54 -21.37
C LEU A 190 9.36 24.18 -21.05
N MET A 191 10.16 23.12 -21.05
CA MET A 191 9.66 21.77 -20.86
C MET A 191 9.75 21.33 -19.40
N ASN A 192 8.77 20.52 -18.99
CA ASN A 192 8.74 19.94 -17.66
C ASN A 192 8.55 20.96 -16.55
N ARG A 193 7.84 22.04 -16.85
CA ARG A 193 7.41 23.00 -15.83
C ARG A 193 6.09 22.51 -15.28
N THR A 194 6.16 21.30 -14.75
CA THR A 194 5.01 20.48 -14.40
C THR A 194 4.91 20.34 -12.90
N ILE A 195 3.67 20.42 -12.42
CA ILE A 195 3.33 20.27 -11.01
C ILE A 195 4.17 21.26 -10.20
N ASN A 196 4.95 20.80 -9.20
CA ASN A 196 5.77 21.71 -8.38
C ASN A 196 7.03 22.26 -9.06
N ASN A 197 7.38 21.76 -10.24
CA ASN A 197 8.52 22.33 -11.00
C ASN A 197 8.11 23.46 -11.96
N GLN A 198 6.95 24.06 -11.72
CA GLN A 198 6.45 25.19 -12.48
C GLN A 198 7.47 26.31 -12.68
N ALA A 199 8.11 26.72 -11.60
CA ALA A 199 9.14 27.73 -11.62
C ALA A 199 10.54 27.22 -12.04
N GLY A 200 10.72 25.92 -12.25
CA GLY A 200 12.01 25.36 -12.67
C GLY A 200 13.01 25.09 -11.56
N ASN A 201 12.55 25.11 -10.31
CA ASN A 201 13.46 24.93 -9.14
C ASN A 201 13.00 23.86 -8.14
N ASN A 202 12.15 22.94 -8.57
CA ASN A 202 11.68 21.88 -7.69
C ASN A 202 11.14 20.72 -8.49
N ASN A 203 12.04 19.79 -8.85
CA ASN A 203 11.67 18.64 -9.65
C ASN A 203 11.44 17.39 -8.77
N SER A 204 10.87 17.56 -7.59
CA SER A 204 10.61 16.42 -6.73
C SER A 204 9.54 15.48 -7.32
N ASP A 205 8.68 16.00 -8.20
CA ASP A 205 7.70 15.15 -8.90
C ASP A 205 8.31 14.38 -10.09
N ASN A 206 9.24 15.01 -10.78
CA ASN A 206 9.79 14.43 -12.01
C ASN A 206 8.68 13.97 -12.92
N SER A 207 7.70 14.86 -13.14
CA SER A 207 6.57 14.60 -14.03
C SER A 207 6.90 15.05 -15.48
N PRO A 208 6.74 14.15 -16.45
CA PRO A 208 7.24 14.36 -17.83
C PRO A 208 6.40 15.29 -18.69
N GLU A 209 7.09 16.04 -19.56
CA GLU A 209 6.43 16.92 -20.51
C GLU A 209 5.71 16.11 -21.57
N LEU A 210 6.31 15.02 -22.01
CA LEU A 210 5.83 14.35 -23.20
C LEU A 210 5.11 13.07 -22.86
N LEU A 211 3.99 12.84 -23.54
CA LEU A 211 3.20 11.63 -23.43
C LEU A 211 3.10 10.99 -24.80
N VAL A 212 2.31 11.56 -25.69
CA VAL A 212 2.10 10.98 -26.99
C VAL A 212 1.54 12.07 -27.91
N GLY A 213 1.93 12.00 -29.20
CA GLY A 213 1.45 12.93 -30.21
C GLY A 213 2.33 14.14 -30.40
N ASN A 214 1.75 15.15 -31.06
CA ASN A 214 2.39 16.45 -31.14
C ASN A 214 2.14 17.18 -29.83
N ASP A 215 3.21 17.31 -29.02
CA ASP A 215 3.12 17.96 -27.73
C ASP A 215 3.11 19.50 -27.87
N ILE A 216 2.08 20.12 -27.31
CA ILE A 216 1.85 21.55 -27.48
C ILE A 216 2.71 22.34 -26.49
N ASP A 217 3.29 23.45 -26.96
CA ASP A 217 4.10 24.32 -26.10
C ASP A 217 3.21 25.24 -25.25
N ASN A 218 2.72 24.69 -24.14
CA ASN A 218 1.94 25.44 -23.18
C ASN A 218 2.74 26.45 -22.36
N SER A 219 4.06 26.56 -22.59
CA SER A 219 4.85 27.69 -22.08
C SER A 219 4.85 28.91 -23.00
N ASN A 220 4.40 28.76 -24.23
CA ASN A 220 4.41 29.88 -25.19
C ASN A 220 3.25 30.82 -24.81
N PRO A 221 3.52 32.12 -24.55
CA PRO A 221 2.45 33.02 -24.14
C PRO A 221 1.29 33.17 -25.13
N VAL A 222 1.56 32.97 -26.42
CA VAL A 222 0.51 33.01 -27.43
C VAL A 222 -0.37 31.78 -27.29
N VAL A 223 0.23 30.63 -26.99
CA VAL A 223 -0.53 29.40 -26.81
C VAL A 223 -1.37 29.54 -25.54
N GLN A 224 -0.81 30.16 -24.51
CA GLN A 224 -1.52 30.30 -23.25
C GLN A 224 -2.79 31.14 -23.43
N ALA A 225 -2.70 32.20 -24.24
CA ALA A 225 -3.86 33.01 -24.58
C ALA A 225 -4.88 32.23 -25.39
N GLU A 226 -4.42 31.40 -26.35
CA GLU A 226 -5.31 30.48 -27.10
C GLU A 226 -6.08 29.45 -26.24
N ASN A 227 -5.48 28.99 -25.15
CA ASN A 227 -6.14 28.06 -24.23
C ASN A 227 -7.29 28.77 -23.55
N LEU A 228 -7.08 30.03 -23.17
CA LEU A 228 -8.15 30.88 -22.60
C LEU A 228 -9.29 31.07 -23.59
N ASN A 229 -8.94 31.35 -24.83
CA ASN A 229 -9.91 31.40 -25.93
C ASN A 229 -10.73 30.12 -26.02
N TRP A 230 -10.04 28.99 -25.92
CA TRP A 230 -10.65 27.66 -26.09
C TRP A 230 -11.58 27.32 -24.93
N GLU A 231 -11.15 27.64 -23.72
CA GLU A 231 -11.96 27.48 -22.50
C GLU A 231 -13.23 28.32 -22.55
N TYR A 232 -13.08 29.60 -22.88
CA TYR A 232 -14.21 30.49 -23.07
C TYR A 232 -15.21 29.96 -24.08
N PHE A 233 -14.72 29.40 -25.19
CA PHE A 233 -15.57 28.81 -26.24
C PHE A 233 -16.41 27.67 -25.66
N LEU A 234 -15.73 26.70 -25.04
CA LEU A 234 -16.40 25.52 -24.49
C LEU A 234 -17.40 25.87 -23.39
N LEU A 235 -17.04 26.88 -22.58
CA LEU A 235 -17.92 27.35 -21.50
C LEU A 235 -19.15 28.10 -22.01
N ASN A 236 -19.15 28.46 -23.31
CA ASN A 236 -20.29 29.16 -23.94
C ASN A 236 -20.69 28.51 -25.27
N TYR A 237 -20.45 27.21 -25.37
CA TYR A 237 -20.43 26.53 -26.68
C TYR A 237 -21.69 26.73 -27.49
N GLY A 238 -22.81 26.39 -26.88
CA GLY A 238 -24.10 26.40 -27.56
C GLY A 238 -24.44 27.76 -28.09
N LYS A 239 -24.33 28.79 -27.25
CA LYS A 239 -24.72 30.12 -27.73
C LYS A 239 -23.73 30.75 -28.69
N LEU A 240 -22.45 30.37 -28.57
CA LEU A 240 -21.46 30.82 -29.54
C LEU A 240 -21.65 30.13 -30.91
N MET A 241 -22.19 28.91 -30.91
CA MET A 241 -22.47 28.19 -32.16
C MET A 241 -23.85 28.46 -32.75
N GLY A 242 -24.71 29.18 -32.02
CA GLY A 242 -26.12 29.32 -32.43
C GLY A 242 -26.89 28.01 -32.32
N TYR A 243 -26.46 27.13 -31.41
CA TYR A 243 -27.15 25.87 -31.15
C TYR A 243 -27.97 26.09 -29.89
N ASN A 244 -28.38 25.03 -29.19
CA ASN A 244 -29.14 25.18 -27.97
C ASN A 244 -28.45 26.20 -27.04
N PRO A 245 -29.13 27.34 -26.76
CA PRO A 245 -28.47 28.36 -25.93
C PRO A 245 -28.13 27.94 -24.47
N ASP A 246 -28.73 26.87 -23.97
CA ASP A 246 -28.34 26.31 -22.68
C ASP A 246 -27.31 25.14 -22.81
N GLY A 247 -26.71 24.99 -24.00
CA GLY A 247 -25.79 23.88 -24.28
C GLY A 247 -24.34 24.24 -24.09
N ASN A 248 -24.01 24.72 -22.89
CA ASN A 248 -22.72 25.29 -22.53
C ASN A 248 -22.10 24.45 -21.41
N PHE A 249 -20.84 24.08 -21.55
CA PHE A 249 -20.15 23.38 -20.44
C PHE A 249 -20.02 24.27 -19.20
N ASP A 250 -20.08 23.67 -18.03
CA ASP A 250 -19.95 24.37 -16.77
C ASP A 250 -18.52 24.33 -16.22
N GLY A 251 -17.72 23.39 -16.68
CA GLY A 251 -16.39 23.18 -16.09
C GLY A 251 -15.57 22.18 -16.90
N PHE A 252 -14.40 21.80 -16.38
CA PHE A 252 -13.49 20.93 -17.11
C PHE A 252 -12.91 19.77 -16.31
N ARG A 253 -12.75 18.64 -16.98
CA ARG A 253 -11.88 17.57 -16.57
C ARG A 253 -10.57 17.87 -17.34
N VAL A 254 -9.49 18.19 -16.63
CA VAL A 254 -8.27 18.66 -17.28
C VAL A 254 -7.37 17.49 -17.59
N ASN A 255 -7.39 17.09 -18.84
CA ASN A 255 -6.49 16.04 -19.31
C ASN A 255 -4.99 16.37 -19.12
N ALA A 256 -4.21 15.40 -18.64
CA ALA A 256 -2.74 15.51 -18.59
C ALA A 256 -2.26 16.72 -17.82
N ALA A 257 -2.96 17.06 -16.74
CA ALA A 257 -2.62 18.21 -15.89
C ALA A 257 -1.22 18.08 -15.28
N ASP A 258 -0.67 16.87 -15.18
CA ASP A 258 0.73 16.66 -14.79
C ASP A 258 1.79 16.84 -15.92
N ASN A 259 1.35 16.99 -17.16
CA ASN A 259 2.26 16.96 -18.32
C ASN A 259 2.16 18.20 -19.21
N ILE A 260 1.66 19.29 -18.64
CA ILE A 260 1.59 20.59 -19.31
C ILE A 260 2.13 21.60 -18.35
N ASP A 261 2.76 22.63 -18.88
CA ASP A 261 3.19 23.81 -18.08
C ASP A 261 2.06 24.21 -17.11
N ALA A 262 2.34 24.23 -15.80
CA ALA A 262 1.33 24.47 -14.78
C ALA A 262 0.71 25.89 -14.82
N ASP A 263 1.33 26.82 -15.55
CA ASP A 263 0.76 28.14 -15.81
C ASP A 263 -0.69 28.04 -16.31
N VAL A 264 -0.98 27.04 -17.14
CA VAL A 264 -2.31 26.94 -17.76
C VAL A 264 -3.40 26.52 -16.74
N LEU A 265 -2.99 25.81 -15.71
CA LEU A 265 -3.90 25.51 -14.60
C LEU A 265 -4.22 26.79 -13.82
N ASP A 266 -3.20 27.61 -13.53
CA ASP A 266 -3.41 28.91 -12.88
C ASP A 266 -4.35 29.80 -13.71
N GLN A 267 -4.05 29.83 -15.00
CA GLN A 267 -4.80 30.64 -15.95
C GLN A 267 -6.26 30.23 -16.13
N MET A 268 -6.51 28.92 -16.22
CA MET A 268 -7.88 28.42 -16.27
C MET A 268 -8.65 28.80 -15.02
N GLY A 269 -8.05 28.61 -13.85
CA GLY A 269 -8.66 29.04 -12.60
C GLY A 269 -8.94 30.52 -12.57
N GLN A 270 -8.00 31.32 -13.09
CA GLN A 270 -8.18 32.78 -13.10
C GLN A 270 -9.35 33.19 -13.98
N LEU A 271 -9.42 32.60 -15.19
CA LEU A 271 -10.55 32.82 -16.10
C LEU A 271 -11.89 32.48 -15.45
N MET A 272 -11.96 31.30 -14.83
CA MET A 272 -13.20 30.82 -14.24
C MET A 272 -13.66 31.78 -13.15
N ASN A 273 -12.70 32.26 -12.35
CA ASN A 273 -12.97 33.19 -11.28
C ASN A 273 -13.40 34.56 -11.79
N ASP A 274 -12.77 35.05 -12.84
CA ASP A 274 -13.17 36.31 -13.45
C ASP A 274 -14.62 36.27 -13.97
N MET A 275 -14.97 35.15 -14.59
CA MET A 275 -16.27 34.95 -15.21
C MET A 275 -17.36 34.64 -14.22
N TYR A 276 -17.05 33.82 -13.21
CA TYR A 276 -18.06 33.23 -12.35
C TYR A 276 -17.87 33.46 -10.85
N HIS A 277 -16.82 34.18 -10.44
CA HIS A 277 -16.61 34.57 -9.04
C HIS A 277 -16.63 33.35 -8.10
N THR A 278 -15.77 32.41 -8.45
CA THR A 278 -15.66 31.13 -7.77
C THR A 278 -14.89 31.23 -6.44
N LYS A 279 -13.82 32.03 -6.43
CA LYS A 279 -12.94 32.12 -5.27
C LYS A 279 -13.69 32.76 -4.10
N GLY A 280 -13.66 32.11 -2.94
CA GLY A 280 -14.37 32.59 -1.79
C GLY A 280 -15.89 32.43 -1.81
N ASN A 281 -16.45 31.77 -2.83
CA ASN A 281 -17.92 31.56 -2.96
C ASN A 281 -18.22 30.12 -3.30
N PRO A 282 -18.38 29.27 -2.28
CA PRO A 282 -18.57 27.85 -2.57
C PRO A 282 -19.67 27.51 -3.57
N GLN A 283 -20.77 28.27 -3.55
CA GLN A 283 -21.87 28.02 -4.48
C GLN A 283 -21.41 28.10 -5.92
N ASN A 284 -20.71 29.18 -6.23
CA ASN A 284 -20.20 29.42 -7.59
C ASN A 284 -19.10 28.43 -7.98
N ALA A 285 -18.15 28.20 -7.10
CA ALA A 285 -17.06 27.24 -7.41
C ALA A 285 -17.61 25.84 -7.69
N ASN A 286 -18.55 25.41 -6.88
CA ASN A 286 -19.09 24.06 -6.99
C ASN A 286 -20.03 23.89 -8.19
N ASP A 287 -20.74 24.96 -8.57
CA ASP A 287 -21.48 25.02 -9.86
C ASP A 287 -20.58 24.88 -11.09
N HIS A 288 -19.28 25.20 -10.94
CA HIS A 288 -18.34 25.12 -12.00
C HIS A 288 -17.21 24.21 -11.56
N LEU A 289 -17.61 23.00 -11.15
CA LEU A 289 -16.65 21.99 -10.72
C LEU A 289 -15.65 21.75 -11.83
N SER A 290 -14.37 21.74 -11.48
CA SER A 290 -13.28 21.40 -12.40
C SER A 290 -12.35 20.45 -11.67
N TYR A 291 -11.83 19.46 -12.38
CA TYR A 291 -10.96 18.43 -11.74
C TYR A 291 -9.86 17.93 -12.67
N ASN A 292 -8.66 17.79 -12.11
CA ASN A 292 -7.44 17.57 -12.88
C ASN A 292 -7.06 16.11 -12.87
N GLU A 293 -6.83 15.54 -14.04
CA GLU A 293 -6.32 14.19 -14.13
C GLU A 293 -4.86 14.18 -13.75
N GLY A 294 -4.48 13.20 -12.94
CA GLY A 294 -3.08 12.98 -12.64
C GLY A 294 -2.82 11.85 -11.66
N TYR A 295 -1.62 11.30 -11.79
CA TYR A 295 -1.17 10.15 -11.04
C TYR A 295 0.01 10.47 -10.15
N HIS A 296 0.28 11.76 -9.92
CA HIS A 296 1.39 12.23 -9.08
C HIS A 296 0.86 12.91 -7.83
N SER A 297 1.13 12.35 -6.66
CA SER A 297 0.63 12.89 -5.40
C SER A 297 1.08 14.30 -5.04
N GLY A 298 2.21 14.74 -5.59
CA GLY A 298 2.69 16.15 -5.44
C GLY A 298 1.73 17.23 -5.90
N ALA A 299 0.82 16.89 -6.80
CA ALA A 299 -0.20 17.82 -7.25
C ALA A 299 -1.15 18.24 -6.13
N ALA A 300 -1.32 17.40 -5.10
CA ALA A 300 -2.09 17.79 -3.90
C ALA A 300 -1.51 19.05 -3.25
N GLN A 301 -0.22 19.00 -2.95
CA GLN A 301 0.46 20.18 -2.38
C GLN A 301 0.38 21.41 -3.31
N MET A 302 0.66 21.18 -4.59
CA MET A 302 0.56 22.25 -5.58
C MET A 302 -0.81 22.94 -5.53
N LEU A 303 -1.87 22.14 -5.60
CA LEU A 303 -3.23 22.68 -5.61
C LEU A 303 -3.61 23.39 -4.30
N ASN A 304 -3.17 22.86 -3.15
CA ASN A 304 -3.43 23.53 -1.86
C ASN A 304 -2.76 24.90 -1.78
N GLU A 305 -1.50 24.97 -2.16
CA GLU A 305 -0.76 26.23 -2.18
C GLU A 305 -1.38 27.26 -3.12
N LYS A 306 -2.05 26.80 -4.16
CA LYS A 306 -2.76 27.70 -5.10
C LYS A 306 -4.21 28.01 -4.72
N GLY A 307 -4.64 27.55 -3.54
CA GLY A 307 -6.03 27.74 -3.15
C GLY A 307 -7.03 26.85 -3.85
N ASN A 308 -6.56 25.75 -4.45
CA ASN A 308 -7.39 24.69 -4.99
C ASN A 308 -8.35 25.15 -6.10
N PRO A 309 -7.79 25.64 -7.22
CA PRO A 309 -8.60 26.02 -8.37
C PRO A 309 -9.22 24.81 -9.14
N GLN A 310 -8.66 23.62 -8.92
CA GLN A 310 -9.25 22.39 -9.42
C GLN A 310 -9.10 21.30 -8.35
N LEU A 311 -9.88 20.24 -8.50
CA LEU A 311 -9.70 19.07 -7.63
C LEU A 311 -8.45 18.24 -7.99
N TYR A 312 -7.75 17.80 -6.96
CA TYR A 312 -6.71 16.81 -7.06
C TYR A 312 -7.28 15.42 -7.33
N MET A 313 -6.69 14.66 -8.25
CA MET A 313 -7.13 13.27 -8.50
C MET A 313 -6.41 12.33 -7.55
N ASP A 314 -7.18 11.70 -6.64
CA ASP A 314 -6.62 10.82 -5.59
C ASP A 314 -6.30 9.42 -6.14
N SER A 315 -5.25 9.32 -6.96
CA SER A 315 -4.87 8.04 -7.56
C SER A 315 -4.47 6.99 -6.55
N GLY A 316 -3.86 7.42 -5.44
CA GLY A 316 -3.46 6.51 -4.35
C GLY A 316 -4.64 5.68 -3.85
N GLU A 317 -5.83 6.29 -3.78
CA GLU A 317 -7.07 5.57 -3.40
C GLU A 317 -7.37 4.45 -4.38
N PHE A 318 -7.26 4.76 -5.68
CA PHE A 318 -7.50 3.77 -6.72
C PHE A 318 -6.58 2.57 -6.56
N TYR A 319 -5.26 2.83 -6.45
CA TYR A 319 -4.29 1.73 -6.28
C TYR A 319 -4.54 0.95 -4.97
N THR A 320 -4.90 1.65 -3.90
CA THR A 320 -5.19 0.99 -2.63
C THR A 320 -6.40 0.05 -2.77
N LEU A 321 -7.47 0.52 -3.43
CA LEU A 321 -8.64 -0.34 -3.69
C LEU A 321 -8.29 -1.61 -4.46
N GLU A 322 -7.48 -1.46 -5.53
CA GLU A 322 -7.08 -2.60 -6.34
C GLU A 322 -6.09 -3.52 -5.62
N ASN A 323 -5.15 -2.96 -4.87
CA ASN A 323 -4.18 -3.79 -4.16
C ASN A 323 -4.85 -4.49 -2.96
N VAL A 324 -5.84 -3.86 -2.32
CA VAL A 324 -6.51 -4.47 -1.14
C VAL A 324 -7.64 -5.42 -1.54
N LEU A 325 -8.47 -5.02 -2.47
CA LEU A 325 -9.67 -5.79 -2.82
C LEU A 325 -9.65 -6.48 -4.18
N GLY A 326 -8.86 -5.97 -5.11
CA GLY A 326 -8.99 -6.33 -6.53
C GLY A 326 -8.12 -7.44 -7.07
N ARG A 327 -7.01 -7.72 -6.42
CA ARG A 327 -6.16 -8.84 -6.78
C ARG A 327 -6.78 -10.18 -6.42
N ALA A 328 -6.35 -11.23 -7.14
CA ALA A 328 -6.65 -12.63 -6.78
C ALA A 328 -5.91 -12.98 -5.51
N ASN A 329 -4.60 -12.68 -5.52
CA ASN A 329 -3.67 -13.08 -4.47
C ASN A 329 -2.83 -11.92 -4.01
N ASN A 330 -2.13 -12.13 -2.89
CA ASN A 330 -1.22 -11.13 -2.34
C ASN A 330 -1.93 -9.77 -2.17
N ARG A 331 -3.11 -9.83 -1.60
CA ARG A 331 -3.88 -8.64 -1.26
C ARG A 331 -3.22 -7.94 -0.08
N ASP A 332 -3.05 -6.61 -0.21
CA ASP A 332 -2.60 -5.80 0.90
C ASP A 332 -3.67 -5.82 2.01
N ASN A 333 -3.28 -5.42 3.21
CA ASN A 333 -4.16 -5.51 4.40
C ASN A 333 -5.37 -4.59 4.22
N ILE A 334 -6.50 -5.03 4.76
CA ILE A 334 -7.72 -4.26 4.74
C ILE A 334 -7.57 -2.85 5.31
N GLY A 335 -6.69 -2.69 6.31
CA GLY A 335 -6.45 -1.40 6.94
C GLY A 335 -5.86 -0.33 6.04
N ASN A 336 -5.23 -0.73 4.92
CA ASN A 336 -4.70 0.22 3.96
C ASN A 336 -5.82 1.10 3.38
N LEU A 337 -7.05 0.59 3.34
CA LEU A 337 -8.22 1.44 2.97
C LEU A 337 -8.39 2.66 3.88
N ILE A 338 -7.84 2.58 5.10
CA ILE A 338 -7.95 3.67 6.06
C ILE A 338 -6.92 4.76 5.81
N THR A 339 -5.69 4.35 5.55
CA THR A 339 -4.51 5.24 5.56
C THR A 339 -3.90 5.58 4.19
N ASN A 340 -4.07 4.72 3.19
CA ASN A 340 -3.34 4.87 1.93
C ASN A 340 -4.18 5.59 0.89
N SER A 341 -4.34 6.87 1.16
CA SER A 341 -5.16 7.78 0.35
C SER A 341 -4.69 9.18 0.71
N ILE A 342 -5.03 10.18 -0.09
CA ILE A 342 -4.69 11.56 0.27
C ILE A 342 -5.47 12.01 1.55
N VAL A 343 -6.54 11.30 1.90
CA VAL A 343 -7.24 11.53 3.18
C VAL A 343 -7.13 10.28 4.09
N ASN A 344 -6.64 10.45 5.32
CA ASN A 344 -6.76 9.39 6.35
C ASN A 344 -8.23 9.41 6.89
N ARG A 345 -8.91 8.27 6.84
CA ARG A 345 -10.33 8.20 7.21
C ARG A 345 -10.59 7.41 8.48
N GLN A 346 -9.56 7.29 9.33
CA GLN A 346 -9.69 6.56 10.57
C GLN A 346 -10.77 7.20 11.47
N ASN A 347 -10.66 8.51 11.67
CA ASN A 347 -11.66 9.26 12.41
C ASN A 347 -11.71 10.69 11.88
N ASP A 348 -12.37 10.80 10.73
CA ASP A 348 -12.41 12.03 9.94
C ASP A 348 -13.66 12.79 10.34
N THR A 349 -13.50 13.78 11.21
CA THR A 349 -14.65 14.46 11.84
C THR A 349 -14.55 15.98 11.76
N THR A 350 -13.87 16.49 10.74
CA THR A 350 -13.64 17.92 10.57
C THR A 350 -13.99 18.26 9.11
N GLU A 351 -14.17 19.54 8.82
CA GLU A 351 -14.39 20.00 7.44
C GLU A 351 -13.34 21.06 7.05
N ASN A 352 -13.19 21.25 5.73
CA ASN A 352 -12.28 22.24 5.12
C ASN A 352 -10.82 22.06 5.48
N GLU A 353 -10.44 20.81 5.76
CA GLU A 353 -9.05 20.46 6.08
C GLU A 353 -8.41 19.55 5.03
N ALA A 354 -9.18 18.63 4.44
CA ALA A 354 -8.61 17.67 3.53
C ALA A 354 -8.36 18.35 2.17
N THR A 355 -7.47 17.77 1.39
CA THR A 355 -7.22 18.25 0.04
C THR A 355 -8.46 17.98 -0.83
N PRO A 356 -9.06 19.03 -1.40
CA PRO A 356 -10.22 18.77 -2.22
C PRO A 356 -9.85 17.86 -3.37
N ASN A 357 -10.55 16.73 -3.46
CA ASN A 357 -10.12 15.70 -4.39
C ASN A 357 -11.29 14.96 -5.04
N TRP A 358 -10.98 14.30 -6.15
CA TRP A 358 -11.87 13.29 -6.76
C TRP A 358 -11.15 11.94 -6.81
N SER A 359 -11.94 10.87 -6.71
CA SER A 359 -11.44 9.51 -6.58
C SER A 359 -12.29 8.61 -7.43
N PHE A 360 -11.77 7.42 -7.72
CA PHE A 360 -12.42 6.49 -8.63
C PHE A 360 -12.05 5.04 -8.36
N VAL A 361 -12.91 4.15 -8.83
CA VAL A 361 -12.67 2.70 -8.89
C VAL A 361 -12.11 2.27 -10.25
N THR A 362 -12.69 2.83 -11.32
CA THR A 362 -12.20 2.60 -12.69
C THR A 362 -12.27 3.90 -13.48
N ASN A 363 -11.37 4.03 -14.45
CA ASN A 363 -11.55 4.99 -15.53
C ASN A 363 -11.16 4.31 -16.86
N HIS A 364 -11.34 5.02 -17.98
CA HIS A 364 -11.13 4.45 -19.31
C HIS A 364 -9.70 3.93 -19.52
N ASP A 365 -8.75 4.61 -18.92
CA ASP A 365 -7.34 4.19 -18.97
C ASP A 365 -7.07 2.90 -18.27
N GLN A 366 -7.67 2.70 -17.11
CA GLN A 366 -7.44 1.50 -16.33
C GLN A 366 -8.03 0.27 -17.02
N ARG A 367 -9.20 0.42 -17.64
CA ARG A 367 -9.78 -0.64 -18.47
C ARG A 367 -8.86 -0.96 -19.64
N LYS A 368 -8.41 0.09 -20.34
CA LYS A 368 -7.40 -0.03 -21.40
C LYS A 368 -6.17 -0.84 -20.97
N ASN A 369 -5.59 -0.53 -19.81
CA ASN A 369 -4.39 -1.26 -19.32
C ASN A 369 -4.62 -2.76 -19.26
N LEU A 370 -5.81 -3.10 -18.78
CA LEU A 370 -6.22 -4.46 -18.64
C LEU A 370 -6.41 -5.14 -20.00
N ILE A 371 -7.08 -4.44 -20.94
CA ILE A 371 -7.30 -5.02 -22.26
C ILE A 371 -5.96 -5.22 -22.97
N ASN A 372 -5.12 -4.21 -22.95
CA ASN A 372 -3.76 -4.30 -23.55
C ASN A 372 -2.88 -5.40 -22.91
N ARG A 373 -2.94 -5.52 -21.58
CA ARG A 373 -2.24 -6.61 -20.86
C ARG A 373 -2.69 -7.96 -21.48
N LEU A 374 -3.97 -8.08 -21.73
CA LEU A 374 -4.54 -9.28 -22.36
C LEU A 374 -4.03 -9.45 -23.80
N ILE A 375 -4.02 -8.38 -24.58
CA ILE A 375 -3.51 -8.39 -25.95
C ILE A 375 -2.05 -8.87 -25.95
N ILE A 376 -1.24 -8.32 -25.04
CA ILE A 376 0.18 -8.68 -24.95
C ILE A 376 0.34 -10.15 -24.55
N LYS A 377 -0.48 -10.62 -23.62
CA LYS A 377 -0.47 -12.03 -23.22
C LYS A 377 -0.83 -12.92 -24.41
N ASP A 378 -1.86 -12.55 -25.16
CA ASP A 378 -2.35 -13.39 -26.27
C ASP A 378 -1.44 -13.45 -27.50
N HIS A 379 -0.53 -12.49 -27.64
CA HIS A 379 0.28 -12.33 -28.86
C HIS A 379 1.72 -11.95 -28.56
N SER A 380 2.41 -12.88 -27.90
CA SER A 380 3.68 -12.60 -27.21
C SER A 380 4.92 -12.54 -28.08
N ASN A 381 4.85 -12.89 -29.36
CA ASN A 381 6.07 -12.79 -30.20
C ASN A 381 6.22 -11.47 -30.95
N ILE A 382 5.37 -10.48 -30.65
CA ILE A 382 5.37 -9.21 -31.35
C ILE A 382 5.76 -8.11 -30.35
N PRO A 383 7.03 -7.67 -30.39
CA PRO A 383 7.46 -6.64 -29.46
C PRO A 383 6.81 -5.28 -29.74
N ASP A 384 6.53 -4.99 -31.02
CA ASP A 384 5.82 -3.75 -31.44
C ASP A 384 4.27 -3.87 -31.52
N ILE A 385 3.73 -4.82 -30.79
CA ILE A 385 2.27 -5.01 -30.67
C ILE A 385 1.49 -3.83 -30.13
N MET A 386 2.09 -3.00 -29.30
CA MET A 386 1.42 -1.76 -28.84
C MET A 386 1.71 -0.54 -29.76
N GLY A 387 2.63 -0.72 -30.71
CA GLY A 387 2.90 0.29 -31.71
C GLY A 387 2.23 -0.08 -33.02
N SER A 388 3.01 -0.03 -34.11
CA SER A 388 2.48 -0.13 -35.48
C SER A 388 1.92 -1.53 -35.81
N ALA A 389 2.32 -2.57 -35.10
CA ALA A 389 1.76 -3.91 -35.32
C ALA A 389 0.47 -4.20 -34.55
N TYR A 390 -0.09 -3.18 -33.87
CA TYR A 390 -1.36 -3.31 -33.15
C TYR A 390 -2.46 -3.60 -34.14
N LYS A 391 -3.39 -4.49 -33.78
CA LYS A 391 -4.55 -4.79 -34.62
C LYS A 391 -5.81 -4.83 -33.78
N VAL A 392 -6.84 -4.16 -34.26
CA VAL A 392 -8.13 -4.14 -33.59
C VAL A 392 -8.68 -5.55 -33.31
N GLU A 393 -8.36 -6.52 -34.19
CA GLU A 393 -8.72 -7.94 -33.97
C GLU A 393 -8.26 -8.49 -32.61
N TYR A 394 -7.11 -8.05 -32.14
CA TYR A 394 -6.59 -8.49 -30.85
C TYR A 394 -7.39 -7.91 -29.68
N ALA A 395 -7.87 -6.67 -29.83
CA ALA A 395 -8.76 -6.05 -28.82
C ALA A 395 -10.12 -6.75 -28.73
N ASN A 396 -10.68 -7.10 -29.88
CA ASN A 396 -11.96 -7.82 -29.95
C ASN A 396 -11.86 -9.18 -29.27
N GLN A 397 -10.75 -9.87 -29.50
CA GLN A 397 -10.45 -11.14 -28.87
C GLN A 397 -10.34 -10.91 -27.36
N ALA A 398 -9.54 -9.91 -26.97
CA ALA A 398 -9.35 -9.56 -25.56
C ALA A 398 -10.68 -9.26 -24.85
N TRP A 399 -11.56 -8.51 -25.51
CA TRP A 399 -12.86 -8.16 -24.91
C TRP A 399 -13.76 -9.36 -24.68
N GLN A 400 -13.78 -10.27 -25.64
CA GLN A 400 -14.48 -11.56 -25.51
C GLN A 400 -13.95 -12.35 -24.29
N GLU A 401 -12.63 -12.36 -24.13
CA GLU A 401 -11.98 -12.98 -22.97
C GLU A 401 -12.27 -12.23 -21.67
N PHE A 402 -12.27 -10.89 -21.72
CA PHE A 402 -12.59 -10.08 -20.55
C PHE A 402 -14.01 -10.29 -20.02
N TYR A 403 -15.03 -10.16 -20.88
CA TYR A 403 -16.45 -10.28 -20.44
C TYR A 403 -16.73 -11.62 -19.80
N ALA A 404 -16.14 -12.68 -20.37
CA ALA A 404 -16.24 -14.03 -19.82
C ALA A 404 -15.58 -14.12 -18.44
N ASP A 405 -14.36 -13.60 -18.34
CA ASP A 405 -13.60 -13.61 -17.09
C ASP A 405 -14.28 -12.78 -15.98
N GLN A 406 -14.85 -11.63 -16.35
CA GLN A 406 -15.56 -10.74 -15.42
C GLN A 406 -16.69 -11.46 -14.67
N GLU A 407 -17.38 -12.39 -15.34
CA GLU A 407 -18.45 -13.18 -14.75
C GLU A 407 -18.02 -14.31 -13.79
N LYS A 408 -16.75 -14.70 -13.84
CA LYS A 408 -16.22 -15.80 -13.03
C LYS A 408 -15.98 -15.42 -11.57
N THR A 409 -15.93 -16.44 -10.71
CA THR A 409 -15.48 -16.27 -9.34
C THR A 409 -13.94 -16.09 -9.32
N ASN A 410 -13.23 -17.04 -9.90
CA ASN A 410 -11.77 -17.04 -9.97
C ASN A 410 -11.32 -16.31 -11.22
N LYS A 411 -11.39 -14.98 -11.15
CA LYS A 411 -11.06 -14.13 -12.27
C LYS A 411 -9.54 -14.11 -12.46
N GLN A 412 -9.12 -14.30 -13.71
CA GLN A 412 -7.71 -14.26 -14.12
C GLN A 412 -7.22 -12.85 -14.51
N TYR A 413 -8.14 -11.96 -14.89
CA TYR A 413 -7.78 -10.65 -15.44
C TYR A 413 -8.57 -9.54 -14.78
N ALA A 414 -9.89 -9.66 -14.77
CA ALA A 414 -10.76 -8.62 -14.25
C ALA A 414 -10.61 -8.50 -12.73
N GLN A 415 -11.01 -7.35 -12.21
CA GLN A 415 -10.89 -7.03 -10.79
C GLN A 415 -11.82 -7.85 -9.94
N TYR A 416 -11.35 -8.23 -8.76
CA TYR A 416 -12.20 -8.80 -7.71
C TYR A 416 -12.89 -7.66 -6.96
N ASN A 417 -14.03 -7.98 -6.32
CA ASN A 417 -14.65 -7.11 -5.34
C ASN A 417 -15.07 -5.74 -5.87
N VAL A 418 -15.51 -5.68 -7.14
CA VAL A 418 -15.88 -4.41 -7.76
C VAL A 418 -16.94 -3.68 -6.92
N PRO A 419 -18.00 -4.41 -6.48
CA PRO A 419 -19.00 -3.77 -5.59
C PRO A 419 -18.45 -3.22 -4.27
N ALA A 420 -17.63 -4.01 -3.59
CA ALA A 420 -16.98 -3.54 -2.36
C ALA A 420 -16.09 -2.33 -2.61
N GLN A 421 -15.39 -2.31 -3.74
CA GLN A 421 -14.60 -1.13 -4.11
C GLN A 421 -15.50 0.12 -4.24
N TYR A 422 -16.66 -0.04 -4.88
CA TYR A 422 -17.63 1.04 -5.00
C TYR A 422 -18.29 1.38 -3.66
N ALA A 423 -18.56 0.39 -2.82
CA ALA A 423 -19.18 0.66 -1.52
C ALA A 423 -18.27 1.52 -0.65
N ILE A 424 -16.95 1.26 -0.68
CA ILE A 424 -15.96 2.13 -0.03
C ILE A 424 -15.90 3.51 -0.71
N LEU A 425 -15.75 3.54 -2.03
CA LEU A 425 -15.65 4.82 -2.74
C LEU A 425 -16.86 5.75 -2.46
N LEU A 426 -18.06 5.19 -2.49
CA LEU A 426 -19.29 5.99 -2.49
C LEU A 426 -19.72 6.38 -1.07
N SER A 427 -19.07 5.82 -0.06
CA SER A 427 -19.32 6.22 1.34
C SER A 427 -18.21 7.06 1.91
N ASN A 428 -17.04 7.12 1.22
CA ASN A 428 -15.91 7.87 1.73
C ASN A 428 -16.24 9.35 1.91
N LYS A 429 -15.80 9.92 3.01
CA LYS A 429 -15.90 11.35 3.28
C LYS A 429 -14.73 12.04 2.58
N ASP A 430 -14.88 13.34 2.35
CA ASP A 430 -13.85 14.20 1.83
C ASP A 430 -13.36 13.75 0.44
N THR A 431 -14.30 13.56 -0.48
CA THR A 431 -13.97 13.23 -1.85
C THR A 431 -15.20 13.39 -2.72
N VAL A 432 -14.97 13.69 -4.00
CA VAL A 432 -16.02 13.63 -5.00
C VAL A 432 -15.75 12.33 -5.74
N PRO A 433 -16.53 11.28 -5.46
CA PRO A 433 -16.31 10.03 -6.18
C PRO A 433 -16.71 10.12 -7.67
N GLN A 434 -16.05 9.30 -8.48
CA GLN A 434 -16.32 9.20 -9.92
C GLN A 434 -16.64 7.77 -10.30
N VAL A 435 -17.85 7.59 -10.85
CA VAL A 435 -18.30 6.29 -11.36
C VAL A 435 -17.90 6.17 -12.83
N TYR A 436 -17.55 4.95 -13.28
CA TYR A 436 -17.17 4.70 -14.66
C TYR A 436 -18.31 4.13 -15.47
N TYR A 437 -18.56 4.69 -16.65
CA TYR A 437 -19.59 4.20 -17.58
C TYR A 437 -19.48 2.70 -17.74
N GLY A 438 -18.26 2.21 -17.93
CA GLY A 438 -18.01 0.80 -18.20
C GLY A 438 -18.19 -0.19 -17.05
N ASP A 439 -18.45 0.31 -15.85
CA ASP A 439 -18.84 -0.53 -14.71
C ASP A 439 -20.35 -0.60 -14.56
N LEU A 440 -21.08 0.32 -15.21
CA LEU A 440 -22.55 0.26 -15.29
C LEU A 440 -23.03 -0.44 -16.55
N TYR A 441 -22.27 -0.36 -17.62
CA TYR A 441 -22.69 -0.89 -18.92
C TYR A 441 -21.55 -1.65 -19.59
N ASN A 442 -21.92 -2.66 -20.37
CA ASN A 442 -20.96 -3.31 -21.27
C ASN A 442 -20.46 -2.31 -22.31
N GLU A 443 -19.21 -1.90 -22.15
CA GLU A 443 -18.74 -0.70 -22.80
C GLU A 443 -18.45 -0.85 -24.31
N THR A 444 -18.36 -2.08 -24.82
CA THR A 444 -18.15 -2.32 -26.26
C THR A 444 -19.43 -2.49 -27.10
N ALA A 445 -20.59 -2.63 -26.47
CA ALA A 445 -21.88 -2.64 -27.18
C ALA A 445 -22.28 -1.21 -27.48
N GLN A 446 -23.37 -1.03 -28.24
CA GLN A 446 -23.91 0.31 -28.50
C GLN A 446 -24.26 0.96 -27.18
N TYR A 447 -24.25 2.29 -27.18
CA TYR A 447 -24.28 3.09 -25.95
C TYR A 447 -25.48 2.79 -25.04
N MET A 448 -25.17 2.31 -23.85
CA MET A 448 -26.17 1.97 -22.83
C MET A 448 -27.17 0.85 -23.21
N GLN A 449 -26.88 0.03 -24.22
CA GLN A 449 -27.79 -1.08 -24.58
C GLN A 449 -27.72 -2.25 -23.58
N GLU A 450 -26.52 -2.52 -23.06
CA GLU A 450 -26.28 -3.69 -22.21
C GLU A 450 -25.77 -3.27 -20.83
N LYS A 451 -26.55 -3.57 -19.79
CA LYS A 451 -26.13 -3.36 -18.41
C LYS A 451 -25.03 -4.36 -18.01
N SER A 452 -24.03 -3.87 -17.29
CA SER A 452 -22.98 -4.70 -16.71
C SER A 452 -23.57 -5.57 -15.63
N ILE A 453 -22.93 -6.71 -15.33
CA ILE A 453 -23.30 -7.49 -14.13
C ILE A 453 -23.19 -6.71 -12.82
N TYR A 454 -22.38 -5.66 -12.78
CA TYR A 454 -22.27 -4.81 -11.59
C TYR A 454 -23.27 -3.68 -11.53
N TYR A 455 -24.13 -3.52 -12.56
CA TYR A 455 -25.13 -2.44 -12.57
C TYR A 455 -26.00 -2.41 -11.30
N ASP A 456 -26.56 -3.54 -10.90
CA ASP A 456 -27.50 -3.51 -9.75
C ASP A 456 -26.82 -3.07 -8.47
N ALA A 457 -25.64 -3.61 -8.22
CA ALA A 457 -24.88 -3.25 -7.04
C ALA A 457 -24.47 -1.79 -6.99
N ILE A 458 -23.84 -1.31 -8.05
CA ILE A 458 -23.32 0.06 -8.07
C ILE A 458 -24.46 1.07 -7.97
N THR A 459 -25.52 0.86 -8.76
CA THR A 459 -26.65 1.80 -8.74
C THR A 459 -27.37 1.83 -7.40
N THR A 460 -27.50 0.66 -6.75
CA THR A 460 -28.00 0.61 -5.38
C THR A 460 -27.14 1.48 -4.46
N LEU A 461 -25.82 1.33 -4.56
CA LEU A 461 -24.92 2.16 -3.76
C LEU A 461 -25.05 3.65 -4.11
N MET A 462 -25.17 3.95 -5.39
CA MET A 462 -25.30 5.34 -5.84
C MET A 462 -26.58 6.03 -5.29
N ARG A 463 -27.72 5.37 -5.37
CA ARG A 463 -28.98 5.97 -4.87
C ARG A 463 -28.95 6.11 -3.34
N ALA A 464 -28.42 5.09 -2.66
CA ALA A 464 -28.26 5.15 -1.21
C ALA A 464 -27.33 6.30 -0.77
N ARG A 465 -26.29 6.60 -1.55
CA ARG A 465 -25.41 7.70 -1.20
C ARG A 465 -26.18 8.99 -1.02
N LYS A 466 -26.95 9.36 -2.06
CA LYS A 466 -27.75 10.57 -2.08
C LYS A 466 -28.68 10.64 -0.89
N GLN A 467 -29.23 9.49 -0.52
CA GLN A 467 -30.17 9.44 0.60
C GLN A 467 -29.54 9.52 1.98
N PHE A 468 -28.38 8.89 2.17
CA PHE A 468 -27.88 8.57 3.54
C PHE A 468 -26.48 9.10 3.88
N VAL A 469 -25.62 9.24 2.88
CA VAL A 469 -24.21 9.47 3.14
C VAL A 469 -23.90 10.94 3.50
N SER A 470 -23.57 11.17 4.76
CA SER A 470 -23.12 12.49 5.26
C SER A 470 -22.58 12.38 6.66
N GLY A 471 -21.97 13.46 7.16
CA GLY A 471 -21.43 13.52 8.51
C GLY A 471 -20.04 12.95 8.62
N GLY A 472 -19.59 12.77 9.87
CA GLY A 472 -18.26 12.23 10.14
C GLY A 472 -18.09 10.80 9.68
N GLN A 473 -16.84 10.37 9.59
CA GLN A 473 -16.50 9.02 9.18
C GLN A 473 -15.50 8.43 10.14
N THR A 474 -15.71 7.16 10.43
CA THR A 474 -14.79 6.38 11.21
C THR A 474 -14.61 5.03 10.51
N MET A 475 -13.35 4.63 10.31
CA MET A 475 -13.03 3.33 9.72
C MET A 475 -12.25 2.59 10.74
N THR A 476 -12.63 1.35 11.01
CA THR A 476 -12.01 0.58 12.08
C THR A 476 -11.94 -0.88 11.74
N LYS A 477 -10.84 -1.52 12.06
CA LYS A 477 -10.68 -2.95 11.81
C LYS A 477 -11.44 -3.77 12.83
N LEU A 478 -12.33 -4.62 12.35
CA LEU A 478 -13.07 -5.52 13.23
C LEU A 478 -12.29 -6.80 13.45
N ASN A 479 -11.50 -7.19 12.46
CA ASN A 479 -10.45 -8.18 12.66
C ASN A 479 -9.35 -7.86 11.65
N ASN A 480 -8.34 -8.72 11.54
CA ASN A 480 -7.19 -8.42 10.71
C ASN A 480 -7.55 -8.22 9.23
N ASN A 481 -8.67 -8.77 8.76
CA ASN A 481 -9.03 -8.73 7.35
C ASN A 481 -10.41 -8.11 7.04
N LEU A 482 -11.02 -7.45 8.02
CA LEU A 482 -12.38 -6.96 7.92
C LEU A 482 -12.46 -5.63 8.61
N LEU A 483 -13.20 -4.72 7.99
CA LEU A 483 -13.30 -3.35 8.40
C LEU A 483 -14.74 -2.86 8.28
N ALA A 484 -15.09 -1.89 9.15
CA ALA A 484 -16.35 -1.16 9.11
C ALA A 484 -16.07 0.31 8.85
N SER A 485 -16.67 0.83 7.79
CA SER A 485 -16.64 2.24 7.44
C SER A 485 -18.01 2.79 7.73
N VAL A 486 -18.08 3.72 8.68
CA VAL A 486 -19.34 4.27 9.18
C VAL A 486 -19.40 5.78 8.89
N ARG A 487 -20.49 6.23 8.26
CA ARG A 487 -20.87 7.64 8.23
C ARG A 487 -21.97 7.87 9.26
N TYR A 488 -21.88 8.96 10.02
CA TYR A 488 -22.76 9.21 11.18
C TYR A 488 -24.03 9.95 10.81
N GLY A 489 -24.06 10.55 9.63
CA GLY A 489 -25.26 11.19 9.11
C GLY A 489 -25.16 12.69 9.04
N LYS A 490 -26.11 13.30 8.33
CA LYS A 490 -26.11 14.73 8.13
C LYS A 490 -26.18 15.45 9.47
N GLY A 491 -25.29 16.42 9.63
CA GLY A 491 -25.09 17.13 10.89
C GLY A 491 -24.71 16.29 12.11
N VAL A 492 -24.11 15.12 11.89
CA VAL A 492 -23.61 14.30 12.98
C VAL A 492 -22.11 14.27 12.77
N VAL A 493 -21.38 15.04 13.58
CA VAL A 493 -19.94 15.22 13.41
C VAL A 493 -19.09 13.98 13.73
N ASP A 494 -19.45 13.25 14.77
CA ASP A 494 -18.65 12.13 15.24
C ASP A 494 -19.49 11.13 16.06
N ALA A 495 -18.86 10.07 16.57
CA ALA A 495 -19.59 8.97 17.22
C ALA A 495 -20.30 9.41 18.51
N ASN A 496 -19.88 10.52 19.09
CA ASN A 496 -20.44 11.04 20.33
C ASN A 496 -21.54 12.12 20.13
N SER A 497 -21.71 12.63 18.90
CA SER A 497 -22.70 13.69 18.64
C SER A 497 -24.12 13.20 18.67
N ASN A 498 -25.03 14.09 19.10
CA ASN A 498 -26.47 13.84 19.03
C ASN A 498 -27.15 14.15 17.70
N GLY A 499 -26.48 14.90 16.83
CA GLY A 499 -27.09 15.33 15.58
C GLY A 499 -27.62 16.76 15.70
N THR A 500 -27.33 17.58 14.69
CA THR A 500 -27.72 18.97 14.63
C THR A 500 -28.72 19.28 13.46
N ASP A 501 -29.23 18.25 12.77
CA ASP A 501 -30.02 18.43 11.57
C ASP A 501 -31.28 17.60 11.67
N LYS A 502 -32.36 18.04 11.02
CA LYS A 502 -33.62 17.27 11.02
C LYS A 502 -33.46 15.88 10.40
N LEU A 503 -32.47 15.73 9.52
CA LEU A 503 -32.16 14.44 8.90
C LEU A 503 -31.08 13.62 9.64
N SER A 504 -30.48 14.15 10.71
CA SER A 504 -29.42 13.47 11.46
C SER A 504 -29.81 12.04 11.84
N ARG A 505 -30.95 11.90 12.52
CA ARG A 505 -31.46 10.61 12.99
C ARG A 505 -31.55 9.54 11.89
N THR A 506 -32.07 9.93 10.72
CA THR A 506 -32.40 8.97 9.67
C THR A 506 -31.33 8.90 8.53
N SER A 507 -30.14 9.44 8.77
CA SER A 507 -29.04 9.34 7.81
C SER A 507 -27.83 8.63 8.44
N GLY A 508 -26.79 8.40 7.64
CA GLY A 508 -25.64 7.58 8.06
C GLY A 508 -25.69 6.23 7.37
N MET A 509 -24.60 5.48 7.48
CA MET A 509 -24.42 4.22 6.75
C MET A 509 -23.30 3.48 7.41
N ALA A 510 -23.38 2.16 7.34
CA ALA A 510 -22.28 1.32 7.70
C ALA A 510 -21.98 0.41 6.54
N VAL A 511 -20.72 0.43 6.10
CA VAL A 511 -20.21 -0.47 5.08
C VAL A 511 -19.20 -1.42 5.71
N LEU A 512 -19.43 -2.72 5.55
CA LEU A 512 -18.55 -3.77 6.04
C LEU A 512 -17.87 -4.39 4.84
N VAL A 513 -16.54 -4.32 4.83
CA VAL A 513 -15.76 -4.93 3.77
C VAL A 513 -14.63 -5.79 4.31
N GLY A 514 -14.61 -7.03 3.85
CA GLY A 514 -13.54 -7.97 4.14
C GLY A 514 -12.96 -8.48 2.84
N ASN A 515 -11.68 -8.84 2.88
CA ASN A 515 -10.93 -9.28 1.69
C ASN A 515 -10.28 -10.67 1.86
N ASP A 516 -10.75 -11.44 2.84
CA ASP A 516 -10.35 -12.85 3.01
C ASP A 516 -11.59 -13.73 2.83
N SER A 517 -11.59 -14.48 1.73
CA SER A 517 -12.70 -15.36 1.33
C SER A 517 -12.85 -16.57 2.24
N ASN A 518 -11.83 -16.89 3.01
CA ASN A 518 -11.91 -17.99 3.97
C ASN A 518 -12.13 -17.48 5.40
N MET A 519 -12.52 -16.22 5.58
CA MET A 519 -12.77 -15.67 6.94
C MET A 519 -13.83 -16.50 7.70
N ALA A 520 -13.46 -16.99 8.90
CA ALA A 520 -14.39 -17.75 9.74
C ALA A 520 -15.61 -16.93 10.13
N GLN A 521 -16.77 -17.58 10.21
CA GLN A 521 -18.01 -16.93 10.66
C GLN A 521 -17.89 -16.40 12.08
N GLN A 522 -18.43 -15.22 12.30
CA GLN A 522 -18.33 -14.55 13.59
C GLN A 522 -19.33 -13.42 13.69
N SER A 523 -19.52 -12.96 14.90
CA SER A 523 -20.36 -11.82 15.19
C SER A 523 -19.44 -10.62 15.30
N VAL A 524 -19.93 -9.44 14.92
CA VAL A 524 -19.14 -8.21 14.94
C VAL A 524 -20.06 -7.10 15.44
N ALA A 525 -19.49 -6.09 16.11
CA ALA A 525 -20.21 -4.98 16.71
C ALA A 525 -19.82 -3.70 16.01
N ILE A 526 -20.79 -3.00 15.43
CA ILE A 526 -20.53 -1.79 14.65
C ILE A 526 -21.09 -0.57 15.38
N ASN A 527 -20.24 0.42 15.60
CA ASN A 527 -20.65 1.64 16.29
C ASN A 527 -21.28 2.59 15.29
N MET A 528 -22.61 2.67 15.29
CA MET A 528 -23.33 3.62 14.44
C MET A 528 -23.31 5.04 14.99
N GLY A 529 -23.02 5.21 16.28
CA GLY A 529 -22.96 6.53 16.92
C GLY A 529 -24.09 6.75 17.91
N ARG A 530 -23.85 7.66 18.87
CA ARG A 530 -24.85 8.02 19.88
C ARG A 530 -26.12 8.63 19.31
N ALA A 531 -26.10 9.18 18.09
CA ALA A 531 -27.34 9.65 17.46
C ALA A 531 -28.20 8.51 16.96
N HIS A 532 -27.74 7.25 17.08
CA HIS A 532 -28.41 6.10 16.45
C HIS A 532 -28.69 4.95 17.38
N ALA A 533 -29.05 5.27 18.61
CA ALA A 533 -29.41 4.27 19.62
C ALA A 533 -30.85 3.81 19.40
N ASN A 534 -31.09 2.52 19.65
CA ASN A 534 -32.44 1.93 19.55
C ASN A 534 -33.07 2.25 18.20
N GLN A 535 -32.31 1.98 17.14
CA GLN A 535 -32.76 2.35 15.82
C GLN A 535 -32.74 1.17 14.86
N GLN A 536 -33.79 1.10 14.04
CA GLN A 536 -33.91 0.08 13.00
C GLN A 536 -33.05 0.46 11.79
N TYR A 537 -32.30 -0.53 11.29
CA TYR A 537 -31.45 -0.43 10.09
C TYR A 537 -31.86 -1.48 9.07
N ARG A 538 -31.87 -1.09 7.80
CA ARG A 538 -32.17 -2.01 6.72
C ARG A 538 -30.92 -2.64 6.14
N ASN A 539 -31.06 -3.91 5.81
CA ASN A 539 -30.02 -4.67 5.15
C ASN A 539 -30.04 -4.35 3.66
N LEU A 540 -29.40 -3.23 3.31
CA LEU A 540 -29.30 -2.73 1.92
C LEU A 540 -28.65 -3.71 0.95
N ILE A 541 -27.47 -4.21 1.32
CA ILE A 541 -26.75 -5.21 0.56
C ILE A 541 -26.15 -6.19 1.56
N ASP A 542 -26.26 -7.47 1.27
CA ASP A 542 -25.54 -8.52 2.01
C ASP A 542 -25.04 -9.52 0.99
N THR A 543 -24.04 -10.29 1.40
CA THR A 543 -23.43 -11.33 0.59
C THR A 543 -24.15 -12.68 0.80
N THR A 544 -24.28 -13.44 -0.30
CA THR A 544 -24.78 -14.82 -0.33
C THR A 544 -23.69 -15.72 -0.91
N GLU A 545 -23.90 -17.05 -0.89
CA GLU A 545 -22.92 -18.01 -1.45
C GLU A 545 -22.68 -17.79 -2.95
N ASN A 546 -23.71 -17.38 -3.67
CA ASN A 546 -23.64 -17.14 -5.11
C ASN A 546 -23.42 -15.66 -5.51
N GLY A 547 -23.75 -14.72 -4.64
CA GLY A 547 -23.60 -13.32 -5.01
C GLY A 547 -23.96 -12.33 -3.92
N LEU A 548 -24.79 -11.36 -4.29
CA LEU A 548 -25.34 -10.38 -3.38
C LEU A 548 -26.85 -10.54 -3.29
N THR A 549 -27.44 -10.04 -2.19
CA THR A 549 -28.89 -9.94 -2.03
C THR A 549 -29.26 -8.51 -1.61
N TYR A 550 -30.43 -8.04 -2.05
CA TYR A 550 -30.93 -6.69 -1.71
C TYR A 550 -32.16 -6.71 -0.79
N ASP A 551 -32.62 -7.90 -0.43
CA ASP A 551 -33.78 -8.04 0.47
C ASP A 551 -33.47 -9.09 1.53
N ALA A 552 -32.20 -9.20 1.89
CA ALA A 552 -31.72 -10.20 2.86
C ALA A 552 -32.20 -11.61 2.54
N ASP A 553 -32.18 -12.01 1.27
CA ASP A 553 -32.76 -13.30 0.90
C ASP A 553 -31.99 -14.48 1.50
N ASN A 554 -30.76 -14.77 1.12
CA ASN A 554 -30.15 -15.99 1.69
C ASN A 554 -28.78 -15.66 2.25
N SER A 555 -28.83 -14.64 3.10
CA SER A 555 -27.66 -14.08 3.75
C SER A 555 -27.65 -14.49 5.22
N GLU A 556 -26.58 -14.13 5.92
CA GLU A 556 -26.45 -14.40 7.35
C GLU A 556 -27.29 -13.50 8.25
N ASN A 557 -27.85 -12.39 7.73
CA ASN A 557 -28.58 -11.43 8.55
C ASN A 557 -29.99 -11.19 8.01
N PRO A 558 -30.93 -10.78 8.89
CA PRO A 558 -32.29 -10.48 8.42
C PRO A 558 -32.36 -9.10 7.73
N ALA A 559 -33.56 -8.78 7.23
CA ALA A 559 -33.82 -7.56 6.49
C ALA A 559 -33.73 -6.30 7.34
N ILE A 560 -34.08 -6.44 8.62
CA ILE A 560 -33.94 -5.36 9.59
C ILE A 560 -33.15 -5.87 10.79
N LEU A 561 -32.18 -5.08 11.26
CA LEU A 561 -31.55 -5.26 12.57
C LEU A 561 -31.68 -3.94 13.32
N THR A 562 -31.58 -4.01 14.64
CA THR A 562 -31.87 -2.87 15.51
C THR A 562 -30.67 -2.62 16.42
N THR A 563 -30.23 -1.37 16.54
CA THR A 563 -29.11 -1.05 17.44
C THR A 563 -29.54 -1.11 18.90
N ASP A 564 -28.59 -1.30 19.80
CA ASP A 564 -28.85 -1.30 21.25
C ASP A 564 -28.87 0.15 21.77
N SER A 565 -28.98 0.32 23.08
CA SER A 565 -29.13 1.63 23.71
C SER A 565 -27.90 2.52 23.63
N ASN A 566 -26.76 1.94 23.24
CA ASN A 566 -25.55 2.70 22.96
C ASN A 566 -25.33 3.05 21.49
N GLY A 567 -26.16 2.52 20.59
CA GLY A 567 -26.00 2.72 19.14
C GLY A 567 -25.09 1.69 18.46
N ILE A 568 -24.95 0.52 19.09
CA ILE A 568 -24.14 -0.55 18.54
C ILE A 568 -25.04 -1.48 17.74
N LEU A 569 -24.63 -1.80 16.50
CA LEU A 569 -25.33 -2.75 15.65
C LEU A 569 -24.55 -4.05 15.66
N LYS A 570 -25.24 -5.15 15.87
CA LYS A 570 -24.62 -6.48 15.98
C LYS A 570 -24.92 -7.26 14.72
N VAL A 571 -23.90 -7.81 14.07
CA VAL A 571 -24.02 -8.35 12.73
C VAL A 571 -23.21 -9.64 12.56
N THR A 572 -23.76 -10.60 11.82
CA THR A 572 -23.06 -11.85 11.51
C THR A 572 -22.41 -11.77 10.13
N VAL A 573 -21.23 -12.34 10.03
CA VAL A 573 -20.30 -12.03 8.95
C VAL A 573 -19.44 -13.27 8.68
N LYS A 574 -19.01 -13.48 7.44
CA LYS A 574 -18.09 -14.59 7.11
C LYS A 574 -17.52 -14.40 5.72
N GLY A 575 -16.54 -15.23 5.40
CA GLY A 575 -15.90 -15.24 4.10
C GLY A 575 -16.73 -15.92 3.02
N TYR A 576 -16.77 -15.33 1.83
CA TYR A 576 -17.45 -15.88 0.65
C TYR A 576 -16.55 -15.77 -0.58
N SER A 577 -16.83 -16.59 -1.59
CA SER A 577 -16.10 -16.58 -2.86
C SER A 577 -17.08 -16.78 -4.00
N ASN A 578 -17.48 -15.67 -4.61
CA ASN A 578 -18.42 -15.68 -5.74
C ASN A 578 -18.07 -14.55 -6.72
N PRO A 579 -18.81 -14.43 -7.85
CA PRO A 579 -18.35 -13.42 -8.84
C PRO A 579 -18.35 -11.97 -8.29
N TYR A 580 -19.19 -11.72 -7.29
CA TYR A 580 -19.40 -10.38 -6.77
C TYR A 580 -18.52 -10.03 -5.55
N VAL A 581 -18.14 -11.04 -4.77
CA VAL A 581 -17.44 -10.86 -3.49
C VAL A 581 -16.40 -11.97 -3.27
N SER A 582 -15.16 -11.57 -3.01
CA SER A 582 -14.13 -12.44 -2.50
C SER A 582 -13.68 -11.86 -1.18
N GLY A 583 -14.34 -12.32 -0.12
CA GLY A 583 -14.25 -11.73 1.21
C GLY A 583 -15.65 -11.54 1.76
N TYR A 584 -16.03 -10.29 2.05
CA TYR A 584 -17.39 -9.98 2.50
C TYR A 584 -17.77 -8.53 2.14
N LEU A 585 -19.03 -8.35 1.78
CA LEU A 585 -19.63 -7.04 1.63
C LEU A 585 -20.98 -6.99 2.33
N GLY A 586 -21.16 -5.99 3.20
CA GLY A 586 -22.43 -5.72 3.87
C GLY A 586 -22.63 -4.21 3.95
N VAL A 587 -23.86 -3.75 3.72
CA VAL A 587 -24.20 -2.34 3.86
C VAL A 587 -25.53 -2.17 4.60
N TRP A 588 -25.52 -1.31 5.63
CA TRP A 588 -26.68 -1.03 6.45
C TRP A 588 -27.03 0.46 6.40
N VAL A 589 -28.32 0.75 6.23
CA VAL A 589 -28.83 2.13 6.25
C VAL A 589 -30.03 2.21 7.14
N PRO A 590 -30.33 3.40 7.70
CA PRO A 590 -31.54 3.55 8.53
C PRO A 590 -32.80 3.29 7.74
N VAL A 591 -33.82 2.72 8.40
CA VAL A 591 -35.15 2.57 7.78
C VAL A 591 -35.79 3.95 7.74
N ILE A 592 -36.40 4.29 6.59
CA ILE A 592 -37.09 5.57 6.40
C ILE A 592 -38.39 5.36 5.63
N SER A 593 -39.23 6.40 5.62
CA SER A 593 -40.35 6.53 4.67
C SER A 593 -40.32 7.91 4.01
N GLY A 594 -40.49 8.01 2.70
CA GLY A 594 -39.88 7.15 1.72
C GLY A 594 -38.60 7.85 1.28
N ASP A 595 -38.69 9.17 1.03
CA ASP A 595 -37.71 9.93 0.24
C ASP A 595 -36.84 10.86 1.09
N GLN A 596 -35.55 10.89 0.80
CA GLN A 596 -34.60 11.64 1.61
C GLN A 596 -33.41 12.03 0.76
N ASP A 597 -32.90 13.23 1.02
CA ASP A 597 -31.77 13.79 0.30
C ASP A 597 -30.92 14.54 1.32
N VAL A 598 -29.71 14.03 1.57
CA VAL A 598 -28.84 14.62 2.57
C VAL A 598 -27.87 15.65 2.00
N THR A 599 -28.06 16.05 0.73
CA THR A 599 -27.23 17.07 0.09
C THR A 599 -27.10 18.28 0.99
N THR A 600 -25.86 18.70 1.20
CA THR A 600 -25.59 19.93 1.93
C THR A 600 -25.39 21.02 0.87
N ASN A 601 -26.20 22.07 0.93
CA ASN A 601 -26.07 23.20 0.03
C ASN A 601 -24.83 24.01 0.37
N ALA A 602 -24.15 24.46 -0.69
CA ALA A 602 -22.93 25.24 -0.58
C ALA A 602 -23.10 26.59 0.12
N SER A 603 -24.32 27.15 0.11
CA SER A 603 -24.60 28.37 0.87
C SER A 603 -24.40 28.20 2.39
N ASP A 604 -24.54 26.97 2.90
CA ASP A 604 -24.47 26.68 4.36
C ASP A 604 -23.09 26.23 4.86
N VAL A 605 -22.07 26.22 4.00
CA VAL A 605 -20.73 25.82 4.44
C VAL A 605 -19.85 27.05 4.64
N VAL A 606 -18.75 26.85 5.35
CA VAL A 606 -17.77 27.91 5.59
C VAL A 606 -17.10 28.32 4.26
N ALA A 607 -17.17 29.61 3.92
CA ALA A 607 -16.48 30.19 2.79
C ALA A 607 -15.17 30.76 3.30
N ASN A 608 -14.15 30.66 2.47
CA ASN A 608 -12.80 31.09 2.81
C ASN A 608 -12.31 31.87 1.61
N LYS A 609 -11.97 33.13 1.83
CA LYS A 609 -11.57 34.05 0.76
C LYS A 609 -10.34 33.55 -0.02
N GLU A 610 -9.45 32.80 0.61
CA GLU A 610 -8.27 32.25 -0.06
C GLU A 610 -8.49 30.92 -0.84
N LYS A 611 -9.67 30.31 -0.75
CA LYS A 611 -9.94 29.03 -1.37
C LYS A 611 -11.03 29.08 -2.43
N THR A 612 -10.92 28.19 -3.40
CA THR A 612 -11.93 28.01 -4.41
C THR A 612 -12.65 26.72 -4.03
N PHE A 613 -12.02 25.58 -4.27
CA PHE A 613 -12.58 24.32 -3.73
C PHE A 613 -12.18 24.07 -2.27
N GLU A 614 -13.16 23.65 -1.47
CA GLU A 614 -12.96 23.25 -0.08
C GLU A 614 -13.64 21.90 0.14
N SER A 615 -12.95 21.03 0.88
CA SER A 615 -13.46 19.69 1.14
C SER A 615 -14.37 19.74 2.35
N ASN A 616 -15.66 19.82 2.08
CA ASN A 616 -16.66 19.91 3.12
C ASN A 616 -17.91 19.19 2.64
N ALA A 617 -18.97 19.25 3.45
CA ALA A 617 -20.18 18.50 3.18
C ALA A 617 -20.84 18.88 1.87
N ALA A 618 -20.70 20.14 1.45
CA ALA A 618 -21.29 20.58 0.18
C ALA A 618 -20.56 19.99 -1.03
N LEU A 619 -19.23 19.99 -1.00
CA LEU A 619 -18.44 19.40 -2.11
C LEU A 619 -18.65 17.88 -2.16
N ASP A 620 -18.61 17.27 -0.98
CA ASP A 620 -18.90 15.84 -0.76
C ASP A 620 -20.24 15.36 -1.34
N SER A 621 -21.22 16.24 -1.43
CA SER A 621 -22.52 15.91 -2.02
C SER A 621 -22.47 15.71 -3.55
N HIS A 622 -21.39 16.13 -4.19
CA HIS A 622 -21.21 15.91 -5.63
C HIS A 622 -20.77 14.47 -5.95
N MET A 623 -21.13 14.02 -7.14
CA MET A 623 -20.69 12.77 -7.70
C MET A 623 -20.50 12.95 -9.19
N ILE A 624 -19.32 12.54 -9.67
CA ILE A 624 -18.94 12.62 -11.07
C ILE A 624 -19.27 11.29 -11.74
N TYR A 625 -19.62 11.36 -13.02
CA TYR A 625 -19.82 10.19 -13.88
C TYR A 625 -18.99 10.32 -15.15
N GLU A 626 -18.10 9.37 -15.41
CA GLU A 626 -17.31 9.35 -16.65
C GLU A 626 -18.17 8.70 -17.72
N ASP A 627 -18.61 9.47 -18.71
CA ASP A 627 -19.65 9.01 -19.66
C ASP A 627 -19.18 8.12 -20.82
N PHE A 628 -17.89 7.78 -20.86
CA PHE A 628 -17.35 7.12 -22.05
C PHE A 628 -16.31 6.07 -21.75
N SER A 629 -16.06 5.26 -22.78
CA SER A 629 -14.97 4.30 -22.82
C SER A 629 -14.21 4.50 -24.13
N LEU A 630 -12.92 4.18 -24.09
CA LEU A 630 -12.09 4.11 -25.30
C LEU A 630 -12.58 3.06 -26.28
N PHE A 631 -13.20 2.00 -25.78
CA PHE A 631 -13.67 0.89 -26.62
C PHE A 631 -15.15 1.01 -26.96
N GLN A 632 -15.73 2.17 -26.69
CA GLN A 632 -17.08 2.49 -27.10
C GLN A 632 -17.11 2.40 -28.64
N PRO A 633 -18.07 1.68 -29.21
CA PRO A 633 -18.04 1.46 -30.65
C PRO A 633 -18.58 2.66 -31.41
N GLU A 634 -18.34 2.69 -32.72
CA GLU A 634 -18.95 3.70 -33.58
C GLU A 634 -20.47 3.45 -33.60
N PRO A 635 -21.27 4.53 -33.54
CA PRO A 635 -22.71 4.31 -33.62
C PRO A 635 -23.13 3.77 -34.99
N THR A 636 -24.21 2.98 -34.99
CA THR A 636 -24.82 2.45 -36.22
C THR A 636 -26.00 3.28 -36.74
N SER A 637 -26.41 4.32 -36.01
CA SER A 637 -27.54 5.17 -36.41
C SER A 637 -27.53 6.47 -35.62
N VAL A 638 -28.41 7.41 -36.01
CA VAL A 638 -28.55 8.68 -35.30
C VAL A 638 -29.07 8.42 -33.88
N GLU A 639 -30.05 7.52 -33.75
CA GLU A 639 -30.60 7.12 -32.45
C GLU A 639 -29.53 6.56 -31.46
N ASN A 640 -28.52 5.85 -31.96
CA ASN A 640 -27.38 5.29 -31.15
C ASN A 640 -26.19 6.24 -30.87
N HIS A 641 -26.23 7.47 -31.39
CA HIS A 641 -25.26 8.50 -31.04
C HIS A 641 -25.29 8.65 -29.54
N ALA A 642 -24.13 8.57 -28.88
CA ALA A 642 -24.10 8.68 -27.42
C ALA A 642 -24.83 9.96 -26.95
N TYR A 643 -24.69 11.06 -27.69
CA TYR A 643 -25.34 12.31 -27.26
C TYR A 643 -26.85 12.19 -27.21
N ASN A 644 -27.45 11.52 -28.18
CA ASN A 644 -28.89 11.29 -28.15
C ASN A 644 -29.34 10.29 -27.06
N VAL A 645 -28.57 9.22 -26.87
CA VAL A 645 -28.89 8.25 -25.83
C VAL A 645 -28.81 8.94 -24.46
N ILE A 646 -27.77 9.76 -24.25
CA ILE A 646 -27.60 10.49 -22.98
C ILE A 646 -28.79 11.43 -22.72
N ALA A 647 -29.14 12.25 -23.72
CA ALA A 647 -30.24 13.20 -23.62
C ALA A 647 -31.53 12.52 -23.22
N LYS A 648 -31.84 11.43 -23.92
CA LYS A 648 -32.99 10.60 -23.58
C LYS A 648 -32.99 10.09 -22.10
N ASN A 649 -31.82 9.77 -21.56
CA ASN A 649 -31.71 9.22 -20.21
C ASN A 649 -31.36 10.23 -19.10
N ALA A 650 -31.62 11.52 -19.33
CA ALA A 650 -31.13 12.56 -18.40
C ALA A 650 -31.62 12.37 -16.97
N SER A 651 -32.91 12.08 -16.83
CA SER A 651 -33.53 11.84 -15.51
C SER A 651 -32.96 10.64 -14.76
N LEU A 652 -32.57 9.60 -15.50
CA LEU A 652 -31.90 8.44 -14.91
C LEU A 652 -30.63 8.87 -14.15
N PHE A 653 -29.80 9.73 -14.77
CA PHE A 653 -28.53 10.14 -14.14
C PHE A 653 -28.77 10.93 -12.85
N SER A 654 -29.75 11.83 -12.92
CA SER A 654 -30.29 12.51 -11.74
C SER A 654 -30.80 11.53 -10.67
N ASP A 655 -31.59 10.52 -11.07
CA ASP A 655 -32.10 9.51 -10.13
C ASP A 655 -30.97 8.75 -9.43
N LEU A 656 -29.84 8.58 -10.11
CA LEU A 656 -28.67 7.92 -9.53
C LEU A 656 -27.77 8.83 -8.69
N GLY A 657 -28.14 10.08 -8.48
CA GLY A 657 -27.33 11.01 -7.68
C GLY A 657 -26.10 11.61 -8.36
N ILE A 658 -25.97 11.44 -9.68
CA ILE A 658 -24.87 12.09 -10.44
C ILE A 658 -25.18 13.57 -10.48
N THR A 659 -24.21 14.39 -10.10
CA THR A 659 -24.34 15.85 -10.14
C THR A 659 -23.44 16.52 -11.22
N ASP A 660 -22.44 15.80 -11.70
CA ASP A 660 -21.41 16.35 -12.59
C ASP A 660 -21.07 15.32 -13.63
N PHE A 661 -21.39 15.63 -14.86
CA PHE A 661 -21.33 14.70 -15.99
C PHE A 661 -20.05 15.01 -16.76
N TRP A 662 -19.09 14.08 -16.77
CA TRP A 662 -17.83 14.21 -17.48
C TRP A 662 -18.03 13.65 -18.90
N MET A 663 -18.09 14.57 -19.88
CA MET A 663 -18.25 14.22 -21.29
C MET A 663 -16.90 13.95 -21.91
N ALA A 664 -16.89 13.01 -22.85
CA ALA A 664 -15.68 12.66 -23.59
C ALA A 664 -15.13 13.86 -24.32
N PRO A 665 -13.82 13.86 -24.61
CA PRO A 665 -13.33 14.94 -25.49
C PRO A 665 -14.11 14.88 -26.80
N ALA A 666 -14.76 16.01 -27.12
CA ALA A 666 -15.80 16.03 -28.13
C ALA A 666 -15.25 16.43 -29.49
N TYR A 667 -13.93 16.60 -29.58
CA TYR A 667 -13.26 17.20 -30.76
C TYR A 667 -13.24 16.20 -31.93
N THR A 668 -13.08 16.72 -33.14
CA THR A 668 -13.09 15.92 -34.36
C THR A 668 -11.94 14.96 -34.32
N PRO A 669 -12.20 13.65 -34.47
CA PRO A 669 -11.12 12.72 -34.23
C PRO A 669 -10.34 12.47 -35.49
N PHE A 670 -9.04 12.30 -35.33
CA PHE A 670 -8.21 11.74 -36.38
C PHE A 670 -8.77 10.36 -36.74
N GLY A 671 -9.18 10.22 -38.00
CA GLY A 671 -9.84 9.03 -38.50
C GLY A 671 -9.08 7.74 -38.30
N ARG A 672 -7.74 7.78 -38.48
CA ARG A 672 -6.87 6.62 -38.31
C ARG A 672 -6.36 6.41 -36.89
N SER A 673 -6.87 7.17 -35.93
CA SER A 673 -6.48 6.96 -34.53
C SER A 673 -6.92 5.58 -34.05
N ARG A 674 -6.21 5.08 -33.05
CA ARG A 674 -6.50 3.77 -32.50
C ARG A 674 -7.94 3.59 -32.03
N TYR A 675 -8.50 4.58 -31.33
CA TYR A 675 -9.82 4.46 -30.66
C TYR A 675 -10.92 5.42 -31.17
N ASN A 676 -10.56 6.48 -31.90
CA ASN A 676 -11.54 7.48 -32.40
C ASN A 676 -12.28 8.20 -31.25
N GLU A 677 -11.58 8.28 -30.11
CA GLU A 677 -12.16 8.70 -28.84
C GLU A 677 -12.18 10.22 -28.60
N GLY A 678 -11.31 10.97 -29.28
CA GLY A 678 -11.31 12.42 -29.14
C GLY A 678 -10.06 13.06 -28.60
N TYR A 679 -9.22 12.30 -27.87
CA TYR A 679 -7.88 12.85 -27.49
C TYR A 679 -6.90 12.99 -28.68
N SER A 680 -7.05 12.10 -29.65
CA SER A 680 -6.35 12.24 -30.95
C SER A 680 -7.23 13.08 -31.91
N MET A 681 -7.13 14.41 -31.83
CA MET A 681 -8.00 15.30 -32.62
C MET A 681 -7.23 16.16 -33.63
N THR A 682 -7.90 16.43 -34.74
CA THR A 682 -7.42 17.31 -35.79
C THR A 682 -7.98 18.74 -35.67
N ASP A 683 -9.12 18.92 -34.98
CA ASP A 683 -9.78 20.22 -34.87
C ASP A 683 -10.31 20.40 -33.44
N ARG A 684 -9.78 21.41 -32.73
CA ARG A 684 -10.17 21.74 -31.36
C ARG A 684 -11.53 22.41 -31.21
N TYR A 685 -12.06 22.96 -32.29
CA TYR A 685 -13.30 23.71 -32.23
C TYR A 685 -14.48 23.09 -32.97
N ASN A 686 -14.21 22.12 -33.84
CA ASN A 686 -15.25 21.39 -34.52
C ASN A 686 -15.61 20.15 -33.67
N LEU A 687 -16.75 20.22 -32.98
CA LEU A 687 -17.25 19.09 -32.23
C LEU A 687 -18.25 18.24 -33.01
N GLY A 688 -18.10 18.22 -34.34
CA GLY A 688 -18.89 17.36 -35.20
C GLY A 688 -20.08 18.08 -35.80
N THR A 689 -20.49 17.61 -36.97
CA THR A 689 -21.61 18.14 -37.70
C THR A 689 -22.57 16.99 -38.01
N THR A 690 -23.78 17.35 -38.42
CA THR A 690 -24.81 16.41 -38.85
C THR A 690 -24.31 15.47 -39.92
N ALA A 691 -23.64 16.02 -40.93
CA ALA A 691 -23.08 15.22 -42.01
C ALA A 691 -21.86 14.40 -41.57
N ASN A 692 -21.02 14.98 -40.70
CA ASN A 692 -19.80 14.33 -40.22
C ASN A 692 -19.70 14.28 -38.70
N PRO A 693 -20.53 13.45 -38.07
CA PRO A 693 -20.51 13.40 -36.59
C PRO A 693 -19.22 12.77 -36.06
N THR A 694 -18.82 13.14 -34.85
CA THR A 694 -17.74 12.44 -34.14
C THR A 694 -18.29 11.07 -33.75
N LYS A 695 -17.54 10.30 -32.96
CA LYS A 695 -18.06 9.06 -32.42
C LYS A 695 -19.34 9.32 -31.66
N TYR A 696 -19.39 10.41 -30.92
CA TYR A 696 -20.45 10.67 -29.94
C TYR A 696 -21.67 11.32 -30.59
N GLY A 697 -21.46 12.03 -31.71
CA GLY A 697 -22.57 12.73 -32.39
C GLY A 697 -22.11 14.04 -32.98
N SER A 698 -23.07 14.94 -33.23
CA SER A 698 -22.80 16.26 -33.77
C SER A 698 -22.77 17.29 -32.66
N GLY A 699 -22.27 18.48 -33.01
CA GLY A 699 -22.23 19.59 -32.07
C GLY A 699 -23.61 20.05 -31.65
N GLU A 700 -24.54 19.96 -32.59
CA GLU A 700 -25.94 20.36 -32.36
C GLU A 700 -26.60 19.44 -31.34
N GLU A 701 -26.36 18.15 -31.48
CA GLU A 701 -26.85 17.15 -30.48
C GLU A 701 -26.20 17.36 -29.12
N LEU A 702 -24.89 17.65 -29.11
CA LEU A 702 -24.13 17.89 -27.87
C LEU A 702 -24.76 19.02 -27.06
N ALA A 703 -25.01 20.14 -27.72
CA ALA A 703 -25.66 21.29 -27.10
C ALA A 703 -27.00 20.91 -26.52
N ASN A 704 -27.82 20.18 -27.28
CA ASN A 704 -29.12 19.67 -26.78
C ASN A 704 -28.96 18.70 -25.63
N THR A 705 -27.93 17.86 -25.69
CA THR A 705 -27.66 16.94 -24.61
C THR A 705 -27.28 17.66 -23.33
N ILE A 706 -26.40 18.64 -23.45
CA ILE A 706 -25.98 19.43 -22.32
C ILE A 706 -27.20 20.14 -21.71
N ALA A 707 -28.10 20.68 -22.55
CA ALA A 707 -29.31 21.34 -22.04
C ALA A 707 -30.24 20.35 -21.33
N ALA A 708 -30.40 19.17 -21.91
CA ALA A 708 -31.18 18.11 -21.28
C ALA A 708 -30.62 17.71 -19.90
N LEU A 709 -29.30 17.50 -19.84
CA LEU A 709 -28.63 17.23 -18.55
C LEU A 709 -28.82 18.37 -17.53
N HIS A 710 -28.74 19.61 -18.02
CA HIS A 710 -28.99 20.79 -17.18
C HIS A 710 -30.41 20.84 -16.66
N LYS A 711 -31.38 20.52 -17.51
CA LYS A 711 -32.79 20.49 -17.11
C LYS A 711 -33.03 19.42 -16.03
N ALA A 712 -32.30 18.31 -16.08
CA ALA A 712 -32.38 17.28 -15.03
C ALA A 712 -31.63 17.65 -13.72
N GLY A 713 -31.00 18.83 -13.68
CA GLY A 713 -30.35 19.36 -12.47
C GLY A 713 -28.84 19.11 -12.40
N LEU A 714 -28.24 18.59 -13.47
CA LEU A 714 -26.81 18.29 -13.47
C LEU A 714 -26.00 19.44 -14.02
N LYS A 715 -24.70 19.43 -13.69
CA LYS A 715 -23.69 20.24 -14.38
C LYS A 715 -22.82 19.34 -15.23
N VAL A 716 -22.22 19.90 -16.26
CA VAL A 716 -21.57 19.12 -17.28
C VAL A 716 -20.13 19.63 -17.51
N GLN A 717 -19.16 18.74 -17.49
CA GLN A 717 -17.76 19.13 -17.74
C GLN A 717 -17.26 18.55 -19.04
N GLU A 718 -16.40 19.30 -19.71
CA GLU A 718 -15.73 18.81 -20.90
C GLU A 718 -14.30 18.37 -20.57
N ASP A 719 -13.90 17.27 -21.21
CA ASP A 719 -12.56 16.78 -21.11
C ASP A 719 -11.75 17.73 -22.03
N ILE A 720 -11.00 18.65 -21.41
CA ILE A 720 -10.19 19.60 -22.15
C ILE A 720 -8.74 19.11 -22.27
N VAL A 721 -8.17 19.23 -23.46
CA VAL A 721 -6.98 18.48 -23.85
C VAL A 721 -5.91 19.44 -24.38
N MET A 722 -5.18 20.07 -23.46
CA MET A 722 -4.13 21.05 -23.81
C MET A 722 -2.80 20.44 -24.17
N ASN A 723 -2.62 19.14 -23.87
CA ASN A 723 -1.29 18.53 -23.96
C ASN A 723 -0.80 18.32 -25.38
N GLN A 724 -1.66 17.75 -26.20
CA GLN A 724 -1.26 17.33 -27.54
C GLN A 724 -2.37 17.45 -28.56
N MET A 725 -1.96 17.42 -29.83
CA MET A 725 -2.89 17.13 -30.94
C MET A 725 -2.27 16.02 -31.75
N ILE A 726 -3.10 15.25 -32.42
CA ILE A 726 -2.67 14.11 -33.21
C ILE A 726 -3.50 14.04 -34.48
N GLY A 727 -2.81 13.98 -35.62
CA GLY A 727 -3.41 13.74 -36.93
C GLY A 727 -3.23 14.86 -37.95
N PHE A 728 -2.28 15.76 -37.71
CA PHE A 728 -2.01 16.82 -38.68
C PHE A 728 -1.70 16.19 -40.04
N SER A 729 -2.27 16.76 -41.10
CA SER A 729 -1.99 16.33 -42.50
C SER A 729 -0.88 17.13 -43.18
N GLY A 730 -0.45 18.24 -42.55
CA GLY A 730 0.62 19.08 -43.12
C GLY A 730 2.03 18.75 -42.58
N GLN A 731 2.92 18.33 -43.47
CA GLN A 731 4.30 18.11 -43.11
C GLN A 731 5.10 19.43 -43.02
N GLU A 732 6.08 19.45 -42.12
CA GLU A 732 6.96 20.58 -41.93
C GLU A 732 8.39 20.09 -41.69
N ALA A 733 9.37 20.74 -42.32
CA ALA A 733 10.77 20.42 -42.06
C ALA A 733 11.12 21.01 -40.71
N VAL A 734 11.51 20.15 -39.80
CA VAL A 734 11.68 20.56 -38.44
C VAL A 734 13.05 19.99 -38.03
N THR A 735 13.79 20.68 -37.15
CA THR A 735 15.10 20.17 -36.68
C THR A 735 14.92 19.48 -35.34
N VAL A 736 15.31 18.21 -35.26
CA VAL A 736 14.94 17.37 -34.12
C VAL A 736 16.08 16.60 -33.47
N THR A 737 15.80 16.15 -32.24
CA THR A 737 16.75 15.32 -31.46
C THR A 737 15.99 14.19 -30.75
N ARG A 738 16.60 13.01 -30.72
CA ARG A 738 15.97 11.83 -30.13
C ARG A 738 16.03 11.95 -28.63
N THR A 739 14.87 11.97 -27.97
CA THR A 739 14.79 12.14 -26.51
C THR A 739 13.83 11.17 -25.81
N ASN A 740 13.96 11.13 -24.49
CA ASN A 740 12.98 10.52 -23.59
C ASN A 740 11.83 11.51 -23.35
N ASN A 741 10.90 11.11 -22.50
CA ASN A 741 9.68 11.88 -22.25
C ASN A 741 9.86 13.22 -21.52
N ARG A 742 11.06 13.49 -21.04
CA ARG A 742 11.44 14.81 -20.55
C ARG A 742 12.30 15.65 -21.53
N GLY A 743 12.43 15.23 -22.79
CA GLY A 743 13.22 16.00 -23.76
C GLY A 743 14.73 15.97 -23.56
N MET A 744 15.21 14.96 -22.86
CA MET A 744 16.64 14.72 -22.69
C MET A 744 17.07 13.72 -23.74
N GLN A 745 18.15 14.05 -24.44
CA GLN A 745 18.68 13.16 -25.42
C GLN A 745 19.01 11.78 -24.81
N ILE A 746 18.61 10.73 -25.52
CA ILE A 746 18.99 9.35 -25.17
C ILE A 746 19.61 8.62 -26.35
N HIS A 747 20.26 7.51 -26.04
CA HIS A 747 20.68 6.49 -26.98
C HIS A 747 19.66 5.32 -26.95
N VAL A 748 19.57 4.57 -28.05
CA VAL A 748 18.78 3.35 -28.15
C VAL A 748 19.65 2.29 -28.84
N ASN A 749 19.97 1.22 -28.10
CA ASN A 749 20.95 0.20 -28.55
C ASN A 749 22.23 0.88 -29.05
N GLY A 750 22.74 1.85 -28.29
CA GLY A 750 23.98 2.53 -28.62
C GLY A 750 23.92 3.57 -29.75
N GLN A 751 22.74 3.86 -30.30
CA GLN A 751 22.59 4.83 -31.36
C GLN A 751 21.67 5.99 -30.98
N THR A 752 21.87 7.13 -31.65
CA THR A 752 21.08 8.34 -31.40
C THR A 752 21.11 9.28 -32.61
N TYR A 753 20.37 10.38 -32.51
CA TYR A 753 20.49 11.47 -33.49
C TYR A 753 20.09 12.82 -32.88
N ALA A 754 20.76 13.87 -33.37
CA ALA A 754 20.58 15.23 -32.84
C ALA A 754 20.65 16.26 -33.96
N ASN A 755 19.82 17.29 -33.84
CA ASN A 755 19.80 18.38 -34.81
C ASN A 755 19.65 17.86 -36.25
N GLN A 756 18.72 16.93 -36.48
CA GLN A 756 18.43 16.40 -37.82
C GLN A 756 17.15 16.98 -38.37
N ILE A 757 17.15 17.29 -39.67
CA ILE A 757 15.91 17.72 -40.33
C ILE A 757 15.02 16.48 -40.48
N TYR A 758 13.79 16.61 -40.00
CA TYR A 758 12.81 15.55 -39.95
C TYR A 758 11.51 16.13 -40.49
N PHE A 759 10.83 15.39 -41.37
CA PHE A 759 9.63 15.90 -42.03
C PHE A 759 8.35 15.57 -41.22
N ALA A 760 8.27 16.06 -39.99
CA ALA A 760 7.12 15.76 -39.08
C ALA A 760 5.80 16.34 -39.59
N TYR A 761 4.72 15.59 -39.39
CA TYR A 761 3.38 16.11 -39.54
C TYR A 761 3.11 17.01 -38.35
N THR A 762 2.96 18.32 -38.62
CA THR A 762 2.82 19.34 -37.56
C THR A 762 1.76 20.43 -37.79
N THR A 763 1.21 20.51 -39.01
CA THR A 763 0.52 21.70 -39.43
C THR A 763 -0.91 21.36 -39.81
N GLY A 764 -1.85 22.18 -39.34
CA GLY A 764 -3.27 21.86 -39.45
C GLY A 764 -4.05 22.51 -38.33
N GLY A 765 -5.21 21.95 -38.03
CA GLY A 765 -6.13 22.52 -37.05
C GLY A 765 -7.54 22.63 -37.56
N GLY A 766 -7.71 22.49 -38.89
CA GLY A 766 -9.02 22.51 -39.52
C GLY A 766 -9.62 23.89 -39.59
N ASN A 767 -10.80 23.98 -40.20
CA ASN A 767 -11.54 25.24 -40.32
C ASN A 767 -11.98 25.79 -38.97
N GLY A 768 -12.12 24.91 -37.98
CA GLY A 768 -12.44 25.30 -36.60
C GLY A 768 -11.38 26.22 -36.04
N GLN A 769 -10.13 25.82 -36.16
CA GLN A 769 -9.03 26.67 -35.72
C GLN A 769 -8.98 27.97 -36.56
N GLU A 770 -9.18 27.87 -37.86
CA GLU A 770 -9.17 29.06 -38.70
C GLU A 770 -10.23 30.04 -38.29
N THR A 771 -11.45 29.56 -38.03
CA THR A 771 -12.61 30.43 -37.70
C THR A 771 -12.59 30.93 -36.25
N TYR A 772 -12.34 30.00 -35.31
CA TYR A 772 -12.54 30.26 -33.88
C TYR A 772 -11.26 30.56 -33.08
N GLY A 773 -10.11 30.22 -33.66
CA GLY A 773 -8.81 30.42 -33.00
C GLY A 773 -8.57 31.88 -32.67
N GLY A 774 -8.47 32.20 -31.39
CA GLY A 774 -8.28 33.58 -30.95
C GLY A 774 -9.43 34.55 -31.16
N LYS A 775 -10.59 34.08 -31.59
CA LYS A 775 -11.75 34.94 -31.94
C LYS A 775 -12.31 35.72 -30.75
N TYR A 776 -12.25 35.13 -29.58
CA TYR A 776 -12.80 35.76 -28.40
C TYR A 776 -11.80 36.57 -27.58
N LEU A 777 -10.54 36.62 -28.00
CA LEU A 777 -9.49 37.32 -27.24
C LEU A 777 -9.72 38.83 -27.01
N ALA A 778 -10.18 39.54 -28.04
CA ALA A 778 -10.45 40.97 -27.92
C ALA A 778 -11.51 41.24 -26.86
N GLU A 779 -12.55 40.42 -26.85
CA GLU A 779 -13.62 40.50 -25.83
C GLU A 779 -13.16 40.06 -24.40
N LEU A 780 -12.37 38.99 -24.33
CA LEU A 780 -11.74 38.60 -23.08
C LEU A 780 -10.87 39.67 -22.46
N GLN A 781 -10.08 40.34 -23.30
CA GLN A 781 -9.25 41.44 -22.86
C GLN A 781 -10.07 42.68 -22.48
N LYS A 782 -11.14 42.93 -23.21
CA LYS A 782 -12.08 44.03 -22.87
C LYS A 782 -12.76 43.84 -21.49
N ASN A 783 -13.23 42.63 -21.23
CA ASN A 783 -13.96 42.36 -20.00
C ASN A 783 -13.05 41.99 -18.83
N TYR A 784 -11.96 41.29 -19.10
CA TYR A 784 -11.07 40.76 -18.05
C TYR A 784 -9.60 41.09 -18.38
N PRO A 785 -9.25 42.38 -18.35
CA PRO A 785 -7.88 42.76 -18.75
C PRO A 785 -6.77 42.04 -17.98
N ASP A 786 -7.05 41.68 -16.72
CA ASP A 786 -6.11 40.97 -15.84
C ASP A 786 -5.55 39.65 -16.41
N LEU A 787 -6.31 39.01 -17.30
CA LEU A 787 -5.85 37.77 -17.95
C LEU A 787 -4.56 37.97 -18.73
N PHE A 788 -4.39 39.17 -19.30
CA PHE A 788 -3.32 39.49 -20.19
C PHE A 788 -2.34 40.50 -19.60
N THR A 789 -2.47 40.80 -18.30
CA THR A 789 -1.45 41.50 -17.51
C THR A 789 -0.83 40.67 -16.37
N THR A 790 -1.43 39.52 -16.02
CA THR A 790 -0.91 38.66 -14.94
C THR A 790 0.26 37.87 -15.48
N LYS A 791 1.42 38.10 -14.89
CA LYS A 791 2.64 37.46 -15.34
C LYS A 791 2.63 36.00 -14.90
N ALA A 792 2.70 35.06 -15.83
CA ALA A 792 2.81 33.62 -15.52
C ALA A 792 4.09 33.30 -14.76
N ILE A 793 4.04 32.22 -13.98
CA ILE A 793 5.16 31.80 -13.11
C ILE A 793 6.32 31.33 -13.99
N SER A 794 6.05 30.39 -14.90
CA SER A 794 7.11 29.68 -15.62
C SER A 794 7.89 30.60 -16.58
N THR A 795 7.20 31.57 -17.18
CA THR A 795 7.81 32.47 -18.18
C THR A 795 8.12 33.87 -17.68
N GLY A 796 7.44 34.36 -16.67
CA GLY A 796 7.64 35.75 -16.23
C GLY A 796 6.81 36.76 -17.03
N VAL A 797 5.97 36.29 -17.96
CA VAL A 797 5.22 37.20 -18.84
C VAL A 797 3.78 36.76 -18.95
N ALA A 798 2.91 37.76 -19.19
CA ALA A 798 1.49 37.52 -19.34
C ALA A 798 1.22 36.75 -20.61
N PRO A 799 0.10 35.99 -20.68
CA PRO A 799 -0.40 35.47 -21.96
C PRO A 799 -0.61 36.60 -23.00
N ASP A 800 -0.40 36.29 -24.27
CA ASP A 800 -0.31 37.29 -25.33
C ASP A 800 -1.46 37.15 -26.34
N PRO A 801 -2.46 38.05 -26.27
CA PRO A 801 -3.63 37.99 -27.13
C PRO A 801 -3.49 38.75 -28.45
N THR A 802 -2.34 39.36 -28.72
CA THR A 802 -2.15 40.11 -29.97
C THR A 802 -1.86 39.21 -31.18
N VAL A 803 -1.62 37.91 -30.95
CA VAL A 803 -1.47 36.95 -32.05
C VAL A 803 -2.58 35.91 -31.93
N ARG A 804 -3.26 35.67 -33.04
CA ARG A 804 -4.31 34.65 -33.08
C ARG A 804 -3.69 33.41 -33.69
N ILE A 805 -3.89 32.24 -33.07
CA ILE A 805 -3.51 30.98 -33.70
C ILE A 805 -4.65 30.48 -34.60
N ASN A 806 -4.50 30.71 -35.91
CA ASN A 806 -5.47 30.23 -36.90
C ASN A 806 -5.07 28.86 -37.43
N LYS A 807 -3.80 28.49 -37.28
CA LYS A 807 -3.28 27.20 -37.76
C LYS A 807 -2.12 26.76 -36.89
N TRP A 808 -2.12 25.49 -36.49
CA TRP A 808 -1.05 24.98 -35.64
C TRP A 808 0.12 24.67 -36.55
N SER A 809 1.32 24.90 -36.02
CA SER A 809 2.55 24.47 -36.65
C SER A 809 3.64 24.24 -35.58
N ALA A 810 4.82 23.85 -36.03
CA ALA A 810 5.89 23.40 -35.15
C ALA A 810 6.32 24.43 -34.12
N LYS A 811 6.29 25.70 -34.51
CA LYS A 811 6.69 26.77 -33.60
C LYS A 811 5.85 26.86 -32.32
N TYR A 812 4.71 26.20 -32.29
CA TYR A 812 3.87 26.11 -31.11
C TYR A 812 3.93 24.74 -30.43
N GLN A 813 4.93 23.93 -30.78
CA GLN A 813 5.02 22.55 -30.36
C GLN A 813 6.40 22.30 -29.75
N ASN A 814 6.43 21.54 -28.65
CA ASN A 814 7.67 21.09 -28.03
C ASN A 814 8.34 19.96 -28.79
N GLY A 815 7.56 19.17 -29.51
CA GLY A 815 8.07 17.98 -30.18
C GLY A 815 6.95 17.03 -30.50
N THR A 816 7.32 15.82 -30.84
CA THR A 816 6.34 14.79 -31.18
C THR A 816 6.85 13.44 -30.78
N SER A 817 5.93 12.52 -30.48
CA SER A 817 6.27 11.11 -30.43
C SER A 817 6.60 10.66 -31.84
N LEU A 818 7.41 9.61 -31.92
CA LEU A 818 7.94 9.13 -33.19
C LEU A 818 6.83 8.91 -34.20
N GLN A 819 6.94 9.51 -35.39
CA GLN A 819 5.81 9.48 -36.35
C GLN A 819 5.80 8.31 -37.32
N ASN A 820 6.77 7.41 -37.20
CA ASN A 820 6.89 6.24 -38.09
C ASN A 820 7.10 6.58 -39.58
N ILE A 821 7.86 7.64 -39.85
CA ILE A 821 8.19 8.02 -41.23
C ILE A 821 9.67 7.82 -41.62
N GLY A 822 10.60 7.94 -40.67
CA GLY A 822 12.03 7.76 -40.93
C GLY A 822 12.81 9.07 -40.79
N ILE A 823 14.06 8.95 -40.35
CA ILE A 823 14.89 10.10 -40.04
C ILE A 823 15.74 10.51 -41.23
N GLY A 824 15.84 9.66 -42.24
CA GLY A 824 16.69 9.93 -43.42
C GLY A 824 15.96 10.35 -44.70
N LEU A 825 14.65 10.67 -44.62
CA LEU A 825 13.92 11.13 -45.81
C LEU A 825 14.52 12.36 -46.48
N ALA A 826 15.11 13.25 -45.68
CA ALA A 826 15.66 14.51 -46.16
C ALA A 826 16.89 14.32 -47.03
N VAL A 827 16.75 14.72 -48.30
CA VAL A 827 17.80 14.51 -49.30
C VAL A 827 19.07 15.31 -48.94
N LYS A 828 20.18 14.60 -48.86
CA LYS A 828 21.51 15.21 -48.73
C LYS A 828 22.35 14.89 -49.96
N LEU A 829 23.18 15.86 -50.36
CA LEU A 829 24.17 15.62 -51.42
C LEU A 829 25.31 14.77 -50.87
N ALA A 830 26.22 14.36 -51.77
CA ALA A 830 27.37 13.52 -51.40
C ALA A 830 28.15 14.11 -50.21
N ASN A 831 28.43 15.41 -50.29
CA ASN A 831 29.15 16.17 -49.23
C ASN A 831 28.39 16.45 -47.92
N GLY A 832 27.16 15.96 -47.75
CA GLY A 832 26.38 16.21 -46.54
C GLY A 832 25.50 17.45 -46.61
N ASP A 833 25.66 18.30 -47.62
CA ASP A 833 24.79 19.48 -47.75
C ASP A 833 23.34 19.04 -48.00
N TYR A 834 22.39 19.63 -47.28
CA TYR A 834 20.98 19.44 -47.59
C TYR A 834 20.67 20.01 -48.98
N ALA A 835 19.95 19.24 -49.78
CA ALA A 835 19.38 19.74 -51.00
C ALA A 835 18.35 20.81 -50.61
N TYR A 836 18.22 21.82 -51.46
CA TYR A 836 17.34 22.94 -51.18
C TYR A 836 16.82 23.52 -52.46
N LEU A 837 15.53 23.83 -52.46
CA LEU A 837 14.91 24.54 -53.57
C LEU A 837 14.59 25.95 -53.12
N ASN A 838 15.33 26.91 -53.67
CA ASN A 838 15.04 28.32 -53.47
C ASN A 838 13.90 28.71 -54.41
N SER A 839 12.76 29.06 -53.83
CA SER A 839 11.59 29.33 -54.61
C SER A 839 10.50 29.74 -53.64
N GLY A 840 9.76 30.78 -54.02
CA GLY A 840 8.66 31.26 -53.17
C GLY A 840 9.19 31.95 -51.92
N ASP A 841 8.71 31.51 -50.78
CA ASP A 841 9.12 32.05 -49.49
C ASP A 841 10.25 31.23 -48.83
N ASN A 842 10.82 30.26 -49.54
CA ASN A 842 11.93 29.43 -49.04
C ASN A 842 13.28 29.95 -49.57
N LYS A 843 13.92 30.81 -48.77
CA LYS A 843 15.11 31.58 -49.17
C LYS A 843 16.35 31.32 -48.29
N ALA A 844 16.36 30.21 -47.55
CA ALA A 844 17.41 29.92 -46.58
C ALA A 844 18.77 29.67 -47.22
N PHE A 845 18.77 29.05 -48.38
CA PHE A 845 19.97 28.78 -49.18
C PHE A 845 19.65 29.02 -50.65
N ASN A 846 20.70 29.10 -51.46
CA ASN A 846 20.54 28.99 -52.90
C ASN A 846 20.17 27.59 -53.28
N THR A 847 19.53 27.48 -54.43
CA THR A 847 19.05 26.22 -54.94
C THR A 847 20.25 25.30 -55.07
N LEU A 848 20.15 24.11 -54.48
CA LEU A 848 21.20 23.12 -54.58
C LEU A 848 20.51 21.78 -54.70
N LEU A 849 20.66 21.14 -55.85
CA LEU A 849 19.96 19.88 -56.15
C LEU A 849 20.97 18.80 -56.52
N PRO A 850 20.61 17.52 -56.32
CA PRO A 850 21.46 16.40 -56.72
C PRO A 850 21.79 16.42 -58.23
N THR A 851 22.97 15.93 -58.59
CA THR A 851 23.46 16.08 -59.96
C THR A 851 22.64 15.25 -60.97
N ALA A 852 22.03 14.16 -60.52
CA ALA A 852 21.17 13.30 -61.35
C ALA A 852 19.99 14.02 -62.03
N ILE A 853 19.52 15.08 -61.39
CA ILE A 853 18.36 15.86 -61.84
C ILE A 853 18.79 17.32 -62.01
N SER A 854 20.05 17.44 -62.42
CA SER A 854 21.02 18.53 -62.13
C SER A 854 20.55 19.77 -61.39
N MET B 1 -17.48 -46.55 66.18
CA MET B 1 -18.14 -47.54 65.29
C MET B 1 -17.15 -48.64 64.92
N GLY B 2 -17.64 -49.81 64.51
CA GLY B 2 -16.77 -50.85 63.94
C GLY B 2 -16.23 -50.48 62.55
N PRO B 3 -15.14 -51.13 62.10
CA PRO B 3 -14.61 -50.74 60.80
C PRO B 3 -15.56 -51.03 59.62
N GLY B 4 -15.49 -50.19 58.60
CA GLY B 4 -16.40 -50.26 57.45
C GLY B 4 -16.20 -49.17 56.42
N THR B 5 -17.13 -49.11 55.47
CA THR B 5 -17.12 -48.16 54.38
C THR B 5 -17.22 -46.69 54.80
N TRP B 6 -17.67 -46.39 56.00
CA TRP B 6 -17.63 -45.00 56.51
C TRP B 6 -16.21 -44.41 56.56
N GLU B 7 -15.19 -45.25 56.58
CA GLU B 7 -13.81 -44.79 56.58
C GLU B 7 -13.36 -44.14 55.26
N ASN B 8 -14.17 -44.29 54.21
CA ASN B 8 -14.06 -43.48 53.00
C ASN B 8 -14.18 -42.00 53.29
N MET B 9 -14.74 -41.60 54.43
CA MET B 9 -14.85 -40.16 54.77
C MET B 9 -13.46 -39.54 54.81
N ALA B 10 -13.37 -38.25 54.56
CA ALA B 10 -12.13 -37.52 54.75
C ALA B 10 -11.63 -37.65 56.19
N PHE B 11 -10.32 -37.86 56.37
CA PHE B 11 -9.69 -37.99 57.71
C PHE B 11 -9.99 -36.80 58.59
N ALA B 12 -10.03 -35.63 57.98
CA ALA B 12 -10.48 -34.43 58.65
C ALA B 12 -11.05 -33.44 57.63
N GLN B 13 -11.93 -32.56 58.11
CA GLN B 13 -12.62 -31.61 57.26
C GLN B 13 -11.82 -30.30 57.18
N ASP B 14 -10.56 -30.39 56.74
CA ASP B 14 -9.69 -29.22 56.57
C ASP B 14 -8.58 -29.49 55.56
N SER B 15 -7.75 -28.48 55.26
CA SER B 15 -6.70 -28.64 54.26
C SER B 15 -5.60 -29.68 54.55
N SER B 16 -5.48 -30.14 55.80
CA SER B 16 -4.56 -31.23 56.12
C SER B 16 -4.98 -32.56 55.52
N ALA B 17 -6.27 -32.76 55.22
CA ALA B 17 -6.75 -34.03 54.63
C ALA B 17 -7.48 -33.85 53.30
N ILE B 18 -7.79 -32.61 52.91
CA ILE B 18 -8.50 -32.35 51.68
C ILE B 18 -7.83 -31.20 50.89
N ASN B 19 -7.27 -31.51 49.72
CA ASN B 19 -6.79 -30.43 48.89
C ASN B 19 -7.95 -29.61 48.39
N ASN B 20 -7.74 -28.30 48.33
CA ASN B 20 -8.77 -27.37 47.93
C ASN B 20 -8.16 -26.07 47.44
N ILE B 21 -8.95 -25.36 46.63
CA ILE B 21 -8.52 -24.15 46.00
C ILE B 21 -9.56 -23.12 46.41
N ASP B 22 -9.17 -22.27 47.36
CA ASP B 22 -10.05 -21.29 47.99
C ASP B 22 -11.35 -21.91 48.52
N GLY B 23 -11.23 -23.10 49.12
CA GLY B 23 -12.40 -23.84 49.63
C GLY B 23 -13.15 -24.74 48.63
N TYR B 24 -12.93 -24.53 47.33
CA TYR B 24 -13.51 -25.36 46.26
C TYR B 24 -12.62 -26.60 46.04
N LEU B 25 -13.24 -27.67 45.55
CA LEU B 25 -12.59 -28.95 45.27
C LEU B 25 -12.40 -29.16 43.79
N SER B 26 -11.27 -29.80 43.43
CA SER B 26 -11.03 -30.22 42.06
C SER B 26 -11.07 -31.72 41.91
N TYR B 27 -11.71 -32.22 40.86
CA TYR B 27 -11.75 -33.66 40.59
C TYR B 27 -10.37 -34.29 40.41
N THR B 28 -9.38 -33.54 39.91
CA THR B 28 -8.02 -34.07 39.76
C THR B 28 -7.15 -34.01 41.01
N ASP B 29 -7.64 -33.37 42.08
CA ASP B 29 -6.96 -33.36 43.37
C ASP B 29 -7.19 -34.66 44.19
N TRP B 30 -6.48 -34.73 45.31
CA TRP B 30 -6.40 -35.90 46.16
C TRP B 30 -6.88 -35.51 47.55
N TYR B 31 -7.22 -36.51 48.33
CA TYR B 31 -7.55 -36.32 49.74
C TYR B 31 -7.05 -37.51 50.54
N ARG B 32 -6.99 -37.35 51.85
CA ARG B 32 -6.64 -38.44 52.76
C ARG B 32 -7.94 -39.03 53.42
N PRO B 33 -8.36 -40.26 53.05
CA PRO B 33 -9.54 -40.86 53.75
C PRO B 33 -9.16 -41.29 55.14
N TYR B 34 -10.16 -41.60 55.97
CA TYR B 34 -9.90 -42.08 57.33
C TYR B 34 -9.25 -43.47 57.31
N GLY B 35 -9.72 -44.32 56.41
CA GLY B 35 -9.06 -45.60 56.15
C GLY B 35 -9.36 -46.17 54.80
N THR B 36 -8.72 -47.28 54.49
CA THR B 36 -8.83 -47.95 53.18
C THR B 36 -8.90 -49.46 53.32
N SER B 37 -9.43 -50.13 52.30
CA SER B 37 -9.50 -51.57 52.28
C SER B 37 -9.17 -52.18 50.93
N GLN B 38 -8.50 -53.32 50.97
CA GLN B 38 -8.24 -54.15 49.81
C GLN B 38 -9.32 -55.20 49.52
N ASP B 39 -10.25 -55.46 50.44
CA ASP B 39 -11.29 -56.51 50.27
C ASP B 39 -12.75 -56.20 50.74
N GLY B 40 -13.00 -55.06 51.37
CA GLY B 40 -14.28 -54.78 52.05
C GLY B 40 -14.42 -55.31 53.45
N LYS B 41 -13.53 -56.22 53.86
CA LYS B 41 -13.59 -56.88 55.17
C LYS B 41 -12.65 -56.20 56.16
N THR B 42 -11.37 -56.03 55.81
CA THR B 42 -10.41 -55.46 56.76
C THR B 42 -10.04 -54.04 56.32
N TRP B 43 -10.04 -53.12 57.28
CA TRP B 43 -9.86 -51.69 57.03
C TRP B 43 -8.71 -51.17 57.85
N TYR B 44 -7.73 -50.57 57.16
CA TYR B 44 -6.56 -49.98 57.79
C TYR B 44 -6.66 -48.45 57.83
N LYS B 45 -6.32 -47.87 58.97
CA LYS B 45 -6.25 -46.41 59.06
C LYS B 45 -5.12 -45.88 58.19
N THR B 46 -5.34 -44.72 57.59
CA THR B 46 -4.34 -44.04 56.79
C THR B 46 -3.29 -43.37 57.70
N THR B 47 -2.03 -43.42 57.29
CA THR B 47 -1.00 -42.52 57.82
C THR B 47 -1.14 -41.20 57.07
N ALA B 48 -0.38 -40.21 57.53
CA ALA B 48 -0.38 -38.86 56.93
C ALA B 48 0.09 -38.83 55.47
N MET B 49 0.73 -39.92 55.04
CA MET B 49 1.23 -40.09 53.68
C MET B 49 0.29 -40.85 52.72
N ASP B 50 -0.78 -41.45 53.24
CA ASP B 50 -1.67 -42.27 52.42
C ASP B 50 -2.82 -41.40 51.88
N TRP B 51 -2.58 -40.74 50.75
CA TRP B 51 -3.61 -39.92 50.09
C TRP B 51 -4.13 -40.65 48.89
N ARG B 52 -5.33 -40.30 48.46
CA ARG B 52 -5.94 -40.96 47.30
C ARG B 52 -6.60 -39.96 46.35
N PRO B 53 -6.59 -40.25 45.03
CA PRO B 53 -7.27 -39.36 44.07
C PRO B 53 -8.78 -39.31 44.32
N LEU B 54 -9.34 -38.11 44.31
CA LEU B 54 -10.78 -37.93 44.42
C LEU B 54 -11.58 -38.68 43.37
N LEU B 55 -11.00 -38.88 42.19
CA LEU B 55 -11.68 -39.61 41.10
C LEU B 55 -11.91 -41.09 41.35
N MET B 56 -11.33 -41.66 42.40
CA MET B 56 -11.67 -43.01 42.85
C MET B 56 -13.01 -43.06 43.58
N TYR B 57 -13.45 -41.90 44.07
CA TYR B 57 -14.65 -41.75 44.95
C TYR B 57 -15.77 -40.82 44.42
N ILE B 58 -15.41 -39.80 43.62
CA ILE B 58 -16.41 -38.87 43.10
C ILE B 58 -16.18 -38.55 41.64
N TRP B 59 -17.28 -38.17 40.99
CA TRP B 59 -17.29 -37.89 39.57
C TRP B 59 -18.32 -36.77 39.29
N PRO B 60 -18.11 -36.03 38.20
CA PRO B 60 -19.10 -35.00 37.85
C PRO B 60 -20.46 -35.53 37.38
N SER B 61 -20.53 -36.79 37.00
CA SER B 61 -21.77 -37.40 36.51
C SER B 61 -21.69 -38.93 36.56
N LYS B 62 -22.87 -39.55 36.46
CA LYS B 62 -23.01 -40.95 36.15
C LYS B 62 -22.14 -41.40 34.97
N ASP B 63 -22.23 -40.65 33.88
CA ASP B 63 -21.50 -40.95 32.68
C ASP B 63 -20.01 -41.10 32.99
N VAL B 64 -19.43 -40.06 33.60
CA VAL B 64 -17.99 -40.04 33.90
C VAL B 64 -17.58 -41.18 34.89
N GLN B 65 -18.45 -41.49 35.83
CA GLN B 65 -18.23 -42.60 36.75
C GLN B 65 -18.13 -43.93 36.00
N ALA B 66 -19.05 -44.14 35.05
CA ALA B 66 -19.02 -45.32 34.18
C ALA B 66 -17.74 -45.39 33.34
N GLN B 67 -17.30 -44.24 32.81
CA GLN B 67 -16.03 -44.18 32.08
C GLN B 67 -14.84 -44.53 32.99
N PHE B 68 -14.84 -44.02 34.22
CA PHE B 68 -13.76 -44.30 35.18
C PHE B 68 -13.63 -45.80 35.46
N ILE B 69 -14.77 -46.46 35.70
CA ILE B 69 -14.82 -47.89 35.92
C ILE B 69 -14.35 -48.66 34.67
N LYS B 70 -14.98 -48.38 33.53
CA LYS B 70 -14.56 -48.93 32.23
C LYS B 70 -13.06 -48.78 31.97
N TYR B 71 -12.55 -47.57 32.15
CA TYR B 71 -11.15 -47.27 31.86
C TYR B 71 -10.17 -48.07 32.72
N PHE B 72 -10.40 -48.07 34.04
CA PHE B 72 -9.48 -48.71 34.99
C PHE B 72 -9.47 -50.23 34.81
N VAL B 73 -10.65 -50.83 34.61
CA VAL B 73 -10.75 -52.27 34.37
C VAL B 73 -10.01 -52.67 33.06
N ASN B 74 -10.07 -51.83 32.04
CA ASN B 74 -9.33 -52.07 30.80
C ASN B 74 -7.84 -51.68 30.84
N ASN B 75 -7.39 -51.00 31.89
CA ASN B 75 -5.99 -50.59 32.02
C ASN B 75 -5.32 -51.05 33.33
N GLY B 76 -5.40 -52.35 33.61
CA GLY B 76 -4.62 -52.98 34.69
C GLY B 76 -5.30 -53.25 36.01
N TYR B 77 -6.61 -52.99 36.09
CA TYR B 77 -7.36 -53.17 37.35
C TYR B 77 -8.54 -54.12 37.15
N GLU B 78 -8.27 -55.23 36.47
CA GLU B 78 -9.25 -56.27 36.21
C GLU B 78 -9.17 -57.26 37.34
N ASN B 79 -10.32 -57.68 37.87
CA ASN B 79 -10.38 -58.74 38.88
C ASN B 79 -11.76 -59.44 38.89
N ALA B 80 -11.77 -60.67 38.37
CA ALA B 80 -13.01 -61.47 38.21
C ALA B 80 -13.72 -61.81 39.53
N ASN B 81 -12.96 -61.91 40.61
CA ASN B 81 -13.51 -62.17 41.94
C ASN B 81 -14.36 -61.00 42.49
N TYR B 82 -14.13 -59.78 41.99
CA TYR B 82 -14.85 -58.58 42.42
C TYR B 82 -15.79 -58.01 41.33
N GLY B 83 -16.18 -58.85 40.37
CA GLY B 83 -17.16 -58.50 39.35
C GLY B 83 -16.69 -57.48 38.33
N LEU B 84 -15.37 -57.45 38.13
CA LEU B 84 -14.73 -56.43 37.28
C LEU B 84 -13.82 -57.10 36.25
N THR B 85 -14.45 -57.60 35.18
CA THR B 85 -13.75 -58.12 34.00
C THR B 85 -13.99 -57.15 32.84
N LYS B 86 -13.35 -57.40 31.70
CA LYS B 86 -13.56 -56.55 30.51
C LYS B 86 -15.02 -56.61 30.08
N ASP B 87 -15.58 -57.82 30.06
CA ASP B 87 -17.05 -58.02 29.94
C ASP B 87 -17.62 -57.71 31.32
N THR B 88 -18.81 -57.13 31.38
CA THR B 88 -19.46 -56.67 32.65
C THR B 88 -19.26 -55.16 32.73
N VAL B 89 -18.03 -54.75 32.51
CA VAL B 89 -17.69 -53.36 32.30
C VAL B 89 -18.03 -52.99 30.84
N ALA B 90 -17.96 -53.97 29.94
CA ALA B 90 -18.19 -53.81 28.48
C ALA B 90 -19.21 -52.75 28.08
N ASN B 91 -20.39 -52.80 28.68
CA ASN B 91 -21.53 -51.98 28.24
C ASN B 91 -22.18 -51.11 29.32
N ILE B 92 -21.47 -50.87 30.43
CA ILE B 92 -21.95 -49.92 31.44
C ILE B 92 -21.78 -48.50 30.92
N ASN B 93 -22.63 -47.61 31.41
CA ASN B 93 -22.72 -46.23 30.92
C ASN B 93 -23.57 -45.40 31.90
N LYS B 94 -23.92 -44.17 31.53
CA LYS B 94 -24.75 -43.31 32.38
C LYS B 94 -26.12 -43.87 32.77
N ASP B 95 -26.68 -44.74 31.93
CA ASP B 95 -27.99 -45.37 32.17
C ASP B 95 -27.94 -46.67 32.96
N THR B 96 -26.75 -47.13 33.34
CA THR B 96 -26.63 -48.26 34.24
C THR B 96 -27.22 -47.88 35.60
N ASN B 97 -27.92 -48.83 36.23
CA ASN B 97 -28.53 -48.66 37.53
C ASN B 97 -27.55 -48.07 38.56
N THR B 98 -28.01 -47.08 39.34
CA THR B 98 -27.12 -46.29 40.20
C THR B 98 -26.42 -47.11 41.28
N THR B 99 -27.15 -48.05 41.88
CA THR B 99 -26.57 -48.85 42.96
C THR B 99 -25.58 -49.91 42.44
N VAL B 100 -25.72 -50.39 41.20
CA VAL B 100 -24.70 -51.30 40.64
C VAL B 100 -23.42 -50.53 40.28
N LEU B 101 -23.56 -49.29 39.80
CA LEU B 101 -22.40 -48.40 39.56
C LEU B 101 -21.62 -48.11 40.84
N ALA B 102 -22.33 -47.82 41.93
CA ALA B 102 -21.71 -47.50 43.22
C ALA B 102 -20.92 -48.70 43.75
N ASN B 103 -21.52 -49.86 43.58
CA ASN B 103 -20.98 -51.14 43.99
C ASN B 103 -19.76 -51.52 43.13
N MET B 104 -19.89 -51.42 41.81
CA MET B 104 -18.75 -51.59 40.93
C MET B 104 -17.58 -50.68 41.34
N ALA B 105 -17.88 -49.42 41.61
CA ALA B 105 -16.86 -48.46 42.04
C ALA B 105 -16.25 -48.80 43.40
N GLN B 106 -17.09 -49.25 44.34
CA GLN B 106 -16.55 -49.65 45.64
C GLN B 106 -15.61 -50.83 45.47
N ASN B 107 -16.01 -51.81 44.66
CA ASN B 107 -15.19 -52.99 44.44
C ASN B 107 -13.91 -52.62 43.70
N LEU B 108 -14.01 -51.68 42.78
CA LEU B 108 -12.85 -51.15 42.10
C LEU B 108 -11.81 -50.56 43.08
N ARG B 109 -12.26 -49.82 44.09
CA ARG B 109 -11.33 -49.31 45.11
C ARG B 109 -10.57 -50.41 45.81
N TYR B 110 -11.24 -51.53 46.06
CA TYR B 110 -10.57 -52.68 46.64
C TYR B 110 -9.47 -53.18 45.67
N VAL B 111 -9.80 -53.25 44.39
CA VAL B 111 -8.88 -53.70 43.37
C VAL B 111 -7.72 -52.70 43.19
N ILE B 112 -8.02 -51.40 43.29
CA ILE B 112 -6.99 -50.35 43.25
C ILE B 112 -6.10 -50.44 44.47
N GLU B 113 -6.68 -50.66 45.66
CA GLU B 113 -5.90 -50.80 46.88
C GLU B 113 -4.95 -52.03 46.85
N GLN B 114 -5.35 -53.12 46.17
CA GLN B 114 -4.47 -54.26 45.90
C GLN B 114 -3.30 -53.91 44.98
N SER B 115 -3.57 -53.09 43.96
CA SER B 115 -2.52 -52.58 43.06
C SER B 115 -1.51 -51.69 43.78
N ILE B 116 -2.03 -50.77 44.60
CA ILE B 116 -1.21 -49.90 45.46
C ILE B 116 -0.27 -50.75 46.34
N ALA B 117 -0.81 -51.79 46.95
CA ALA B 117 -0.02 -52.69 47.80
C ALA B 117 1.04 -53.44 46.97
N ALA B 118 0.63 -53.92 45.80
CA ALA B 118 1.50 -54.71 44.93
C ALA B 118 2.63 -53.85 44.35
N ASN B 119 2.37 -52.57 44.12
CA ASN B 119 3.37 -51.63 43.60
C ASN B 119 3.96 -50.72 44.69
N LYS B 120 3.70 -51.05 45.97
CA LYS B 120 4.26 -50.34 47.13
C LYS B 120 4.22 -48.79 47.02
N GLY B 121 3.08 -48.23 46.60
CA GLY B 121 2.91 -46.79 46.44
C GLY B 121 1.90 -46.41 45.38
N THR B 122 1.66 -45.12 45.25
CA THR B 122 0.55 -44.62 44.43
C THR B 122 0.99 -44.04 43.07
N SER B 123 2.22 -44.33 42.65
CA SER B 123 2.80 -43.68 41.46
C SER B 123 2.11 -44.09 40.13
N LYS B 124 1.94 -45.40 39.93
CA LYS B 124 1.19 -45.91 38.76
C LYS B 124 -0.25 -45.38 38.77
N LEU B 125 -0.88 -45.47 39.95
CA LEU B 125 -2.24 -44.97 40.14
C LEU B 125 -2.34 -43.52 39.70
N ALA B 126 -1.43 -42.69 40.22
CA ALA B 126 -1.39 -41.26 39.85
C ALA B 126 -1.38 -41.00 38.35
N ASN B 127 -0.59 -41.80 37.62
CA ASN B 127 -0.50 -41.67 36.13
C ASN B 127 -1.73 -42.18 35.39
N ASP B 128 -2.30 -43.28 35.91
CA ASP B 128 -3.55 -43.80 35.38
C ASP B 128 -4.69 -42.79 35.55
N ILE B 129 -4.70 -42.05 36.66
CA ILE B 129 -5.70 -41.01 36.89
C ILE B 129 -5.49 -39.86 35.89
N ASN B 130 -4.26 -39.41 35.73
CA ASN B 130 -3.96 -38.35 34.74
C ASN B 130 -4.34 -38.77 33.31
N SER B 131 -3.99 -39.99 32.92
CA SER B 131 -4.36 -40.53 31.60
C SER B 131 -5.87 -40.61 31.42
N PHE B 132 -6.56 -41.14 32.43
CA PHE B 132 -8.03 -41.11 32.42
C PHE B 132 -8.61 -39.69 32.27
N ALA B 133 -8.15 -38.76 33.10
CA ALA B 133 -8.70 -37.37 33.09
C ALA B 133 -8.61 -36.72 31.73
N ALA B 134 -7.48 -36.92 31.09
CA ALA B 134 -7.26 -36.45 29.72
C ALA B 134 -8.28 -37.00 28.67
N THR B 135 -8.93 -38.14 28.95
CA THR B 135 -9.96 -38.65 28.04
C THR B 135 -11.34 -38.05 28.27
N VAL B 136 -11.51 -37.26 29.34
CA VAL B 136 -12.83 -36.72 29.74
C VAL B 136 -12.83 -35.21 29.44
N PRO B 137 -13.65 -34.75 28.47
CA PRO B 137 -13.62 -33.32 28.07
C PRO B 137 -13.73 -32.29 29.20
N GLU B 138 -14.70 -32.46 30.10
CA GLU B 138 -14.83 -31.50 31.22
C GLU B 138 -13.63 -31.50 32.22
N LEU B 139 -12.78 -32.52 32.18
CA LEU B 139 -11.57 -32.57 33.04
C LEU B 139 -10.29 -32.33 32.24
N SER B 140 -10.40 -31.68 31.10
CA SER B 140 -9.24 -31.48 30.21
C SER B 140 -9.52 -30.29 29.27
N ALA B 141 -8.53 -29.94 28.46
CA ALA B 141 -8.52 -28.69 27.68
C ALA B 141 -9.76 -28.46 26.80
N SER B 142 -10.25 -29.50 26.15
CA SER B 142 -11.28 -29.29 25.11
C SER B 142 -12.57 -28.62 25.61
N SER B 143 -12.95 -28.82 26.87
CA SER B 143 -14.13 -28.12 27.42
C SER B 143 -13.94 -26.59 27.54
N GLU B 144 -12.70 -26.09 27.50
CA GLU B 144 -12.46 -24.66 27.48
C GLU B 144 -12.96 -23.95 26.21
N LEU B 145 -13.23 -24.72 25.14
CA LEU B 145 -13.78 -24.22 23.84
C LEU B 145 -12.78 -23.36 23.01
N SER B 146 -11.67 -23.95 22.62
CA SER B 146 -10.72 -23.30 21.73
C SER B 146 -11.32 -23.09 20.34
N LEU B 147 -11.01 -21.95 19.72
CA LEU B 147 -11.36 -21.71 18.30
C LEU B 147 -10.69 -22.68 17.36
N GLN B 148 -9.60 -23.31 17.80
CA GLN B 148 -8.93 -24.37 17.05
C GLN B 148 -9.80 -25.57 16.67
N SER B 149 -10.91 -25.77 17.37
CA SER B 149 -11.82 -26.87 17.08
C SER B 149 -12.90 -26.55 16.03
N MET B 150 -13.01 -25.29 15.61
CA MET B 150 -13.95 -24.89 14.54
C MET B 150 -13.66 -25.67 13.26
N PRO B 151 -14.67 -25.87 12.40
CA PRO B 151 -14.49 -26.70 11.19
C PRO B 151 -13.58 -26.01 10.17
N ASN B 152 -12.65 -26.76 9.58
CA ASN B 152 -11.68 -26.21 8.60
C ASN B 152 -10.87 -25.02 9.23
N TYR B 153 -10.52 -25.14 10.52
CA TYR B 153 -9.75 -24.09 11.20
C TYR B 153 -8.43 -23.90 10.47
N ARG B 154 -8.06 -22.63 10.29
CA ARG B 154 -6.78 -22.24 9.72
C ARG B 154 -5.91 -21.66 10.83
N PRO B 155 -4.77 -22.33 11.15
CA PRO B 155 -3.94 -21.80 12.25
C PRO B 155 -3.37 -20.44 11.93
N ASP B 156 -3.16 -19.65 12.96
CA ASP B 156 -2.66 -18.30 12.82
C ASP B 156 -1.15 -18.34 13.03
N LYS B 157 -0.44 -17.77 12.06
CA LYS B 157 1.02 -17.68 12.04
C LYS B 157 1.64 -16.94 13.23
N SER B 158 0.86 -16.10 13.91
CA SER B 158 1.31 -15.47 15.17
C SER B 158 1.67 -16.46 16.28
N GLY B 159 1.13 -17.66 16.21
CA GLY B 159 1.33 -18.62 17.28
C GLY B 159 0.54 -18.38 18.56
N THR B 160 -0.41 -17.43 18.54
CA THR B 160 -1.34 -17.22 19.67
C THR B 160 -2.73 -17.24 19.05
N ILE B 161 -3.74 -17.60 19.83
CA ILE B 161 -5.12 -17.58 19.35
C ILE B 161 -5.82 -16.44 20.07
N ASP B 162 -6.05 -15.34 19.35
CA ASP B 162 -6.50 -14.07 19.95
C ASP B 162 -7.76 -14.20 20.79
N SER B 163 -8.73 -14.92 20.24
CA SER B 163 -9.99 -15.11 20.87
C SER B 163 -10.13 -16.43 21.72
N ASP B 164 -9.01 -17.06 22.09
CA ASP B 164 -8.97 -18.09 23.15
C ASP B 164 -8.69 -17.45 24.51
N GLN B 165 -9.75 -16.89 25.10
CA GLN B 165 -9.67 -16.07 26.29
C GLN B 165 -10.85 -16.32 27.23
N VAL B 166 -10.59 -15.91 28.47
CA VAL B 166 -11.55 -15.93 29.52
C VAL B 166 -11.38 -14.63 30.33
N ILE B 167 -12.48 -13.94 30.67
CA ILE B 167 -12.39 -12.80 31.61
C ILE B 167 -12.69 -13.25 33.03
N PHE B 168 -12.08 -12.55 33.99
CA PHE B 168 -12.40 -12.72 35.38
C PHE B 168 -13.47 -11.69 35.71
N VAL B 169 -14.61 -12.17 36.21
CA VAL B 169 -15.71 -11.32 36.63
C VAL B 169 -15.93 -11.40 38.15
N ASN B 170 -16.70 -10.45 38.66
CA ASN B 170 -17.04 -10.41 40.07
C ASN B 170 -18.10 -11.45 40.42
N ASN B 171 -17.98 -12.02 41.62
CA ASN B 171 -18.94 -13.01 42.11
C ASN B 171 -18.90 -13.07 43.65
N ASN B 172 -19.81 -12.32 44.25
CA ASN B 172 -20.01 -12.28 45.69
C ASN B 172 -21.36 -12.88 46.06
N SER B 173 -21.77 -13.93 45.37
CA SER B 173 -23.09 -14.55 45.56
C SER B 173 -23.14 -15.40 46.84
N LYS B 174 -24.33 -15.51 47.43
CA LYS B 174 -24.61 -16.44 48.53
C LYS B 174 -25.28 -17.71 48.01
N ASP B 175 -25.61 -17.74 46.71
CA ASP B 175 -26.23 -18.89 46.07
C ASP B 175 -25.17 -19.96 45.87
N PRO B 176 -25.30 -21.12 46.54
CA PRO B 176 -24.29 -22.16 46.38
C PRO B 176 -24.14 -22.76 44.96
N ARG B 177 -25.15 -22.60 44.09
CA ARG B 177 -25.03 -23.04 42.69
C ARG B 177 -24.19 -22.08 41.85
N LYS B 178 -24.03 -20.85 42.30
CA LYS B 178 -23.11 -19.86 41.67
C LYS B 178 -21.72 -19.79 42.31
N GLY B 179 -21.62 -20.15 43.58
CA GLY B 179 -20.39 -19.99 44.31
C GLY B 179 -20.05 -18.54 44.60
N ASN B 180 -18.84 -18.34 45.08
CA ASN B 180 -18.38 -17.04 45.54
C ASN B 180 -16.85 -17.01 45.41
N THR B 181 -16.34 -16.00 44.70
CA THR B 181 -14.89 -15.77 44.55
C THR B 181 -14.58 -14.30 44.84
N SER B 182 -15.13 -13.78 45.93
CA SER B 182 -15.15 -12.32 46.19
C SER B 182 -13.76 -11.73 46.41
N TYR B 183 -12.83 -12.55 46.86
CA TYR B 183 -11.40 -12.18 47.00
C TYR B 183 -10.72 -11.79 45.66
N ALA B 184 -11.35 -12.16 44.53
CA ALA B 184 -10.91 -11.80 43.18
C ALA B 184 -11.81 -10.77 42.51
N ASP B 185 -12.74 -10.19 43.27
CA ASP B 185 -13.54 -9.04 42.78
C ASP B 185 -12.69 -7.79 42.57
N SER B 186 -13.18 -6.91 41.71
CA SER B 186 -12.52 -5.67 41.41
C SER B 186 -13.58 -4.66 41.02
N ASN B 187 -13.37 -3.42 41.44
CA ASN B 187 -14.13 -2.28 40.98
C ASN B 187 -13.52 -1.66 39.73
N TYR B 188 -12.48 -2.25 39.15
CA TYR B 188 -11.81 -1.68 37.98
C TYR B 188 -12.01 -2.60 36.79
N ARG B 189 -10.97 -3.30 36.34
CA ARG B 189 -11.04 -4.05 35.09
C ARG B 189 -11.64 -3.23 33.92
N LEU B 190 -11.29 -1.96 33.81
CA LEU B 190 -11.67 -1.18 32.63
C LEU B 190 -10.89 -1.71 31.42
N MET B 191 -11.57 -2.48 30.57
CA MET B 191 -10.93 -3.18 29.44
C MET B 191 -11.04 -2.37 28.17
N ASN B 192 -10.02 -2.45 27.34
CA ASN B 192 -9.99 -1.79 26.01
C ASN B 192 -9.96 -0.27 26.09
N ARG B 193 -9.35 0.28 27.15
CA ARG B 193 -9.09 1.71 27.25
C ARG B 193 -7.74 1.94 26.59
N THR B 194 -7.71 1.57 25.31
CA THR B 194 -6.51 1.44 24.51
C THR B 194 -6.49 2.50 23.45
N ILE B 195 -5.30 3.06 23.26
CA ILE B 195 -5.01 4.08 22.24
C ILE B 195 -6.01 5.23 22.45
N ASN B 196 -6.78 5.61 21.43
CA ASN B 196 -7.69 6.74 21.53
C ASN B 196 -8.97 6.43 22.34
N ASN B 197 -9.21 5.16 22.70
CA ASN B 197 -10.33 4.82 23.55
C ASN B 197 -10.01 4.86 25.06
N GLN B 198 -8.96 5.59 25.41
CA GLN B 198 -8.53 5.78 26.80
C GLN B 198 -9.64 6.23 27.73
N ALA B 199 -10.40 7.22 27.29
CA ALA B 199 -11.53 7.74 28.03
C ALA B 199 -12.84 6.96 27.87
N GLY B 200 -12.86 5.94 27.01
CA GLY B 200 -14.05 5.12 26.79
C GLY B 200 -15.07 5.70 25.84
N ASN B 201 -14.70 6.72 25.07
CA ASN B 201 -15.60 7.38 24.14
C ASN B 201 -15.06 7.56 22.72
N ASN B 202 -14.13 6.71 22.32
CA ASN B 202 -13.60 6.75 20.95
C ASN B 202 -12.90 5.43 20.64
N ASN B 203 -13.69 4.48 20.13
CA ASN B 203 -13.17 3.16 19.77
C ASN B 203 -12.87 3.05 18.29
N SER B 204 -12.39 4.13 17.66
CA SER B 204 -12.05 4.07 16.26
C SER B 204 -10.86 3.11 15.99
N ASP B 205 -10.01 2.87 16.98
CA ASP B 205 -8.92 1.92 16.82
C ASP B 205 -9.39 0.47 16.97
N ASN B 206 -10.35 0.22 17.87
CA ASN B 206 -10.74 -1.15 18.21
C ASN B 206 -9.55 -2.02 18.52
N SER B 207 -8.66 -1.51 19.35
CA SER B 207 -7.44 -2.21 19.72
C SER B 207 -7.73 -3.09 20.98
N PRO B 208 -7.44 -4.40 20.91
CA PRO B 208 -7.87 -5.36 21.96
C PRO B 208 -7.09 -5.31 23.27
N GLU B 209 -7.81 -5.55 24.37
CA GLU B 209 -7.19 -5.64 25.68
C GLU B 209 -6.35 -6.89 25.80
N LEU B 210 -6.84 -8.01 25.27
CA LEU B 210 -6.20 -9.30 25.55
C LEU B 210 -5.35 -9.78 24.39
N LEU B 211 -4.15 -10.28 24.71
CA LEU B 211 -3.25 -10.90 23.75
C LEU B 211 -3.01 -12.37 24.14
N VAL B 212 -2.26 -12.58 25.21
CA VAL B 212 -1.92 -13.93 25.64
C VAL B 212 -1.46 -13.86 27.09
N GLY B 213 -1.76 -14.92 27.85
CA GLY B 213 -1.31 -15.04 29.22
C GLY B 213 -2.29 -14.48 30.24
N ASN B 214 -1.80 -14.28 31.46
CA ASN B 214 -2.58 -13.60 32.50
C ASN B 214 -2.49 -12.10 32.23
N ASP B 215 -3.59 -11.53 31.74
CA ASP B 215 -3.64 -10.13 31.39
C ASP B 215 -3.80 -9.26 32.64
N ILE B 216 -2.88 -8.32 32.80
CA ILE B 216 -2.79 -7.48 33.99
C ILE B 216 -3.76 -6.32 33.90
N ASP B 217 -4.47 -6.03 35.02
CA ASP B 217 -5.41 -4.91 35.04
C ASP B 217 -4.68 -3.57 35.24
N ASN B 218 -4.17 -3.04 34.14
CA ASN B 218 -3.54 -1.73 34.13
C ASN B 218 -4.49 -0.53 34.31
N SER B 219 -5.81 -0.79 34.46
CA SER B 219 -6.77 0.23 34.96
C SER B 219 -6.85 0.32 36.49
N ASN B 220 -6.32 -0.68 37.20
CA ASN B 220 -6.37 -0.69 38.67
C ASN B 220 -5.34 0.31 39.21
N PRO B 221 -5.75 1.30 40.03
CA PRO B 221 -4.82 2.34 40.47
C PRO B 221 -3.63 1.82 41.27
N VAL B 222 -3.80 0.68 41.94
CA VAL B 222 -2.71 0.07 42.68
C VAL B 222 -1.71 -0.49 41.69
N VAL B 223 -2.19 -1.08 40.59
CA VAL B 223 -1.31 -1.66 39.59
C VAL B 223 -0.56 -0.52 38.93
N GLN B 224 -1.25 0.59 38.69
CA GLN B 224 -0.63 1.73 38.02
C GLN B 224 0.54 2.27 38.84
N ALA B 225 0.36 2.33 40.18
CA ALA B 225 1.45 2.73 41.08
C ALA B 225 2.61 1.72 41.07
N GLU B 226 2.30 0.43 41.05
CA GLU B 226 3.31 -0.64 40.88
C GLU B 226 4.14 -0.55 39.56
N ASN B 227 3.52 -0.09 38.47
CA ASN B 227 4.24 0.06 37.19
C ASN B 227 5.28 1.18 37.34
N LEU B 228 4.91 2.25 38.05
CA LEU B 228 5.86 3.34 38.38
C LEU B 228 7.03 2.85 39.23
N ASN B 229 6.72 2.03 40.24
CA ASN B 229 7.74 1.36 41.01
C ASN B 229 8.71 0.55 40.15
N TRP B 230 8.13 -0.20 39.21
CA TRP B 230 8.89 -1.10 38.34
C TRP B 230 9.80 -0.33 37.39
N GLU B 231 9.27 0.74 36.80
CA GLU B 231 10.01 1.64 35.89
C GLU B 231 11.17 2.30 36.62
N TYR B 232 10.90 2.82 37.82
CA TYR B 232 11.95 3.38 38.71
C TYR B 232 13.07 2.38 39.02
N PHE B 233 12.70 1.13 39.27
CA PHE B 233 13.65 0.06 39.52
C PHE B 233 14.59 -0.19 38.33
N LEU B 234 13.97 -0.41 37.16
CA LEU B 234 14.71 -0.65 35.91
C LEU B 234 15.61 0.52 35.51
N LEU B 235 15.11 1.73 35.75
CA LEU B 235 15.88 2.95 35.44
C LEU B 235 17.07 3.20 36.38
N ASN B 236 17.11 2.46 37.50
CA ASN B 236 18.20 2.56 38.48
C ASN B 236 18.73 1.18 38.88
N TYR B 237 18.62 0.21 37.96
CA TYR B 237 18.77 -1.21 38.30
C TYR B 237 20.06 -1.55 39.01
N GLY B 238 21.18 -1.19 38.39
CA GLY B 238 22.49 -1.54 38.87
C GLY B 238 22.74 -1.01 40.26
N LYS B 239 22.47 0.27 40.46
CA LYS B 239 22.76 0.85 41.80
C LYS B 239 21.76 0.44 42.88
N LEU B 240 20.54 0.12 42.49
CA LEU B 240 19.57 -0.44 43.43
C LEU B 240 19.95 -1.87 43.84
N MET B 241 20.59 -2.61 42.92
CA MET B 241 20.99 -3.97 43.21
C MET B 241 22.38 -4.09 43.86
N GLY B 242 23.11 -2.99 43.97
CA GLY B 242 24.51 -3.04 44.38
C GLY B 242 25.40 -3.72 43.35
N TYR B 243 25.02 -3.67 42.07
CA TYR B 243 25.82 -4.24 41.00
C TYR B 243 26.57 -3.07 40.36
N ASN B 244 27.03 -3.18 39.11
CA ASN B 244 27.70 -2.06 38.42
C ASN B 244 26.86 -0.77 38.55
N PRO B 245 27.40 0.28 39.21
CA PRO B 245 26.56 1.47 39.46
C PRO B 245 26.17 2.26 38.22
N ASP B 246 26.85 2.02 37.09
CA ASP B 246 26.43 2.57 35.82
C ASP B 246 25.54 1.60 35.01
N GLY B 247 25.07 0.51 35.63
CA GLY B 247 24.28 -0.51 34.95
C GLY B 247 22.78 -0.27 35.08
N ASN B 248 22.35 0.91 34.61
CA ASN B 248 20.95 1.40 34.75
C ASN B 248 20.36 1.63 33.35
N PHE B 249 19.14 1.14 33.11
CA PHE B 249 18.46 1.44 31.82
C PHE B 249 18.15 2.93 31.70
N ASP B 250 18.21 3.42 30.47
CA ASP B 250 17.95 4.82 30.19
C ASP B 250 16.53 5.07 29.77
N GLY B 251 15.84 4.03 29.31
CA GLY B 251 14.53 4.19 28.69
C GLY B 251 13.89 2.87 28.41
N PHE B 252 12.76 2.88 27.71
CA PHE B 252 11.97 1.66 27.49
C PHE B 252 11.46 1.46 26.08
N ARG B 253 11.42 0.21 25.66
CA ARG B 253 10.65 -0.26 24.53
C ARG B 253 9.40 -0.77 25.18
N VAL B 254 8.26 -0.12 24.92
CA VAL B 254 7.03 -0.45 25.64
C VAL B 254 6.27 -1.55 24.90
N ASN B 255 6.36 -2.77 25.44
CA ASN B 255 5.62 -3.91 24.88
C ASN B 255 4.09 -3.70 24.94
N ALA B 256 3.40 -4.05 23.86
CA ALA B 256 1.94 -4.10 23.83
C ALA B 256 1.28 -2.78 24.25
N ALA B 257 1.89 -1.67 23.84
CA ALA B 257 1.36 -0.34 24.17
C ALA B 257 -0.06 -0.14 23.65
N ASP B 258 -0.47 -0.90 22.63
CA ASP B 258 -1.83 -0.85 22.11
C ASP B 258 -2.85 -1.69 22.93
N ASN B 259 -2.37 -2.48 23.91
CA ASN B 259 -3.21 -3.49 24.55
C ASN B 259 -3.23 -3.35 26.06
N ILE B 260 -2.86 -2.19 26.55
CA ILE B 260 -2.85 -1.86 27.96
C ILE B 260 -3.54 -0.52 28.06
N ASP B 261 -4.25 -0.31 29.17
CA ASP B 261 -4.85 0.98 29.51
C ASP B 261 -3.84 2.10 29.24
N ALA B 262 -4.22 3.06 28.40
CA ALA B 262 -3.25 4.11 27.94
C ALA B 262 -2.79 5.06 29.07
N ASP B 263 -3.48 5.04 30.21
CA ASP B 263 -3.03 5.74 31.43
C ASP B 263 -1.55 5.48 31.73
N VAL B 264 -1.11 4.23 31.53
CA VAL B 264 0.24 3.83 31.95
C VAL B 264 1.30 4.46 31.03
N LEU B 265 0.92 4.73 29.80
CA LEU B 265 1.79 5.48 28.90
C LEU B 265 1.94 6.93 29.40
N ASP B 266 0.83 7.58 29.78
CA ASP B 266 0.88 8.93 30.35
C ASP B 266 1.74 8.97 31.60
N GLN B 267 1.52 7.98 32.46
CA GLN B 267 2.20 7.86 33.73
C GLN B 267 3.71 7.61 33.59
N MET B 268 4.10 6.73 32.67
CA MET B 268 5.52 6.51 32.40
C MET B 268 6.18 7.79 31.94
N GLY B 269 5.56 8.49 30.99
CA GLY B 269 6.08 9.76 30.53
C GLY B 269 6.20 10.79 31.66
N GLN B 270 5.20 10.82 32.54
CA GLN B 270 5.20 11.77 33.66
C GLN B 270 6.37 11.49 34.62
N LEU B 271 6.55 10.21 34.95
CA LEU B 271 7.69 9.78 35.75
C LEU B 271 9.04 10.18 35.14
N MET B 272 9.20 9.89 33.84
CA MET B 272 10.47 10.16 33.14
C MET B 272 10.77 11.64 33.18
N ASN B 273 9.73 12.46 33.00
CA ASN B 273 9.89 13.91 33.04
C ASN B 273 10.18 14.46 34.42
N ASP B 274 9.53 13.91 35.45
CA ASP B 274 9.82 14.29 36.84
C ASP B 274 11.27 13.98 37.22
N MET B 275 11.77 12.83 36.79
CA MET B 275 13.13 12.39 37.08
C MET B 275 14.22 13.06 36.28
N TYR B 276 13.95 13.27 34.99
CA TYR B 276 15.01 13.63 34.02
C TYR B 276 14.72 14.91 33.21
N HIS B 277 13.58 15.56 33.43
CA HIS B 277 13.28 16.86 32.81
C HIS B 277 13.39 16.76 31.30
N THR B 278 12.63 15.84 30.75
CA THR B 278 12.62 15.52 29.34
C THR B 278 11.78 16.49 28.49
N LYS B 279 10.63 16.91 29.02
CA LYS B 279 9.70 17.77 28.28
C LYS B 279 10.31 19.15 28.04
N GLY B 280 10.31 19.62 26.79
CA GLY B 280 10.93 20.89 26.46
C GLY B 280 12.46 20.91 26.43
N ASN B 281 13.13 19.76 26.64
CA ASN B 281 14.62 19.68 26.66
C ASN B 281 15.05 18.51 25.78
N PRO B 282 15.27 18.74 24.46
CA PRO B 282 15.61 17.63 23.59
C PRO B 282 16.81 16.76 24.06
N GLN B 283 17.82 17.38 24.67
CA GLN B 283 18.99 16.65 25.13
C GLN B 283 18.57 15.57 26.12
N ASN B 284 17.78 15.97 27.12
CA ASN B 284 17.32 15.03 28.14
C ASN B 284 16.36 13.99 27.61
N ALA B 285 15.39 14.40 26.80
CA ALA B 285 14.45 13.44 26.22
C ALA B 285 15.17 12.38 25.38
N ASN B 286 16.09 12.83 24.53
CA ASN B 286 16.74 11.94 23.59
C ASN B 286 17.76 11.01 24.28
N ASP B 287 18.39 11.48 25.36
CA ASP B 287 19.13 10.62 26.29
C ASP B 287 18.32 9.52 26.96
N HIS B 288 17.00 9.72 27.06
CA HIS B 288 16.09 8.76 27.64
C HIS B 288 15.05 8.35 26.61
N LEU B 289 15.54 7.90 25.47
CA LEU B 289 14.67 7.50 24.36
C LEU B 289 13.72 6.41 24.87
N SER B 290 12.43 6.56 24.58
CA SER B 290 11.47 5.52 24.83
C SER B 290 10.60 5.36 23.59
N TYR B 291 10.21 4.12 23.27
CA TYR B 291 9.43 3.87 22.03
C TYR B 291 8.43 2.74 22.23
N ASN B 292 7.22 2.95 21.71
CA ASN B 292 6.09 2.08 21.94
C ASN B 292 5.89 1.12 20.79
N GLU B 293 5.75 -0.16 21.12
CA GLU B 293 5.39 -1.16 20.12
C GLU B 293 3.94 -1.02 19.77
N GLY B 294 3.63 -1.06 18.48
CA GLY B 294 2.24 -1.07 18.06
C GLY B 294 2.04 -1.08 16.56
N TYR B 295 0.94 -1.68 16.15
CA TYR B 295 0.57 -1.91 14.79
C TYR B 295 -0.72 -1.20 14.46
N HIS B 296 -1.15 -0.24 15.29
CA HIS B 296 -2.34 0.60 15.02
C HIS B 296 -1.94 2.05 14.76
N SER B 297 -2.22 2.54 13.55
CA SER B 297 -1.82 3.91 13.15
C SER B 297 -2.42 5.04 13.98
N GLY B 298 -3.57 4.79 14.64
CA GLY B 298 -4.23 5.77 15.54
C GLY B 298 -3.35 6.22 16.71
N ALA B 299 -2.40 5.39 17.09
CA ALA B 299 -1.42 5.76 18.13
C ALA B 299 -0.55 6.98 17.78
N ALA B 300 -0.32 7.23 16.48
CA ALA B 300 0.32 8.48 16.05
C ALA B 300 -0.43 9.72 16.56
N GLN B 301 -1.72 9.80 16.26
CA GLN B 301 -2.53 10.90 16.72
C GLN B 301 -2.57 11.01 18.26
N MET B 302 -2.78 9.87 18.91
CA MET B 302 -2.72 9.82 20.36
C MET B 302 -1.45 10.44 20.91
N LEU B 303 -0.30 9.98 20.41
CA LEU B 303 1.02 10.46 20.90
C LEU B 303 1.25 11.94 20.63
N ASN B 304 0.83 12.42 19.47
CA ASN B 304 0.98 13.86 19.15
C ASN B 304 0.16 14.74 20.08
N GLU B 305 -1.10 14.37 20.31
CA GLU B 305 -1.96 15.09 21.23
C GLU B 305 -1.42 15.10 22.66
N LYS B 306 -0.67 14.07 23.04
CA LYS B 306 0.00 13.99 24.36
C LYS B 306 1.41 14.63 24.40
N GLY B 307 1.84 15.27 23.32
CA GLY B 307 3.18 15.83 23.27
C GLY B 307 4.28 14.82 23.15
N ASN B 308 3.96 13.63 22.67
CA ASN B 308 4.94 12.61 22.25
C ASN B 308 5.89 12.17 23.35
N PRO B 309 5.34 11.60 24.44
CA PRO B 309 6.15 11.04 25.50
C PRO B 309 6.92 9.75 25.10
N GLN B 310 6.45 9.08 24.06
CA GLN B 310 7.19 7.96 23.46
C GLN B 310 7.11 8.05 21.94
N LEU B 311 7.99 7.34 21.26
CA LEU B 311 7.92 7.25 19.78
C LEU B 311 6.78 6.33 19.33
N TYR B 312 6.10 6.76 18.28
CA TYR B 312 5.17 5.95 17.53
C TYR B 312 5.88 4.92 16.65
N MET B 313 5.40 3.68 16.64
CA MET B 313 6.00 2.65 15.79
C MET B 313 5.34 2.71 14.43
N ASP B 314 6.12 3.08 13.41
CA ASP B 314 5.63 3.24 12.04
C ASP B 314 5.49 1.90 11.31
N SER B 315 4.47 1.12 11.69
CA SER B 315 4.25 -0.21 11.12
C SER B 315 3.90 -0.15 9.64
N GLY B 316 3.21 0.91 9.22
CA GLY B 316 2.90 1.12 7.80
C GLY B 316 4.14 1.08 6.91
N GLU B 317 5.25 1.65 7.36
CA GLU B 317 6.52 1.62 6.62
C GLU B 317 7.01 0.20 6.44
N PHE B 318 6.94 -0.59 7.51
CA PHE B 318 7.30 -2.01 7.43
C PHE B 318 6.47 -2.73 6.35
N TYR B 319 5.14 -2.65 6.43
CA TYR B 319 4.28 -3.32 5.44
C TYR B 319 4.54 -2.81 4.00
N THR B 320 4.77 -1.50 3.86
CA THR B 320 5.08 -0.92 2.55
C THR B 320 6.40 -1.49 1.99
N LEU B 321 7.43 -1.60 2.82
CA LEU B 321 8.68 -2.23 2.40
C LEU B 321 8.50 -3.67 1.91
N GLU B 322 7.72 -4.45 2.65
CA GLU B 322 7.46 -5.84 2.30
C GLU B 322 6.54 -5.98 1.07
N ASN B 323 5.52 -5.13 0.96
CA ASN B 323 4.63 -5.21 -0.20
C ASN B 323 5.31 -4.70 -1.47
N VAL B 324 6.21 -3.73 -1.34
CA VAL B 324 6.85 -3.14 -2.52
C VAL B 324 8.09 -3.92 -2.95
N LEU B 325 8.92 -4.30 -1.98
CA LEU B 325 10.19 -4.93 -2.28
C LEU B 325 10.29 -6.41 -1.94
N GLY B 326 9.50 -6.88 -0.97
CA GLY B 326 9.73 -8.18 -0.32
C GLY B 326 9.01 -9.39 -0.85
N ARG B 327 7.89 -9.19 -1.53
CA ARG B 327 7.18 -10.26 -2.20
C ARG B 327 7.91 -10.78 -3.44
N ALA B 328 7.62 -12.04 -3.78
CA ALA B 328 8.04 -12.62 -5.06
C ALA B 328 7.27 -11.96 -6.18
N ASN B 329 5.95 -11.92 -6.02
CA ASN B 329 5.02 -11.46 -7.05
C ASN B 329 4.07 -10.43 -6.50
N ASN B 330 3.37 -9.77 -7.41
CA ASN B 330 2.33 -8.78 -7.07
C ASN B 330 2.88 -7.71 -6.14
N ARG B 331 4.05 -7.21 -6.49
CA ARG B 331 4.67 -6.14 -5.77
C ARG B 331 3.90 -4.85 -6.04
N ASP B 332 3.61 -4.13 -4.96
CA ASP B 332 3.02 -2.80 -5.07
C ASP B 332 4.02 -1.88 -5.74
N ASN B 333 3.55 -0.73 -6.20
CA ASN B 333 4.36 0.20 -6.97
C ASN B 333 5.48 0.78 -6.11
N ILE B 334 6.61 1.01 -6.73
CA ILE B 334 7.75 1.61 -6.07
C ILE B 334 7.41 2.92 -5.36
N GLY B 335 6.48 3.70 -5.93
CA GLY B 335 6.09 4.99 -5.37
C GLY B 335 5.42 4.93 -4.03
N ASN B 336 4.92 3.76 -3.63
CA ASN B 336 4.35 3.57 -2.28
C ASN B 336 5.39 3.79 -1.16
N LEU B 337 6.68 3.57 -1.46
CA LEU B 337 7.76 3.95 -0.54
C LEU B 337 7.78 5.45 -0.20
N ILE B 338 7.20 6.28 -1.06
CA ILE B 338 7.15 7.71 -0.85
C ILE B 338 6.02 8.12 0.10
N THR B 339 4.84 7.55 -0.11
CA THR B 339 3.60 8.00 0.53
C THR B 339 3.03 7.10 1.64
N ASN B 340 3.32 5.79 1.62
CA ASN B 340 2.60 4.85 2.51
C ASN B 340 3.37 4.57 3.77
N SER B 341 3.41 5.61 4.58
CA SER B 341 4.19 5.67 5.83
C SER B 341 3.55 6.79 6.63
N ILE B 342 3.87 6.89 7.91
CA ILE B 342 3.39 8.00 8.71
C ILE B 342 4.03 9.33 8.26
N VAL B 343 5.12 9.27 7.53
CA VAL B 343 5.76 10.47 6.93
C VAL B 343 5.76 10.36 5.40
N ASN B 344 5.22 11.36 4.71
CA ASN B 344 5.40 11.47 3.26
C ASN B 344 6.81 12.06 2.97
N ARG B 345 7.60 11.35 2.16
CA ARG B 345 9.02 11.73 1.93
C ARG B 345 9.30 12.20 0.53
N GLN B 346 8.25 12.69 -0.15
CA GLN B 346 8.39 13.19 -1.51
C GLN B 346 9.35 14.37 -1.53
N ASN B 347 9.12 15.32 -0.64
CA ASN B 347 10.00 16.48 -0.52
C ASN B 347 9.90 16.99 0.93
N ASP B 348 10.61 16.26 1.79
CA ASP B 348 10.59 16.44 3.22
C ASP B 348 11.75 17.35 3.58
N THR B 349 11.47 18.64 3.78
CA THR B 349 12.50 19.66 3.96
C THR B 349 12.26 20.55 5.19
N THR B 350 11.56 20.03 6.21
CA THR B 350 11.18 20.79 7.38
C THR B 350 11.52 19.93 8.58
N GLU B 351 11.62 20.55 9.75
CA GLU B 351 11.91 19.82 10.99
C GLU B 351 10.80 20.11 12.02
N ASN B 352 10.68 19.21 13.00
CA ASN B 352 9.68 19.28 14.08
C ASN B 352 8.21 19.28 13.63
N GLU B 353 7.93 18.65 12.50
CA GLU B 353 6.58 18.54 11.97
C GLU B 353 6.10 17.10 11.96
N ALA B 354 6.98 16.14 11.64
CA ALA B 354 6.52 14.78 11.47
C ALA B 354 6.25 14.14 12.84
N THR B 355 5.45 13.10 12.85
CA THR B 355 5.21 12.34 14.05
C THR B 355 6.50 11.62 14.47
N PRO B 356 7.05 11.95 15.66
CA PRO B 356 8.27 11.24 16.07
C PRO B 356 8.02 9.77 16.08
N ASN B 357 8.82 9.03 15.33
CA ASN B 357 8.55 7.64 15.12
C ASN B 357 9.82 6.78 15.01
N TRP B 358 9.62 5.47 15.19
CA TRP B 358 10.62 4.45 14.88
C TRP B 358 10.05 3.51 13.84
N SER B 359 10.94 2.99 12.99
CA SER B 359 10.58 2.16 11.86
C SER B 359 11.57 0.98 11.78
N PHE B 360 11.18 -0.04 11.04
CA PHE B 360 11.95 -1.27 10.95
C PHE B 360 11.72 -2.03 9.65
N VAL B 361 12.71 -2.87 9.32
CA VAL B 361 12.64 -3.86 8.24
C VAL B 361 12.20 -5.23 8.77
N THR B 362 12.74 -5.62 9.91
CA THR B 362 12.34 -6.84 10.60
C THR B 362 12.29 -6.59 12.14
N ASN B 363 11.46 -7.36 12.83
CA ASN B 363 11.58 -7.56 14.26
C ASN B 363 11.36 -9.05 14.58
N HIS B 364 11.56 -9.41 15.85
CA HIS B 364 11.46 -10.82 16.28
C HIS B 364 10.10 -11.45 15.96
N ASP B 365 9.03 -10.65 16.02
CA ASP B 365 7.70 -11.14 15.70
C ASP B 365 7.54 -11.47 14.24
N GLN B 366 8.08 -10.64 13.38
CA GLN B 366 7.93 -10.84 11.93
C GLN B 366 8.67 -12.07 11.46
N ARG B 367 9.85 -12.33 12.06
CA ARG B 367 10.57 -13.58 11.77
C ARG B 367 9.73 -14.76 12.25
N LYS B 368 9.21 -14.67 13.49
CA LYS B 368 8.30 -15.67 14.05
C LYS B 368 7.15 -16.01 13.13
N ASN B 369 6.49 -15.00 12.57
CA ASN B 369 5.37 -15.23 11.65
C ASN B 369 5.76 -16.12 10.49
N LEU B 370 6.92 -15.82 9.94
CA LEU B 370 7.46 -16.54 8.82
C LEU B 370 7.83 -18.00 9.20
N ILE B 371 8.45 -18.18 10.36
CA ILE B 371 8.80 -19.54 10.80
C ILE B 371 7.53 -20.36 11.08
N ASN B 372 6.57 -19.78 11.79
CA ASN B 372 5.29 -20.44 12.05
C ASN B 372 4.50 -20.76 10.77
N ARG B 373 4.47 -19.82 9.81
CA ARG B 373 3.85 -20.07 8.50
C ARG B 373 4.46 -21.35 7.91
N LEU B 374 5.77 -21.49 8.04
CA LEU B 374 6.50 -22.66 7.55
C LEU B 374 6.10 -23.93 8.33
N ILE B 375 6.03 -23.81 9.65
CA ILE B 375 5.60 -24.92 10.50
C ILE B 375 4.20 -25.40 10.06
N ILE B 376 3.30 -24.45 9.86
CA ILE B 376 1.91 -24.75 9.49
C ILE B 376 1.88 -25.43 8.13
N LYS B 377 2.70 -24.93 7.18
CA LYS B 377 2.81 -25.55 5.86
C LYS B 377 3.33 -26.99 5.97
N ASP B 378 4.36 -27.21 6.79
CA ASP B 378 5.01 -28.53 6.90
C ASP B 378 4.20 -29.59 7.64
N HIS B 379 3.22 -29.18 8.43
CA HIS B 379 2.48 -30.11 9.29
C HIS B 379 1.02 -29.67 9.34
N SER B 380 0.43 -29.47 8.16
CA SER B 380 -0.97 -29.07 8.08
C SER B 380 -1.94 -30.16 8.47
N ASN B 381 -1.46 -31.40 8.60
CA ASN B 381 -2.32 -32.49 9.05
C ASN B 381 -2.37 -32.71 10.56
N ILE B 382 -1.71 -31.85 11.34
CA ILE B 382 -1.67 -32.01 12.79
C ILE B 382 -2.58 -30.96 13.45
N PRO B 383 -3.66 -31.42 14.12
CA PRO B 383 -4.56 -30.45 14.77
C PRO B 383 -3.95 -29.80 16.02
N ASP B 384 -4.28 -28.52 16.23
CA ASP B 384 -3.76 -27.63 17.31
C ASP B 384 -2.25 -27.29 17.21
N ILE B 385 -1.69 -27.20 16.01
CA ILE B 385 -0.25 -27.01 15.83
C ILE B 385 0.39 -25.73 16.41
N MET B 386 -0.35 -24.63 16.49
CA MET B 386 0.14 -23.42 17.16
C MET B 386 -0.23 -23.37 18.67
N GLY B 387 -1.06 -24.31 19.11
CA GLY B 387 -1.37 -24.46 20.53
C GLY B 387 -0.59 -25.62 21.11
N SER B 388 -1.30 -26.49 21.82
CA SER B 388 -0.67 -27.54 22.63
C SER B 388 0.10 -28.61 21.85
N ALA B 389 -0.23 -28.77 20.57
CA ALA B 389 0.47 -29.74 19.74
C ALA B 389 1.73 -29.18 19.06
N TYR B 390 2.11 -27.94 19.40
CA TYR B 390 3.36 -27.32 18.91
C TYR B 390 4.56 -28.12 19.42
N LYS B 391 5.56 -28.32 18.58
CA LYS B 391 6.78 -29.02 18.96
C LYS B 391 7.97 -28.25 18.43
N VAL B 392 8.95 -28.07 19.31
CA VAL B 392 10.20 -27.41 18.93
C VAL B 392 10.89 -28.05 17.70
N GLU B 393 10.74 -29.37 17.52
CA GLU B 393 11.25 -30.08 16.31
C GLU B 393 10.76 -29.46 14.99
N TYR B 394 9.52 -28.97 14.97
CA TYR B 394 8.95 -28.34 13.76
C TYR B 394 9.63 -27.00 13.48
N ALA B 395 9.98 -26.26 14.52
CA ALA B 395 10.74 -25.00 14.36
C ALA B 395 12.17 -25.21 13.82
N ASN B 396 12.85 -26.23 14.33
CA ASN B 396 14.19 -26.60 13.88
C ASN B 396 14.18 -26.99 12.41
N GLN B 397 13.16 -27.74 12.00
CA GLN B 397 12.97 -28.11 10.61
C GLN B 397 12.72 -26.84 9.79
N ALA B 398 11.79 -26.00 10.27
CA ALA B 398 11.48 -24.73 9.60
C ALA B 398 12.72 -23.84 9.40
N TRP B 399 13.55 -23.73 10.43
CA TRP B 399 14.75 -22.92 10.35
C TRP B 399 15.76 -23.42 9.31
N GLN B 400 15.94 -24.72 9.25
CA GLN B 400 16.75 -25.36 8.22
C GLN B 400 16.22 -25.02 6.82
N GLU B 401 14.91 -25.05 6.65
CA GLU B 401 14.25 -24.66 5.40
C GLU B 401 14.37 -23.15 5.11
N PHE B 402 14.25 -22.34 6.16
CA PHE B 402 14.43 -20.89 6.04
C PHE B 402 15.84 -20.46 5.59
N TYR B 403 16.89 -20.91 6.31
CA TYR B 403 18.26 -20.53 5.98
C TYR B 403 18.63 -20.87 4.53
N ALA B 404 18.18 -22.05 4.09
CA ALA B 404 18.40 -22.50 2.71
C ALA B 404 17.66 -21.60 1.71
N ASP B 405 16.39 -21.30 2.01
CA ASP B 405 15.58 -20.41 1.16
C ASP B 405 16.11 -18.98 1.08
N GLN B 406 16.58 -18.46 2.22
CA GLN B 406 17.13 -17.10 2.34
C GLN B 406 18.28 -16.88 1.36
N GLU B 407 19.10 -17.92 1.12
CA GLU B 407 20.22 -17.86 0.15
C GLU B 407 19.84 -17.89 -1.34
N LYS B 408 18.62 -18.32 -1.66
CA LYS B 408 18.18 -18.48 -3.06
C LYS B 408 17.83 -17.15 -3.72
N THR B 409 17.81 -17.16 -5.05
CA THR B 409 17.29 -16.05 -5.83
C THR B 409 15.75 -16.04 -5.78
N ASN B 410 15.16 -17.18 -6.17
CA ASN B 410 13.71 -17.36 -6.16
C ASN B 410 13.28 -17.91 -4.82
N LYS B 411 13.22 -17.00 -3.84
CA LYS B 411 12.84 -17.33 -2.49
C LYS B 411 11.33 -17.63 -2.42
N GLN B 412 10.99 -18.75 -1.77
CA GLN B 412 9.62 -19.19 -1.50
C GLN B 412 9.02 -18.63 -0.19
N TYR B 413 9.86 -18.23 0.75
CA TYR B 413 9.42 -17.87 2.10
C TYR B 413 10.06 -16.58 2.56
N ALA B 414 11.38 -16.51 2.52
CA ALA B 414 12.13 -15.34 3.00
C ALA B 414 11.88 -14.14 2.10
N GLN B 415 12.13 -12.95 2.66
CA GLN B 415 11.89 -11.68 1.99
C GLN B 415 12.88 -11.46 0.83
N TYR B 416 12.38 -10.86 -0.25
CA TYR B 416 13.24 -10.36 -1.34
C TYR B 416 13.77 -8.99 -0.93
N ASN B 417 14.90 -8.60 -1.51
CA ASN B 417 15.40 -7.23 -1.45
C ASN B 417 15.68 -6.73 -0.03
N VAL B 418 16.18 -7.61 0.83
CA VAL B 418 16.46 -7.20 2.22
C VAL B 418 17.40 -5.98 2.26
N PRO B 419 18.48 -5.99 1.45
CA PRO B 419 19.37 -4.83 1.47
C PRO B 419 18.71 -3.54 1.01
N ALA B 420 17.95 -3.60 -0.09
CA ALA B 420 17.20 -2.43 -0.55
C ALA B 420 16.20 -1.94 0.50
N GLN B 421 15.55 -2.86 1.21
CA GLN B 421 14.68 -2.48 2.31
C GLN B 421 15.46 -1.69 3.38
N TYR B 422 16.65 -2.15 3.69
CA TYR B 422 17.51 -1.44 4.64
C TYR B 422 18.07 -0.13 4.07
N ALA B 423 18.43 -0.11 2.78
CA ALA B 423 18.95 1.09 2.20
C ALA B 423 17.91 2.21 2.28
N ILE B 424 16.63 1.90 2.06
CA ILE B 424 15.53 2.84 2.24
C ILE B 424 15.37 3.20 3.72
N LEU B 425 15.27 2.21 4.57
CA LEU B 425 15.09 2.47 6.02
C LEU B 425 16.18 3.39 6.61
N LEU B 426 17.42 3.14 6.25
CA LEU B 426 18.57 3.78 6.89
C LEU B 426 18.90 5.14 6.29
N SER B 427 18.29 5.49 5.16
CA SER B 427 18.44 6.83 4.59
C SER B 427 17.20 7.70 4.82
N ASN B 428 16.08 7.10 5.25
CA ASN B 428 14.84 7.87 5.44
C ASN B 428 15.04 8.97 6.46
N LYS B 429 14.50 10.14 6.15
CA LYS B 429 14.43 11.25 7.09
C LYS B 429 13.22 11.05 8.03
N ASP B 430 13.27 11.72 9.16
CA ASP B 430 12.16 11.76 10.13
C ASP B 430 11.78 10.38 10.65
N THR B 431 12.77 9.65 11.14
CA THR B 431 12.54 8.36 11.79
C THR B 431 13.77 7.92 12.55
N VAL B 432 13.56 7.12 13.60
CA VAL B 432 14.66 6.42 14.25
C VAL B 432 14.59 4.98 13.73
N PRO B 433 15.47 4.60 12.78
CA PRO B 433 15.39 3.25 12.25
C PRO B 433 15.84 2.22 13.29
N GLN B 434 15.28 1.01 13.17
CA GLN B 434 15.61 -0.12 14.03
C GLN B 434 16.08 -1.30 13.23
N VAL B 435 17.34 -1.70 13.48
CA VAL B 435 17.95 -2.88 12.83
C VAL B 435 17.63 -4.12 13.70
N TYR B 436 17.42 -5.26 13.06
CA TYR B 436 17.13 -6.52 13.75
C TYR B 436 18.39 -7.39 13.90
N TYR B 437 18.62 -7.91 15.11
CA TYR B 437 19.76 -8.82 15.38
C TYR B 437 19.81 -9.89 14.33
N GLY B 438 18.66 -10.48 14.05
CA GLY B 438 18.56 -11.60 13.10
C GLY B 438 18.80 -11.35 11.62
N ASP B 439 18.95 -10.09 11.22
CA ASP B 439 19.36 -9.72 9.86
C ASP B 439 20.86 -9.51 9.76
N LEU B 440 21.52 -9.32 10.91
CA LEU B 440 22.98 -9.29 10.97
C LEU B 440 23.59 -10.64 11.28
N TYR B 441 22.88 -11.48 12.01
CA TYR B 441 23.41 -12.76 12.49
C TYR B 441 22.40 -13.87 12.30
N ASN B 442 22.89 -15.09 12.06
CA ASN B 442 22.06 -16.29 12.09
C ASN B 442 21.53 -16.48 13.51
N GLU B 443 20.25 -16.20 13.66
CA GLU B 443 19.69 -15.98 14.98
C GLU B 443 19.51 -17.23 15.83
N THR B 444 19.58 -18.43 15.22
CA THR B 444 19.45 -19.69 15.97
C THR B 444 20.75 -20.35 16.44
N ALA B 445 21.89 -19.84 15.98
CA ALA B 445 23.19 -20.24 16.51
C ALA B 445 23.47 -19.50 17.81
N GLN B 446 24.56 -19.88 18.50
CA GLN B 446 25.00 -19.15 19.70
C GLN B 446 25.28 -17.67 19.34
N TYR B 447 25.13 -16.81 20.34
CA TYR B 447 24.98 -15.37 20.14
C TYR B 447 26.14 -14.75 19.39
N MET B 448 25.82 -14.20 18.22
CA MET B 448 26.76 -13.53 17.36
C MET B 448 27.88 -14.44 16.79
N GLN B 449 27.72 -15.76 16.80
CA GLN B 449 28.78 -16.66 16.25
C GLN B 449 28.77 -16.68 14.73
N GLU B 450 27.59 -16.57 14.13
CA GLU B 450 27.43 -16.70 12.67
C GLU B 450 26.80 -15.45 12.03
N LYS B 451 27.54 -14.78 11.15
CA LYS B 451 27.04 -13.64 10.40
C LYS B 451 26.02 -14.08 9.34
N SER B 452 24.92 -13.33 9.22
CA SER B 452 23.95 -13.52 8.15
C SER B 452 24.58 -13.18 6.78
N ILE B 453 24.05 -13.73 5.68
CA ILE B 453 24.44 -13.28 4.33
C ILE B 453 24.18 -11.80 4.08
N TYR B 454 23.26 -11.19 4.82
CA TYR B 454 23.02 -9.76 4.69
C TYR B 454 23.92 -8.88 5.56
N TYR B 455 24.79 -9.48 6.40
CA TYR B 455 25.69 -8.70 7.28
C TYR B 455 26.50 -7.64 6.53
N ASP B 456 27.14 -8.01 5.43
CA ASP B 456 28.01 -7.03 4.74
C ASP B 456 27.23 -5.84 4.22
N ALA B 457 26.10 -6.12 3.57
CA ALA B 457 25.27 -5.05 3.05
C ALA B 457 24.71 -4.11 4.13
N ILE B 458 24.09 -4.68 5.15
CA ILE B 458 23.43 -3.85 6.16
C ILE B 458 24.46 -3.04 6.93
N THR B 459 25.56 -3.66 7.34
CA THR B 459 26.59 -2.93 8.08
C THR B 459 27.25 -1.84 7.27
N THR B 460 27.44 -2.08 5.97
CA THR B 460 27.90 -1.03 5.06
C THR B 460 26.91 0.15 5.10
N LEU B 461 25.62 -0.15 4.96
CA LEU B 461 24.59 0.92 5.03
C LEU B 461 24.60 1.62 6.40
N MET B 462 24.75 0.85 7.47
CA MET B 462 24.78 1.41 8.83
C MET B 462 25.94 2.38 9.06
N ARG B 463 27.16 2.01 8.67
CA ARG B 463 28.34 2.89 8.83
C ARG B 463 28.21 4.14 7.96
N ALA B 464 27.77 3.95 6.72
CA ALA B 464 27.53 5.08 5.82
C ALA B 464 26.48 6.06 6.37
N ARG B 465 25.44 5.56 7.05
CA ARG B 465 24.40 6.44 7.63
C ARG B 465 25.03 7.47 8.57
N LYS B 466 25.81 6.99 9.52
CA LYS B 466 26.54 7.85 10.47
C LYS B 466 27.44 8.90 9.78
N GLN B 467 28.09 8.49 8.69
CA GLN B 467 28.99 9.38 7.98
C GLN B 467 28.30 10.41 7.10
N PHE B 468 27.18 10.04 6.45
CA PHE B 468 26.61 10.83 5.34
C PHE B 468 25.14 11.30 5.46
N VAL B 469 24.32 10.56 6.19
CA VAL B 469 22.87 10.75 6.15
C VAL B 469 22.40 11.92 7.05
N SER B 470 21.99 13.01 6.38
CA SER B 470 21.41 14.18 7.07
C SER B 470 20.81 15.13 6.05
N GLY B 471 20.09 16.15 6.53
CA GLY B 471 19.50 17.17 5.66
C GLY B 471 18.16 16.76 5.10
N GLY B 472 17.66 17.56 4.15
CA GLY B 472 16.38 17.29 3.50
C GLY B 472 16.38 15.99 2.72
N GLN B 473 15.17 15.52 2.40
CA GLN B 473 14.99 14.34 1.59
C GLN B 473 13.99 14.60 0.48
N THR B 474 14.31 14.06 -0.69
CA THR B 474 13.42 14.07 -1.83
C THR B 474 13.40 12.64 -2.40
N MET B 475 12.22 12.09 -2.60
CA MET B 475 12.05 10.79 -3.25
C MET B 475 11.28 11.03 -4.53
N THR B 476 11.79 10.49 -5.64
CA THR B 476 11.20 10.73 -6.93
C THR B 476 11.28 9.50 -7.80
N LYS B 477 10.23 9.24 -8.57
CA LYS B 477 10.21 8.12 -9.52
C LYS B 477 10.99 8.47 -10.76
N LEU B 478 11.99 7.65 -11.07
CA LEU B 478 12.79 7.81 -12.28
C LEU B 478 12.12 7.10 -13.45
N ASN B 479 11.41 6.02 -13.15
CA ASN B 479 10.45 5.44 -14.06
C ASN B 479 9.39 4.76 -13.23
N ASN B 480 8.49 4.01 -13.86
CA ASN B 480 7.36 3.45 -13.13
C ASN B 480 7.76 2.49 -12.01
N ASN B 481 8.94 1.89 -12.09
CA ASN B 481 9.35 0.85 -11.14
C ASN B 481 10.66 1.16 -10.41
N LEU B 482 11.16 2.39 -10.51
CA LEU B 482 12.46 2.77 -9.98
C LEU B 482 12.36 4.16 -9.39
N LEU B 483 13.04 4.33 -8.27
CA LEU B 483 13.01 5.55 -7.51
C LEU B 483 14.40 5.92 -7.00
N ALA B 484 14.61 7.22 -6.82
CA ALA B 484 15.79 7.79 -6.18
C ALA B 484 15.37 8.50 -4.90
N SER B 485 15.97 8.08 -3.79
CA SER B 485 15.83 8.72 -2.49
C SER B 485 17.14 9.42 -2.19
N VAL B 486 17.07 10.73 -2.09
CA VAL B 486 18.24 11.57 -1.93
C VAL B 486 18.16 12.31 -0.59
N ARG B 487 19.25 12.27 0.17
CA ARG B 487 19.50 13.17 1.28
C ARG B 487 20.51 14.22 0.83
N TYR B 488 20.28 15.48 1.19
CA TYR B 488 21.10 16.60 0.72
C TYR B 488 22.31 16.92 1.58
N GLY B 489 22.35 16.40 2.80
CA GLY B 489 23.51 16.53 3.67
C GLY B 489 23.27 17.42 4.87
N LYS B 490 24.20 17.34 5.82
CA LYS B 490 24.09 18.10 7.05
C LYS B 490 24.04 19.60 6.77
N GLY B 491 23.05 20.26 7.37
CA GLY B 491 22.76 21.66 7.09
C GLY B 491 22.42 22.01 5.64
N VAL B 492 21.94 21.04 4.86
CA VAL B 492 21.44 21.30 3.51
C VAL B 492 19.96 20.99 3.56
N VAL B 493 19.13 22.03 3.62
CA VAL B 493 17.68 21.86 3.84
C VAL B 493 16.93 21.27 2.65
N ASP B 494 17.35 21.60 1.43
CA ASP B 494 16.61 21.16 0.22
C ASP B 494 17.49 21.20 -1.03
N ALA B 495 16.93 20.88 -2.20
CA ALA B 495 17.73 20.79 -3.44
C ALA B 495 18.35 22.11 -3.87
N ASN B 496 17.81 23.22 -3.38
CA ASN B 496 18.26 24.58 -3.75
C ASN B 496 19.23 25.20 -2.76
N SER B 497 19.41 24.60 -1.59
CA SER B 497 20.30 25.17 -0.57
C SER B 497 21.76 25.02 -0.91
N ASN B 498 22.55 25.99 -0.47
CA ASN B 498 24.01 25.94 -0.57
C ASN B 498 24.74 25.16 0.52
N GLY B 499 24.07 24.91 1.65
CA GLY B 499 24.73 24.28 2.78
C GLY B 499 25.18 25.30 3.81
N THR B 500 24.86 25.04 5.08
CA THR B 500 25.16 25.95 6.20
C THR B 500 26.15 25.33 7.19
N ASP B 501 26.71 24.16 6.88
CA ASP B 501 27.52 23.42 7.83
C ASP B 501 28.85 23.09 7.19
N LYS B 502 29.91 22.96 7.99
CA LYS B 502 31.22 22.61 7.46
C LYS B 502 31.19 21.25 6.79
N LEU B 503 30.26 20.38 7.20
CA LEU B 503 30.11 19.05 6.61
C LEU B 503 29.05 18.99 5.47
N SER B 504 28.40 20.11 5.15
CA SER B 504 27.35 20.13 4.08
C SER B 504 27.84 19.57 2.75
N ARG B 505 28.95 20.12 2.25
CA ARG B 505 29.54 19.70 0.98
C ARG B 505 29.77 18.18 0.89
N THR B 506 30.30 17.58 1.95
CA THR B 506 30.77 16.19 1.93
C THR B 506 29.79 15.18 2.54
N SER B 507 28.55 15.58 2.77
CA SER B 507 27.50 14.68 3.26
C SER B 507 26.34 14.63 2.27
N GLY B 508 25.36 13.76 2.54
CA GLY B 508 24.27 13.46 1.60
C GLY B 508 24.45 12.07 1.03
N MET B 509 23.44 11.58 0.34
CA MET B 509 23.43 10.20 -0.15
C MET B 509 22.32 10.10 -1.18
N ALA B 510 22.52 9.20 -2.13
CA ALA B 510 21.49 8.86 -3.07
C ALA B 510 21.35 7.36 -3.03
N VAL B 511 20.12 6.91 -2.81
CA VAL B 511 19.75 5.52 -2.85
C VAL B 511 18.80 5.29 -4.03
N LEU B 512 19.16 4.35 -4.89
CA LEU B 512 18.37 3.99 -6.03
C LEU B 512 17.82 2.63 -5.76
N VAL B 513 16.50 2.52 -5.77
CA VAL B 513 15.83 1.24 -5.60
C VAL B 513 14.80 1.01 -6.66
N GLY B 514 14.92 -0.15 -7.31
CA GLY B 514 13.94 -0.64 -8.28
C GLY B 514 13.46 -2.02 -7.86
N ASN B 515 12.23 -2.37 -8.21
CA ASN B 515 11.57 -3.61 -7.81
C ASN B 515 11.07 -4.44 -9.01
N ASP B 516 11.55 -4.14 -10.21
CA ASP B 516 11.28 -4.95 -11.41
C ASP B 516 12.63 -5.53 -11.91
N SER B 517 12.74 -6.85 -11.78
CA SER B 517 13.95 -7.59 -12.15
C SER B 517 14.16 -7.65 -13.66
N ASN B 518 13.14 -7.38 -14.45
CA ASN B 518 13.30 -7.32 -15.90
C ASN B 518 13.42 -5.88 -16.43
N MET B 519 13.67 -4.89 -15.57
CA MET B 519 13.79 -3.50 -15.99
C MET B 519 14.90 -3.31 -17.07
N ALA B 520 14.52 -2.72 -18.22
CA ALA B 520 15.46 -2.46 -19.32
C ALA B 520 16.58 -1.53 -18.85
N GLN B 521 17.78 -1.77 -19.35
CA GLN B 521 18.91 -0.89 -19.09
C GLN B 521 18.68 0.52 -19.61
N GLN B 522 19.10 1.50 -18.81
CA GLN B 522 18.86 2.87 -19.12
C GLN B 522 19.75 3.75 -18.28
N SER B 523 19.84 4.99 -18.70
CA SER B 523 20.54 6.01 -17.98
C SER B 523 19.49 6.78 -17.19
N VAL B 524 19.90 7.31 -16.05
CA VAL B 524 18.99 7.97 -15.18
C VAL B 524 19.73 9.15 -14.58
N ALA B 525 19.03 10.27 -14.32
CA ALA B 525 19.65 11.51 -13.82
C ALA B 525 19.18 11.77 -12.40
N ILE B 526 20.11 11.88 -11.45
CA ILE B 526 19.78 12.04 -10.03
C ILE B 526 20.16 13.41 -9.53
N ASN B 527 19.21 14.15 -8.95
CA ASN B 527 19.48 15.49 -8.45
C ASN B 527 20.05 15.42 -7.02
N MET B 528 21.37 15.59 -6.90
CA MET B 528 22.03 15.60 -5.61
C MET B 528 21.89 16.93 -4.88
N GLY B 529 21.54 18.00 -5.58
CA GLY B 529 21.32 19.31 -4.98
C GLY B 529 22.34 20.33 -5.41
N ARG B 530 21.97 21.61 -5.33
CA ARG B 530 22.89 22.73 -5.68
C ARG B 530 24.14 22.78 -4.80
N ALA B 531 24.12 22.18 -3.61
CA ALA B 531 25.35 22.13 -2.80
C ALA B 531 26.34 21.11 -3.33
N HIS B 532 25.97 20.34 -4.35
CA HIS B 532 26.75 19.20 -4.78
C HIS B 532 27.14 19.19 -6.28
N ALA B 533 27.42 20.37 -6.82
CA ALA B 533 27.79 20.54 -8.22
C ALA B 533 29.28 20.20 -8.37
N ASN B 534 29.63 19.60 -9.49
CA ASN B 534 31.02 19.27 -9.84
C ASN B 534 31.68 18.47 -8.72
N GLN B 535 31.00 17.44 -8.27
CA GLN B 535 31.45 16.71 -7.11
C GLN B 535 31.58 15.22 -7.38
N GLN B 536 32.66 14.64 -6.87
CA GLN B 536 32.91 13.21 -6.96
C GLN B 536 32.09 12.44 -5.92
N TYR B 537 31.46 11.36 -6.38
CA TYR B 537 30.68 10.44 -5.56
C TYR B 537 31.24 9.04 -5.70
N ARG B 538 31.29 8.32 -4.57
CA ARG B 538 31.71 6.94 -4.55
C ARG B 538 30.53 5.97 -4.71
N ASN B 539 30.81 4.91 -5.47
CA ASN B 539 29.89 3.83 -5.68
C ASN B 539 29.94 2.89 -4.48
N LEU B 540 29.20 3.27 -3.43
CA LEU B 540 29.15 2.53 -2.16
C LEU B 540 28.67 1.09 -2.34
N ILE B 541 27.55 0.95 -3.01
CA ILE B 541 26.94 -0.34 -3.29
C ILE B 541 26.35 -0.25 -4.71
N ASP B 542 26.60 -1.27 -5.50
CA ASP B 542 25.97 -1.44 -6.79
C ASP B 542 25.64 -2.92 -6.91
N THR B 543 24.71 -3.20 -7.82
CA THR B 543 24.25 -4.54 -8.13
C THR B 543 25.07 -5.17 -9.29
N THR B 544 25.34 -6.47 -9.13
CA THR B 544 25.97 -7.32 -10.15
C THR B 544 24.99 -8.43 -10.50
N GLU B 545 25.31 -9.25 -11.51
CA GLU B 545 24.47 -10.38 -11.90
C GLU B 545 24.26 -11.39 -10.77
N ASN B 546 25.29 -11.59 -9.96
CA ASN B 546 25.26 -12.56 -8.86
C ASN B 546 24.97 -11.96 -7.49
N GLY B 547 25.19 -10.67 -7.30
CA GLY B 547 24.92 -10.07 -6.00
C GLY B 547 25.12 -8.58 -5.95
N LEU B 548 25.85 -8.15 -4.91
CA LEU B 548 26.22 -6.76 -4.71
C LEU B 548 27.73 -6.65 -4.81
N THR B 549 28.21 -5.43 -5.12
CA THR B 549 29.63 -5.11 -5.10
C THR B 549 29.84 -3.86 -4.26
N TYR B 550 30.96 -3.80 -3.54
CA TYR B 550 31.31 -2.64 -2.71
C TYR B 550 32.49 -1.83 -3.28
N ASP B 551 33.04 -2.25 -4.41
CA ASP B 551 34.18 -1.54 -5.02
C ASP B 551 33.93 -1.43 -6.52
N ALA B 552 32.65 -1.36 -6.90
CA ALA B 552 32.25 -1.29 -8.31
C ALA B 552 32.88 -2.41 -9.18
N ASP B 553 32.91 -3.65 -8.68
CA ASP B 553 33.42 -4.79 -9.46
C ASP B 553 32.30 -5.39 -10.31
N ASN B 554 32.40 -5.35 -11.63
CA ASN B 554 31.41 -5.99 -12.53
C ASN B 554 29.93 -5.45 -12.42
N SER B 555 29.81 -4.18 -12.06
CA SER B 555 28.57 -3.44 -12.06
C SER B 555 28.54 -2.58 -13.32
N GLU B 556 27.40 -1.94 -13.55
CA GLU B 556 27.23 -1.04 -14.70
C GLU B 556 27.96 0.31 -14.56
N ASN B 557 28.40 0.67 -13.35
CA ASN B 557 29.00 1.99 -13.09
C ASN B 557 30.40 1.87 -12.48
N PRO B 558 31.25 2.89 -12.70
CA PRO B 558 32.57 2.86 -12.12
C PRO B 558 32.56 3.21 -10.63
N ALA B 559 33.73 3.15 -10.00
CA ALA B 559 33.91 3.39 -8.56
C ALA B 559 33.65 4.83 -8.17
N ILE B 560 33.93 5.75 -9.10
CA ILE B 560 33.66 7.17 -8.91
C ILE B 560 32.85 7.68 -10.10
N LEU B 561 31.79 8.44 -9.83
CA LEU B 561 31.11 9.27 -10.85
C LEU B 561 31.07 10.69 -10.33
N THR B 562 30.92 11.64 -11.22
CA THR B 562 31.05 13.08 -10.92
C THR B 562 29.82 13.82 -11.38
N THR B 563 29.25 14.67 -10.51
CA THR B 563 28.07 15.44 -10.88
C THR B 563 28.43 16.56 -11.86
N ASP B 564 27.44 17.04 -12.61
CA ASP B 564 27.63 18.17 -13.52
C ASP B 564 27.51 19.50 -12.75
N SER B 565 27.53 20.62 -13.47
CA SER B 565 27.52 21.95 -12.85
C SER B 565 26.21 22.31 -12.12
N ASN B 566 25.15 21.57 -12.37
CA ASN B 566 23.88 21.75 -11.68
C ASN B 566 23.73 20.83 -10.48
N GLY B 567 24.64 19.87 -10.27
CA GLY B 567 24.54 18.86 -9.21
C GLY B 567 23.79 17.58 -9.60
N ILE B 568 23.72 17.29 -10.89
CA ILE B 568 23.04 16.09 -11.39
C ILE B 568 24.07 14.97 -11.54
N LEU B 569 23.73 13.79 -11.01
CA LEU B 569 24.57 12.60 -11.15
C LEU B 569 23.91 11.69 -12.16
N LYS B 570 24.69 11.23 -13.14
CA LYS B 570 24.22 10.44 -14.26
C LYS B 570 24.65 9.01 -14.04
N VAL B 571 23.71 8.06 -14.08
CA VAL B 571 23.97 6.70 -13.63
C VAL B 571 23.32 5.70 -14.56
N THR B 572 23.99 4.57 -14.80
CA THR B 572 23.42 3.46 -15.55
C THR B 572 22.81 2.41 -14.60
N VAL B 573 21.67 1.86 -15.02
CA VAL B 573 20.77 1.13 -14.15
C VAL B 573 20.06 0.04 -14.97
N LYS B 574 19.72 -1.09 -14.35
CA LYS B 574 18.95 -2.15 -15.02
C LYS B 574 18.43 -3.16 -14.01
N GLY B 575 17.55 -4.04 -14.47
CA GLY B 575 16.98 -5.08 -13.68
C GLY B 575 17.95 -6.25 -13.47
N TYR B 576 17.97 -6.78 -12.24
CA TYR B 576 18.75 -7.98 -11.88
C TYR B 576 17.91 -8.93 -11.04
N SER B 577 18.33 -10.20 -11.00
CA SER B 577 17.67 -11.23 -10.24
C SER B 577 18.70 -12.13 -9.59
N ASN B 578 18.99 -11.86 -8.32
CA ASN B 578 19.97 -12.63 -7.55
C ASN B 578 19.54 -12.72 -6.09
N PRO B 579 20.31 -13.44 -5.24
CA PRO B 579 19.83 -13.55 -3.85
C PRO B 579 19.66 -12.21 -3.11
N TYR B 580 20.42 -11.20 -3.54
CA TYR B 580 20.48 -9.92 -2.83
C TYR B 580 19.49 -8.86 -3.36
N VAL B 581 19.18 -8.96 -4.66
CA VAL B 581 18.42 -7.92 -5.39
C VAL B 581 17.50 -8.59 -6.42
N SER B 582 16.22 -8.24 -6.35
CA SER B 582 15.25 -8.52 -7.38
C SER B 582 14.70 -7.17 -7.80
N GLY B 583 15.35 -6.60 -8.81
CA GLY B 583 15.13 -5.21 -9.22
C GLY B 583 16.48 -4.53 -9.37
N TYR B 584 16.73 -3.49 -8.58
CA TYR B 584 18.01 -2.79 -8.58
C TYR B 584 18.27 -2.12 -7.24
N LEU B 585 19.52 -2.14 -6.81
CA LEU B 585 19.99 -1.36 -5.67
C LEU B 585 21.30 -0.66 -6.04
N GLY B 586 21.34 0.66 -5.84
CA GLY B 586 22.54 1.49 -6.02
C GLY B 586 22.59 2.53 -4.92
N VAL B 587 23.76 2.73 -4.33
CA VAL B 587 23.95 3.77 -3.32
C VAL B 587 25.21 4.57 -3.58
N TRP B 588 25.07 5.90 -3.60
CA TRP B 588 26.17 6.82 -3.88
C TRP B 588 26.37 7.77 -2.69
N VAL B 589 27.62 7.93 -2.28
CA VAL B 589 28.00 8.89 -1.24
C VAL B 589 29.15 9.76 -1.73
N PRO B 590 29.32 10.97 -1.19
CA PRO B 590 30.45 11.81 -1.55
C PRO B 590 31.79 11.16 -1.19
N VAL B 591 32.81 11.40 -2.00
CA VAL B 591 34.16 10.96 -1.67
C VAL B 591 34.68 11.88 -0.58
N ILE B 592 35.30 11.27 0.41
CA ILE B 592 35.91 11.98 1.52
C ILE B 592 37.27 11.37 1.81
N SER B 593 38.08 12.08 2.57
CA SER B 593 39.24 11.50 3.28
C SER B 593 39.21 11.93 4.74
N GLY B 594 39.38 11.04 5.70
CA GLY B 594 38.84 9.69 5.69
C GLY B 594 37.53 9.70 6.49
N ASP B 595 37.52 10.42 7.63
CA ASP B 595 36.54 10.21 8.72
C ASP B 595 35.51 11.35 8.86
N GLN B 596 34.24 10.98 9.10
CA GLN B 596 33.14 11.97 9.17
C GLN B 596 31.96 11.45 9.97
N ASP B 597 31.32 12.35 10.72
CA ASP B 597 30.17 12.05 11.57
C ASP B 597 29.20 13.21 11.46
N VAL B 598 28.03 12.97 10.87
CA VAL B 598 27.05 14.03 10.66
C VAL B 598 26.00 14.14 11.77
N THR B 599 26.19 13.46 12.88
CA THR B 599 25.30 13.56 14.04
C THR B 599 24.99 15.00 14.36
N THR B 600 23.71 15.32 14.49
CA THR B 600 23.27 16.63 14.97
C THR B 600 23.01 16.51 16.45
N ASN B 601 23.72 17.30 17.25
CA ASN B 601 23.50 17.31 18.71
C ASN B 601 22.15 17.98 19.04
N ALA B 602 21.49 17.41 20.05
CA ALA B 602 20.19 17.89 20.51
C ALA B 602 20.22 19.31 21.07
N SER B 603 21.38 19.78 21.55
CA SER B 603 21.53 21.16 22.00
C SER B 603 21.32 22.21 20.89
N ASP B 604 21.53 21.82 19.63
CA ASP B 604 21.42 22.72 18.50
C ASP B 604 20.05 22.69 17.77
N VAL B 605 19.08 21.93 18.27
CA VAL B 605 17.75 21.88 17.60
C VAL B 605 16.73 22.72 18.35
N VAL B 606 15.62 23.02 17.68
CA VAL B 606 14.54 23.80 18.29
C VAL B 606 13.90 22.98 19.43
N ALA B 607 13.87 23.56 20.63
CA ALA B 607 13.12 23.00 21.77
C ALA B 607 11.72 23.61 21.76
N ASN B 608 10.74 22.82 22.16
CA ASN B 608 9.34 23.21 22.21
C ASN B 608 8.80 22.75 23.57
N LYS B 609 8.31 23.71 24.37
CA LYS B 609 7.85 23.44 25.73
C LYS B 609 6.74 22.39 25.79
N GLU B 610 5.92 22.29 24.74
CA GLU B 610 4.82 21.29 24.73
C GLU B 610 5.22 19.89 24.25
N LYS B 611 6.45 19.70 23.78
CA LYS B 611 6.89 18.42 23.23
C LYS B 611 8.04 17.76 23.98
N THR B 612 8.05 16.43 23.96
CA THR B 612 9.12 15.65 24.56
C THR B 612 9.97 15.18 23.40
N PHE B 613 9.46 14.20 22.65
CA PHE B 613 10.09 13.87 21.38
C PHE B 613 9.65 14.79 20.24
N GLU B 614 10.65 15.22 19.44
CA GLU B 614 10.42 15.99 18.22
C GLU B 614 11.23 15.35 17.08
N SER B 615 10.62 15.34 15.89
CA SER B 615 11.24 14.71 14.75
C SER B 615 12.09 15.74 14.04
N ASN B 616 13.38 15.71 14.35
CA ASN B 616 14.32 16.67 13.78
C ASN B 616 15.66 15.97 13.60
N ALA B 617 16.66 16.72 13.17
CA ALA B 617 17.97 16.15 12.83
C ALA B 617 18.64 15.46 14.03
N ALA B 618 18.37 15.94 15.23
CA ALA B 618 18.99 15.32 16.42
C ALA B 618 18.36 13.95 16.75
N LEU B 619 17.04 13.83 16.67
CA LEU B 619 16.38 12.55 16.87
C LEU B 619 16.75 11.55 15.76
N ASP B 620 16.70 12.04 14.52
CA ASP B 620 17.12 11.31 13.32
C ASP B 620 18.52 10.70 13.39
N SER B 621 19.42 11.31 14.15
CA SER B 621 20.78 10.78 14.33
C SER B 621 20.80 9.50 15.14
N HIS B 622 19.72 9.16 15.80
CA HIS B 622 19.63 7.92 16.58
C HIS B 622 19.34 6.73 15.68
N MET B 623 19.81 5.57 16.13
CA MET B 623 19.50 4.30 15.51
C MET B 623 19.36 3.27 16.60
N ILE B 624 18.27 2.51 16.52
CA ILE B 624 17.94 1.48 17.50
C ILE B 624 18.41 0.15 16.94
N TYR B 625 18.84 -0.73 17.84
CA TYR B 625 19.20 -2.12 17.52
C TYR B 625 18.40 -3.06 18.42
N GLU B 626 17.61 -3.96 17.82
CA GLU B 626 16.92 -5.00 18.57
C GLU B 626 17.92 -6.15 18.81
N ASP B 627 18.31 -6.37 20.08
CA ASP B 627 19.43 -7.29 20.39
C ASP B 627 19.10 -8.77 20.47
N PHE B 628 17.85 -9.15 20.18
CA PHE B 628 17.46 -10.53 20.41
C PHE B 628 16.53 -11.09 19.36
N SER B 629 16.43 -12.40 19.37
CA SER B 629 15.44 -13.18 18.64
C SER B 629 14.72 -14.13 19.61
N LEU B 630 13.47 -14.47 19.30
CA LEU B 630 12.70 -15.50 19.99
C LEU B 630 13.35 -16.89 19.86
N PHE B 631 14.06 -17.12 18.74
CA PHE B 631 14.68 -18.41 18.45
C PHE B 631 16.16 -18.44 18.83
N GLN B 632 16.60 -17.41 19.55
CA GLN B 632 17.92 -17.35 20.13
C GLN B 632 18.05 -18.57 21.06
N PRO B 633 19.10 -19.38 20.90
CA PRO B 633 19.16 -20.63 21.71
C PRO B 633 19.63 -20.37 23.15
N GLU B 634 19.44 -21.37 24.00
CA GLU B 634 19.98 -21.30 25.37
C GLU B 634 21.52 -21.33 25.26
N PRO B 635 22.21 -20.48 26.05
CA PRO B 635 23.66 -20.55 26.01
C PRO B 635 24.19 -21.88 26.52
N THR B 636 25.34 -22.26 25.98
CA THR B 636 26.07 -23.48 26.42
C THR B 636 27.18 -23.22 27.43
N SER B 637 27.43 -21.96 27.77
CA SER B 637 28.50 -21.60 28.72
C SER B 637 28.36 -20.15 29.16
N VAL B 638 29.15 -19.74 30.15
CA VAL B 638 29.11 -18.37 30.67
C VAL B 638 29.59 -17.42 29.57
N GLU B 639 30.64 -17.80 28.86
CA GLU B 639 31.16 -17.03 27.74
C GLU B 639 30.09 -16.75 26.63
N ASN B 640 29.17 -17.69 26.37
CA ASN B 640 28.08 -17.55 25.37
C ASN B 640 26.79 -16.84 25.84
N HIS B 641 26.74 -16.44 27.11
CA HIS B 641 25.63 -15.62 27.64
C HIS B 641 25.56 -14.37 26.76
N ALA B 642 24.39 -14.05 26.24
CA ALA B 642 24.28 -12.88 25.36
C ALA B 642 24.82 -11.63 26.05
N TYR B 643 24.63 -11.50 27.36
CA TYR B 643 25.13 -10.31 28.05
C TYR B 643 26.66 -10.19 27.97
N ASN B 644 27.38 -11.29 28.13
CA ASN B 644 28.85 -11.25 28.01
C ASN B 644 29.33 -11.04 26.55
N VAL B 645 28.66 -11.67 25.60
CA VAL B 645 29.00 -11.46 24.18
C VAL B 645 28.76 -10.00 23.81
N ILE B 646 27.64 -9.42 24.25
CA ILE B 646 27.33 -8.00 24.00
C ILE B 646 28.39 -7.05 24.59
N ALA B 647 28.70 -7.23 25.88
CA ALA B 647 29.73 -6.43 26.57
C ALA B 647 31.06 -6.44 25.84
N LYS B 648 31.51 -7.62 25.48
CA LYS B 648 32.72 -7.79 24.68
C LYS B 648 32.68 -6.99 23.34
N ASN B 649 31.52 -6.93 22.69
CA ASN B 649 31.38 -6.28 21.38
C ASN B 649 30.89 -4.82 21.42
N ALA B 650 31.05 -4.12 22.54
CA ALA B 650 30.42 -2.81 22.72
C ALA B 650 30.86 -1.80 21.66
N SER B 651 32.17 -1.75 21.42
CA SER B 651 32.73 -0.83 20.40
C SER B 651 32.23 -1.11 18.98
N LEU B 652 31.99 -2.39 18.65
CA LEU B 652 31.43 -2.78 17.37
C LEU B 652 30.07 -2.07 17.12
N PHE B 653 29.20 -2.05 18.13
CA PHE B 653 27.86 -1.44 17.98
C PHE B 653 27.95 0.06 17.77
N SER B 654 28.83 0.68 18.55
CA SER B 654 29.23 2.07 18.33
C SER B 654 29.78 2.29 16.90
N ASP B 655 30.71 1.43 16.45
CA ASP B 655 31.30 1.54 15.08
C ASP B 655 30.23 1.48 13.99
N LEU B 656 29.14 0.73 14.24
CA LEU B 656 28.01 0.61 13.32
C LEU B 656 26.97 1.74 13.42
N GLY B 657 27.19 2.74 14.28
CA GLY B 657 26.28 3.86 14.42
C GLY B 657 25.04 3.62 15.27
N ILE B 658 24.98 2.50 15.99
CA ILE B 658 23.87 2.22 16.90
C ILE B 658 24.04 3.18 18.08
N THR B 659 22.94 3.88 18.43
CA THR B 659 22.92 4.79 19.60
C THR B 659 22.00 4.34 20.75
N ASP B 660 21.13 3.38 20.48
CA ASP B 660 20.10 2.97 21.43
C ASP B 660 19.89 1.49 21.30
N PHE B 661 20.20 0.79 22.37
CA PHE B 661 20.29 -0.65 22.38
C PHE B 661 19.04 -1.15 23.05
N TRP B 662 18.21 -1.87 22.31
CA TRP B 662 16.98 -2.47 22.84
C TRP B 662 17.30 -3.89 23.35
N MET B 663 17.32 -4.04 24.68
CA MET B 663 17.59 -5.31 25.34
C MET B 663 16.31 -6.12 25.51
N ALA B 664 16.46 -7.43 25.42
CA ALA B 664 15.33 -8.35 25.55
C ALA B 664 14.70 -8.19 26.92
N PRO B 665 13.43 -8.57 27.07
CA PRO B 665 12.87 -8.55 28.41
C PRO B 665 13.73 -9.50 29.25
N ALA B 666 14.28 -8.95 30.33
CA ALA B 666 15.35 -9.59 31.06
C ALA B 666 14.84 -10.41 32.24
N TYR B 667 13.52 -10.54 32.39
CA TYR B 667 12.86 -11.08 33.56
C TYR B 667 13.04 -12.61 33.55
N THR B 668 12.87 -13.22 34.73
CA THR B 668 13.03 -14.66 34.92
C THR B 668 11.99 -15.36 34.10
N PRO B 669 12.40 -16.27 33.22
CA PRO B 669 11.40 -16.82 32.31
C PRO B 669 10.70 -18.01 32.92
N PHE B 670 9.42 -18.15 32.62
CA PHE B 670 8.71 -19.39 32.83
C PHE B 670 9.43 -20.47 32.04
N GLY B 671 9.90 -21.48 32.78
CA GLY B 671 10.73 -22.59 32.26
C GLY B 671 10.09 -23.36 31.13
N ARG B 672 8.78 -23.59 31.23
CA ARG B 672 8.01 -24.31 30.18
C ARG B 672 7.43 -23.41 29.06
N SER B 673 7.83 -22.14 29.00
CA SER B 673 7.39 -21.28 27.92
C SER B 673 7.95 -21.75 26.57
N ARG B 674 7.26 -21.38 25.50
CA ARG B 674 7.64 -21.77 24.14
C ARG B 674 9.07 -21.38 23.78
N TYR B 675 9.49 -20.17 24.13
CA TYR B 675 10.76 -19.60 23.66
C TYR B 675 11.77 -19.26 24.76
N ASN B 676 11.35 -19.18 26.03
CA ASN B 676 12.24 -18.78 27.14
C ASN B 676 12.85 -17.37 26.98
N GLU B 677 12.09 -16.53 26.28
CA GLU B 677 12.56 -15.22 25.80
C GLU B 677 12.41 -14.07 26.80
N GLY B 678 11.52 -14.21 27.77
CA GLY B 678 11.34 -13.15 28.78
C GLY B 678 9.99 -12.46 28.84
N TYR B 679 9.18 -12.49 27.78
CA TYR B 679 7.78 -11.99 27.89
C TYR B 679 6.89 -12.92 28.73
N SER B 680 7.20 -14.21 28.70
CA SER B 680 6.56 -15.18 29.58
C SER B 680 7.37 -15.29 30.90
N MET B 681 7.14 -14.38 31.85
CA MET B 681 7.96 -14.29 33.05
C MET B 681 7.14 -14.58 34.32
N THR B 682 7.85 -15.17 35.29
CA THR B 682 7.32 -15.45 36.62
C THR B 682 7.70 -14.38 37.66
N ASP B 683 8.77 -13.62 37.41
CA ASP B 683 9.29 -12.63 38.36
C ASP B 683 9.74 -11.38 37.59
N ARG B 684 9.08 -10.26 37.87
CA ARG B 684 9.36 -8.98 37.24
C ARG B 684 10.61 -8.26 37.71
N TYR B 685 11.13 -8.64 38.87
CA TYR B 685 12.31 -7.96 39.44
C TYR B 685 13.58 -8.81 39.51
N ASN B 686 13.45 -10.13 39.35
CA ASN B 686 14.61 -11.01 39.26
C ASN B 686 15.05 -11.13 37.78
N LEU B 687 16.13 -10.43 37.45
CA LEU B 687 16.69 -10.51 36.11
C LEU B 687 17.84 -11.56 36.03
N GLY B 688 17.78 -12.59 36.87
CA GLY B 688 18.69 -13.71 36.80
C GLY B 688 19.79 -13.57 37.81
N THR B 689 20.31 -14.72 38.25
CA THR B 689 21.45 -14.81 39.15
C THR B 689 22.53 -15.66 38.47
N THR B 690 23.73 -15.62 39.05
CA THR B 690 24.86 -16.46 38.65
C THR B 690 24.52 -17.96 38.62
N ALA B 691 23.87 -18.44 39.68
CA ALA B 691 23.44 -19.83 39.75
C ALA B 691 22.28 -20.12 38.80
N ASN B 692 21.34 -19.18 38.66
CA ASN B 692 20.14 -19.36 37.82
C ASN B 692 19.96 -18.26 36.81
N PRO B 693 20.82 -18.23 35.78
CA PRO B 693 20.72 -17.15 34.79
C PRO B 693 19.50 -17.30 33.93
N THR B 694 18.99 -16.18 33.39
CA THR B 694 17.95 -16.22 32.35
C THR B 694 18.60 -16.77 31.08
N LYS B 695 17.90 -16.75 29.96
CA LYS B 695 18.51 -17.07 28.66
C LYS B 695 19.75 -16.19 28.43
N TYR B 696 19.65 -14.92 28.81
CA TYR B 696 20.60 -13.89 28.40
C TYR B 696 21.80 -13.81 29.35
N GLY B 697 21.58 -14.20 30.61
CA GLY B 697 22.64 -14.19 31.63
C GLY B 697 22.08 -13.88 33.01
N SER B 698 22.95 -13.38 33.88
CA SER B 698 22.59 -12.93 35.21
C SER B 698 22.38 -11.43 35.27
N GLY B 699 21.81 -10.98 36.39
CA GLY B 699 21.63 -9.55 36.62
C GLY B 699 22.95 -8.79 36.72
N GLU B 700 23.96 -9.46 37.30
CA GLU B 700 25.30 -8.86 37.52
C GLU B 700 25.95 -8.61 36.18
N GLU B 701 25.83 -9.58 35.29
CA GLU B 701 26.34 -9.43 33.91
C GLU B 701 25.58 -8.34 33.15
N LEU B 702 24.25 -8.29 33.31
CA LEU B 702 23.42 -7.28 32.64
C LEU B 702 23.90 -5.87 32.99
N ALA B 703 24.07 -5.62 34.29
CA ALA B 703 24.55 -4.33 34.78
C ALA B 703 25.88 -3.98 34.18
N ASN B 704 26.81 -4.95 34.15
CA ASN B 704 28.12 -4.76 33.51
C ASN B 704 28.02 -4.53 32.01
N THR B 705 27.12 -5.25 31.35
CA THR B 705 26.86 -5.06 29.93
C THR B 705 26.34 -3.67 29.64
N ILE B 706 25.36 -3.23 30.44
CA ILE B 706 24.80 -1.88 30.28
C ILE B 706 25.90 -0.82 30.49
N ALA B 707 26.76 -1.00 31.49
CA ALA B 707 27.88 -0.07 31.70
C ALA B 707 28.87 -0.08 30.53
N ALA B 708 29.17 -1.26 30.01
CA ALA B 708 30.04 -1.39 28.82
C ALA B 708 29.45 -0.68 27.59
N LEU B 709 28.18 -0.91 27.32
CA LEU B 709 27.48 -0.19 26.26
C LEU B 709 27.51 1.33 26.48
N HIS B 710 27.33 1.77 27.73
CA HIS B 710 27.39 3.21 28.09
C HIS B 710 28.76 3.79 27.85
N LYS B 711 29.80 3.04 28.22
CA LYS B 711 31.18 3.48 27.96
C LYS B 711 31.47 3.63 26.44
N ALA B 712 30.89 2.77 25.61
CA ALA B 712 31.00 2.92 24.16
C ALA B 712 30.12 4.04 23.56
N GLY B 713 29.35 4.76 24.40
CA GLY B 713 28.61 5.95 23.96
C GLY B 713 27.13 5.68 23.69
N LEU B 714 26.65 4.47 23.97
CA LEU B 714 25.27 4.12 23.68
C LEU B 714 24.38 4.38 24.89
N LYS B 715 23.08 4.51 24.62
CA LYS B 715 22.03 4.39 25.65
C LYS B 715 21.32 3.06 25.48
N VAL B 716 20.70 2.59 26.54
CA VAL B 716 20.18 1.23 26.59
C VAL B 716 18.70 1.21 27.09
N GLN B 717 17.81 0.57 26.33
CA GLN B 717 16.42 0.49 26.74
C GLN B 717 16.03 -0.92 27.12
N GLU B 718 15.14 -1.05 28.09
CA GLU B 718 14.58 -2.33 28.45
C GLU B 718 13.20 -2.51 27.84
N ASP B 719 12.95 -3.76 27.42
CA ASP B 719 11.66 -4.16 26.91
C ASP B 719 10.80 -4.32 28.16
N ILE B 720 9.94 -3.35 28.43
CA ILE B 720 9.06 -3.38 29.61
C ILE B 720 7.68 -3.92 29.24
N VAL B 721 7.17 -4.82 30.07
CA VAL B 721 6.09 -5.73 29.70
C VAL B 721 4.95 -5.62 30.74
N MET B 722 4.11 -4.61 30.59
CA MET B 722 2.99 -4.35 31.50
C MET B 722 1.73 -5.16 31.19
N ASN B 723 1.67 -5.81 30.02
CA ASN B 723 0.45 -6.41 29.57
C ASN B 723 0.06 -7.67 30.31
N GLN B 724 1.03 -8.57 30.47
CA GLN B 724 0.76 -9.89 30.99
C GLN B 724 1.90 -10.47 31.80
N MET B 725 1.57 -11.49 32.59
CA MET B 725 2.55 -12.40 33.14
C MET B 725 2.09 -13.80 32.80
N ILE B 726 3.06 -14.70 32.67
CA ILE B 726 2.79 -16.08 32.29
C ILE B 726 3.70 -17.00 33.11
N GLY B 727 3.09 -17.98 33.77
CA GLY B 727 3.78 -19.04 34.47
C GLY B 727 3.52 -19.11 35.97
N PHE B 728 2.47 -18.47 36.44
CA PHE B 728 2.15 -18.55 37.87
C PHE B 728 2.01 -20.02 38.25
N SER B 729 2.60 -20.39 39.40
CA SER B 729 2.45 -21.74 39.95
C SER B 729 1.26 -21.88 40.96
N GLY B 730 0.67 -20.76 41.38
CA GLY B 730 -0.46 -20.77 42.34
C GLY B 730 -1.85 -20.72 41.69
N GLN B 731 -2.64 -21.78 41.89
CA GLN B 731 -4.02 -21.82 41.37
C GLN B 731 -4.96 -21.02 42.26
N GLU B 732 -5.99 -20.44 41.65
CA GLU B 732 -6.98 -19.64 42.35
C GLU B 732 -8.35 -19.93 41.73
N ALA B 733 -9.38 -20.07 42.58
CA ALA B 733 -10.75 -20.26 42.10
C ALA B 733 -11.23 -18.91 41.66
N VAL B 734 -11.60 -18.82 40.41
CA VAL B 734 -11.88 -17.55 39.82
C VAL B 734 -13.20 -17.75 39.05
N THR B 735 -14.05 -16.74 38.95
CA THR B 735 -15.30 -16.84 38.20
C THR B 735 -15.11 -16.24 36.83
N VAL B 736 -15.37 -17.04 35.78
CA VAL B 736 -14.99 -16.66 34.42
C VAL B 736 -16.06 -16.80 33.35
N THR B 737 -15.79 -16.14 32.20
CA THR B 737 -16.68 -16.16 31.04
C THR B 737 -15.85 -16.25 29.75
N ARG B 738 -16.33 -17.08 28.82
CA ARG B 738 -15.61 -17.32 27.59
C ARG B 738 -15.77 -16.10 26.67
N THR B 739 -14.65 -15.45 26.32
CA THR B 739 -14.65 -14.22 25.52
C THR B 739 -13.63 -14.20 24.39
N ASN B 740 -13.83 -13.23 23.49
CA ASN B 740 -12.83 -12.82 22.50
C ASN B 740 -11.82 -11.89 23.17
N ASN B 741 -10.88 -11.41 22.36
CA ASN B 741 -9.77 -10.59 22.85
C ASN B 741 -10.15 -9.21 23.38
N ARG B 742 -11.40 -8.82 23.24
CA ARG B 742 -11.94 -7.63 23.88
C ARG B 742 -12.84 -7.92 25.09
N GLY B 743 -12.88 -9.17 25.56
CA GLY B 743 -13.69 -9.49 26.73
C GLY B 743 -15.18 -9.49 26.50
N MET B 744 -15.60 -9.65 25.26
CA MET B 744 -16.99 -9.85 24.89
C MET B 744 -17.24 -11.34 24.81
N GLN B 745 -18.32 -11.78 25.44
CA GLN B 745 -18.72 -13.17 25.39
C GLN B 745 -18.94 -13.64 23.96
N ILE B 746 -18.37 -14.81 23.63
CA ILE B 746 -18.61 -15.46 22.34
C ILE B 746 -19.08 -16.90 22.52
N HIS B 747 -19.65 -17.42 21.43
CA HIS B 747 -19.89 -18.84 21.25
C HIS B 747 -18.77 -19.44 20.39
N VAL B 748 -18.53 -20.73 20.54
CA VAL B 748 -17.60 -21.50 19.70
C VAL B 748 -18.34 -22.77 19.25
N ASN B 749 -18.59 -22.89 17.93
CA ASN B 749 -19.45 -23.95 17.36
C ASN B 749 -20.77 -24.06 18.15
N GLY B 750 -21.41 -22.93 18.39
CA GLY B 750 -22.68 -22.89 19.10
C GLY B 750 -22.66 -23.11 20.62
N GLN B 751 -21.49 -23.24 21.25
CA GLN B 751 -21.38 -23.45 22.69
C GLN B 751 -20.61 -22.31 23.37
N THR B 752 -20.88 -22.13 24.66
CA THR B 752 -20.24 -21.07 25.47
C THR B 752 -20.32 -21.39 26.98
N TYR B 753 -19.72 -20.54 27.81
CA TYR B 753 -19.89 -20.61 29.26
C TYR B 753 -19.67 -19.24 29.91
N ALA B 754 -20.40 -19.00 30.99
CA ALA B 754 -20.40 -17.73 31.70
C ALA B 754 -20.53 -17.94 33.21
N ASN B 755 -19.81 -17.10 33.96
CA ASN B 755 -19.87 -17.13 35.41
C ASN B 755 -19.60 -18.54 35.95
N GLN B 756 -18.56 -19.20 35.41
CA GLN B 756 -18.12 -20.52 35.91
C GLN B 756 -16.88 -20.41 36.79
N ILE B 757 -16.86 -21.18 37.87
CA ILE B 757 -15.64 -21.27 38.69
C ILE B 757 -14.60 -22.09 37.89
N TYR B 758 -13.43 -21.50 37.75
CA TYR B 758 -12.34 -22.03 36.93
C TYR B 758 -11.09 -21.93 37.79
N PHE B 759 -10.27 -22.99 37.82
CA PHE B 759 -9.08 -23.01 38.69
C PHE B 759 -7.83 -22.48 37.95
N ALA B 760 -7.89 -21.22 37.52
CA ALA B 760 -6.78 -20.59 36.78
C ALA B 760 -5.49 -20.45 37.63
N TYR B 761 -4.36 -20.66 37.00
CA TYR B 761 -3.08 -20.29 37.58
C TYR B 761 -2.96 -18.77 37.50
N THR B 762 -2.91 -18.11 38.66
CA THR B 762 -2.97 -16.65 38.77
C THR B 762 -2.03 -16.03 39.80
N THR B 763 -1.45 -16.81 40.68
CA THR B 763 -0.87 -16.29 41.91
C THR B 763 0.61 -16.63 41.97
N GLY B 764 1.43 -15.63 42.32
CA GLY B 764 2.88 -15.76 42.24
C GLY B 764 3.53 -14.41 42.04
N GLY B 765 4.74 -14.41 41.48
CA GLY B 765 5.55 -13.20 41.34
C GLY B 765 6.97 -13.35 41.82
N GLY B 766 7.23 -14.42 42.60
CA GLY B 766 8.58 -14.72 43.07
C GLY B 766 9.05 -13.80 44.18
N ASN B 767 10.23 -14.09 44.71
CA ASN B 767 10.86 -13.28 45.77
C ASN B 767 11.19 -11.88 45.34
N GLY B 768 11.38 -11.68 44.04
CA GLY B 768 11.53 -10.35 43.46
C GLY B 768 10.34 -9.44 43.72
N GLN B 769 9.15 -9.92 43.42
CA GLN B 769 7.92 -9.18 43.72
C GLN B 769 7.77 -8.99 45.24
N GLU B 770 8.10 -10.02 46.03
CA GLU B 770 8.01 -9.90 47.50
C GLU B 770 8.92 -8.81 48.02
N THR B 771 10.17 -8.78 47.55
CA THR B 771 11.20 -7.85 48.04
C THR B 771 11.05 -6.43 47.47
N TYR B 772 10.84 -6.34 46.16
CA TYR B 772 10.92 -5.06 45.46
C TYR B 772 9.56 -4.42 45.12
N GLY B 773 8.49 -5.21 45.18
CA GLY B 773 7.15 -4.74 44.82
C GLY B 773 6.74 -3.57 45.69
N GLY B 774 6.52 -2.41 45.09
CA GLY B 774 6.15 -1.23 45.86
C GLY B 774 7.17 -0.65 46.84
N LYS B 775 8.41 -1.13 46.79
CA LYS B 775 9.48 -0.70 47.73
C LYS B 775 9.85 0.78 47.60
N TYR B 776 9.82 1.30 46.39
CA TYR B 776 10.26 2.66 46.09
C TYR B 776 9.12 3.69 46.11
N LEU B 777 7.89 3.24 46.40
CA LEU B 777 6.70 4.13 46.37
C LEU B 777 6.73 5.31 47.36
N ALA B 778 7.21 5.04 48.57
CA ALA B 778 7.30 6.10 49.58
C ALA B 778 8.25 7.21 49.13
N GLU B 779 9.38 6.81 48.56
CA GLU B 779 10.33 7.79 48.02
C GLU B 779 9.85 8.51 46.77
N LEU B 780 9.22 7.78 45.87
CA LEU B 780 8.57 8.39 44.71
C LEU B 780 7.54 9.44 45.09
N GLN B 781 6.73 9.14 46.11
CA GLN B 781 5.76 10.08 46.64
C GLN B 781 6.40 11.27 47.39
N LYS B 782 7.48 11.01 48.11
CA LYS B 782 8.26 12.08 48.75
C LYS B 782 8.86 13.06 47.74
N ASN B 783 9.47 12.54 46.68
CA ASN B 783 10.17 13.38 45.68
C ASN B 783 9.24 13.93 44.59
N TYR B 784 8.26 13.14 44.16
CA TYR B 784 7.39 13.50 43.02
C TYR B 784 5.91 13.32 43.41
N PRO B 785 5.42 14.13 44.36
CA PRO B 785 4.04 13.90 44.87
C PRO B 785 2.96 13.92 43.76
N ASP B 786 3.23 14.64 42.67
CA ASP B 786 2.33 14.74 41.52
C ASP B 786 1.97 13.40 40.88
N LEU B 787 2.84 12.41 41.00
CA LEU B 787 2.55 11.07 40.47
C LEU B 787 1.29 10.45 41.06
N PHE B 788 1.02 10.78 42.32
CA PHE B 788 -0.06 10.16 43.09
C PHE B 788 -1.19 11.13 43.41
N THR B 789 -1.15 12.33 42.83
CA THR B 789 -2.28 13.27 42.81
C THR B 789 -2.83 13.57 41.40
N THR B 790 -2.13 13.17 40.34
CA THR B 790 -2.62 13.35 38.97
C THR B 790 -3.67 12.29 38.67
N LYS B 791 -4.88 12.76 38.39
CA LYS B 791 -6.00 11.87 38.10
C LYS B 791 -5.86 11.27 36.70
N ALA B 792 -5.79 9.95 36.61
CA ALA B 792 -5.71 9.26 35.31
C ALA B 792 -6.98 9.49 34.50
N ILE B 793 -6.83 9.40 33.17
CA ILE B 793 -7.93 9.66 32.25
C ILE B 793 -8.99 8.57 32.37
N SER B 794 -8.58 7.31 32.27
CA SER B 794 -9.52 6.18 32.18
C SER B 794 -10.37 5.98 33.45
N THR B 795 -9.77 6.23 34.60
CA THR B 795 -10.39 5.95 35.90
C THR B 795 -10.93 7.18 36.62
N GLY B 796 -10.36 8.35 36.37
CA GLY B 796 -10.73 9.53 37.13
C GLY B 796 -9.99 9.65 38.47
N VAL B 797 -9.03 8.76 38.75
CA VAL B 797 -8.32 8.76 40.04
C VAL B 797 -6.81 8.57 39.84
N ALA B 798 -6.06 9.14 40.77
CA ALA B 798 -4.62 9.01 40.80
C ALA B 798 -4.20 7.58 41.08
N PRO B 799 -3.00 7.18 40.62
CA PRO B 799 -2.38 5.91 41.05
C PRO B 799 -2.26 5.86 42.58
N ASP B 800 -2.38 4.68 43.16
CA ASP B 800 -2.51 4.49 44.62
C ASP B 800 -1.28 3.78 45.22
N PRO B 801 -0.36 4.55 45.86
CA PRO B 801 0.84 3.98 46.46
C PRO B 801 0.66 3.44 47.90
N THR B 802 -0.52 3.51 48.47
CA THR B 802 -0.73 3.02 49.84
C THR B 802 -0.84 1.50 49.93
N VAL B 803 -0.92 0.81 48.79
CA VAL B 803 -0.92 -0.65 48.76
C VAL B 803 0.31 -1.11 47.98
N ARG B 804 1.08 -2.03 48.54
CA ARG B 804 2.22 -2.62 47.85
C ARG B 804 1.79 -3.95 47.28
N ILE B 805 2.08 -4.21 46.00
CA ILE B 805 1.85 -5.53 45.42
C ILE B 805 3.08 -6.39 45.67
N ASN B 806 3.00 -7.23 46.70
CA ASN B 806 4.07 -8.18 47.01
C ASN B 806 3.85 -9.52 46.30
N LYS B 807 2.62 -9.78 45.86
CA LYS B 807 2.26 -11.03 45.18
C LYS B 807 1.11 -10.77 44.22
N TRP B 808 1.20 -11.31 43.01
CA TRP B 808 0.15 -11.14 42.02
C TRP B 808 -0.94 -12.16 42.30
N SER B 809 -2.18 -11.76 42.06
CA SER B 809 -3.32 -12.65 42.10
C SER B 809 -4.44 -12.08 41.19
N ALA B 810 -5.55 -12.81 41.12
CA ALA B 810 -6.60 -12.56 40.13
C ALA B 810 -7.21 -11.18 40.23
N LYS B 811 -7.31 -10.66 41.45
CA LYS B 811 -7.87 -9.32 41.65
C LYS B 811 -7.14 -8.21 40.89
N TYR B 812 -5.92 -8.47 40.45
CA TYR B 812 -5.14 -7.51 39.69
C TYR B 812 -5.08 -7.88 38.19
N GLN B 813 -5.97 -8.77 37.76
CA GLN B 813 -5.92 -9.38 36.43
C GLN B 813 -7.29 -9.26 35.75
N ASN B 814 -7.28 -8.91 34.47
CA ASN B 814 -8.50 -8.85 33.67
C ASN B 814 -8.99 -10.24 33.27
N GLY B 815 -8.08 -11.20 33.20
CA GLY B 815 -8.42 -12.52 32.69
C GLY B 815 -7.17 -13.27 32.25
N THR B 816 -7.39 -14.37 31.54
CA THR B 816 -6.30 -15.17 31.05
C THR B 816 -6.70 -15.78 29.74
N SER B 817 -5.70 -16.03 28.89
CA SER B 817 -5.91 -16.91 27.75
C SER B 817 -6.13 -18.33 28.30
N LEU B 818 -6.82 -19.15 27.52
CA LEU B 818 -7.23 -20.50 27.94
C LEU B 818 -6.04 -21.29 28.46
N GLN B 819 -6.14 -21.79 29.69
CA GLN B 819 -4.98 -22.43 30.34
C GLN B 819 -4.82 -23.92 30.09
N ASN B 820 -5.68 -24.51 29.27
CA ASN B 820 -5.62 -25.95 28.91
C ASN B 820 -5.78 -26.89 30.09
N ILE B 821 -6.64 -26.51 31.02
CA ILE B 821 -6.91 -27.34 32.23
C ILE B 821 -8.31 -27.94 32.28
N GLY B 822 -9.30 -27.25 31.73
CA GLY B 822 -10.67 -27.75 31.69
C GLY B 822 -11.58 -26.87 32.52
N ILE B 823 -12.82 -26.74 32.06
CA ILE B 823 -13.80 -25.85 32.72
C ILE B 823 -14.59 -26.60 33.79
N GLY B 824 -14.53 -27.94 33.82
CA GLY B 824 -15.33 -28.74 34.74
C GLY B 824 -14.57 -29.37 35.91
N LEU B 825 -13.32 -28.96 36.16
CA LEU B 825 -12.58 -29.44 37.32
C LEU B 825 -13.30 -29.22 38.70
N ALA B 826 -14.03 -28.11 38.81
CA ALA B 826 -14.67 -27.70 40.04
C ALA B 826 -15.83 -28.62 40.43
N VAL B 827 -15.65 -29.28 41.58
CA VAL B 827 -16.61 -30.29 42.06
C VAL B 827 -17.97 -29.66 42.37
N LYS B 828 -19.01 -30.21 41.73
CA LYS B 828 -20.41 -29.89 42.04
C LYS B 828 -21.11 -31.12 42.60
N LEU B 829 -22.01 -30.91 43.55
CA LEU B 829 -22.89 -31.98 44.05
C LEU B 829 -23.97 -32.27 43.00
N ALA B 830 -24.75 -33.32 43.24
CA ALA B 830 -25.81 -33.73 42.33
C ALA B 830 -26.72 -32.56 41.94
N ASN B 831 -27.17 -31.79 42.95
CA ASN B 831 -28.04 -30.63 42.78
C ASN B 831 -27.42 -29.36 42.17
N GLY B 832 -26.16 -29.40 41.74
CA GLY B 832 -25.50 -28.22 41.17
C GLY B 832 -24.77 -27.33 42.17
N ASP B 833 -24.95 -27.55 43.48
CA ASP B 833 -24.20 -26.77 44.46
C ASP B 833 -22.71 -27.07 44.33
N TYR B 834 -21.88 -26.04 44.34
CA TYR B 834 -20.46 -26.23 44.47
C TYR B 834 -20.12 -26.84 45.84
N ALA B 835 -19.26 -27.84 45.81
CA ALA B 835 -18.67 -28.35 47.04
C ALA B 835 -17.85 -27.22 47.64
N TYR B 836 -17.77 -27.19 48.96
CA TYR B 836 -17.00 -26.17 49.65
C TYR B 836 -16.43 -26.71 50.97
N LEU B 837 -15.18 -26.36 51.25
CA LEU B 837 -14.54 -26.65 52.51
C LEU B 837 -14.43 -25.36 53.32
N ASN B 838 -15.22 -25.25 54.39
CA ASN B 838 -15.07 -24.13 55.32
C ASN B 838 -13.91 -24.44 56.26
N SER B 839 -12.84 -23.66 56.17
CA SER B 839 -11.63 -23.92 56.91
C SER B 839 -10.63 -22.80 56.62
N GLY B 840 -9.93 -22.33 57.66
CA GLY B 840 -8.98 -21.22 57.51
C GLY B 840 -9.68 -19.92 57.20
N ASP B 841 -9.26 -19.28 56.12
CA ASP B 841 -9.83 -18.01 55.65
C ASP B 841 -10.93 -18.19 54.58
N ASN B 842 -11.34 -19.44 54.31
CA ASN B 842 -12.39 -19.74 53.34
C ASN B 842 -13.74 -19.94 54.06
N LYS B 843 -14.53 -18.87 54.14
CA LYS B 843 -15.76 -18.80 54.91
C LYS B 843 -17.04 -18.47 54.10
N ALA B 844 -16.98 -18.65 52.79
CA ALA B 844 -18.05 -18.24 51.89
C ALA B 844 -19.35 -19.04 52.06
N PHE B 845 -19.22 -20.31 52.39
CA PHE B 845 -20.33 -21.21 52.65
C PHE B 845 -19.94 -22.11 53.81
N ASN B 846 -20.95 -22.78 54.37
CA ASN B 846 -20.67 -23.90 55.26
C ASN B 846 -20.12 -25.05 54.47
N THR B 847 -19.38 -25.89 55.16
CA THR B 847 -18.75 -27.05 54.57
C THR B 847 -19.84 -27.91 53.91
N LEU B 848 -19.67 -28.22 52.64
CA LEU B 848 -20.59 -29.06 51.91
C LEU B 848 -19.75 -29.92 50.98
N LEU B 849 -19.71 -31.22 51.28
CA LEU B 849 -18.85 -32.15 50.58
C LEU B 849 -19.72 -33.23 49.96
N PRO B 850 -19.29 -33.83 48.84
CA PRO B 850 -19.97 -35.00 48.29
C PRO B 850 -20.19 -36.13 49.32
N THR B 851 -21.29 -36.85 49.17
CA THR B 851 -21.68 -37.83 50.18
C THR B 851 -20.71 -39.02 50.26
N ALA B 852 -20.03 -39.33 49.16
CA ALA B 852 -19.02 -40.41 49.11
C ALA B 852 -17.85 -40.27 50.12
N ILE B 853 -17.52 -39.04 50.48
CA ILE B 853 -16.44 -38.72 51.42
C ILE B 853 -17.00 -37.93 52.59
N SER B 854 -18.24 -38.32 52.92
CA SER B 854 -19.35 -37.52 53.52
C SER B 854 -19.06 -36.11 53.99
#